data_8R87
#
_entry.id   8R87
#
_cell.length_a   1.00
_cell.length_b   1.00
_cell.length_c   1.00
_cell.angle_alpha   90.00
_cell.angle_beta   90.00
_cell.angle_gamma   90.00
#
_symmetry.space_group_name_H-M   'P 1'
#
_entity_poly.entity_id   1
_entity_poly.type   'polypeptide(L)'
_entity_poly.pdbx_seq_one_letter_code
;MFVFLVLLPLVSSQCVNLTTRTQLPPAYTNSFTRGVYYPDKVFRSSVLHSTQDLFLPFFSNVTWFHAIHVSGTNGTKRFD
NPVLPFNDGVYFASTEKSNIIRGWIFGTTLDSKTQSLLIVNNATNVVIKVCEFQFCNDPFLGVYYHKNNKSWMESEFRVY
SSANNCTFEYVSQPFLMDLEGKQGNFKNLREFVFKNIDGYFKIYSKHTPINLVRDLPQGFSALEPLVDLPIGINITRFQT
LLALHRSYLTPGDSSSGWTAGAAAYYVGYLQPRTFLLKYNENGTITDAVDCALDPLSETKCTLKSFTVEKGIYQTSNFRV
QPTESIVRFPNGSGSGSSTNLVKNKCVNFNFNGLTGTGVLTESNKKFLPFQQFGRDIADTTDAVRDPQTLEILDITPCSF
GGVSVITPGTNTSNQVAVLYQDVNCTEVPVAIHADQLTPTWRVYSTGSNVFQTRAGCLIGAEHVNNSYECDIPIGAGICA
SYQTQTNSPGSASSVASQSIIAYTMSLGAENSVAYSNNSIAIPTNFTISVTTEILPVSMTKTSVDCTMYICGDSTECSNL
LLQYGSFCTQLNRALTGIAVEQDKNTQEVFAQVKQIYKTPPIKDFGGFNFSQILPDPSKPSKRSPIEDLLFNKVTLADAG
FIKQYGDCLGDIAARDLICAQKFNGLTVLPPLLTDEMIAQYTSALLAGTITSGWTFGAGPALQIPFPMQMAYRFNGIGVT
QNVLYENQKLIANQFNSAIGKIQDSLSSTPSALGKLQDVVNQNAQALNTLVKQLSSNFGAISSVLNDILSRLDPPEAEVQ
IDRLITGRLQSLQTYVTQQLIRAAEIRASANLAATKMSECVLGQSKRVDFCGKGYHLMSFPQSAPHGVVFLHVTYVPAQE
KNFTTAPAICHDGKAHFPREGVFVSNGTHWFVTQRNFYEPQIITTDNTFVSGNCDVVIGIVNNTVYDPLQPELDSFKEEL
DKYFKNHTSPDVDLGDISGINASVVNIQKEIDRLNEVAKNLNESLIDLQELGKYEQGSGYIPEAPRDGQAYVRKDGEWVL
LSTFLGRSGSGHHHHHHHH
;
_entity_poly.pdbx_strand_id   A,B,C
#
# COMPACT_ATOMS: atom_id res chain seq x y z
N ALA A 27 -43.92 -38.14 27.72
CA ALA A 27 -44.13 -36.69 27.57
C ALA A 27 -42.81 -36.00 27.29
N TYR A 28 -42.89 -34.71 26.95
CA TYR A 28 -41.71 -33.89 26.70
C TYR A 28 -42.01 -32.47 27.12
N THR A 29 -40.94 -31.69 27.33
CA THR A 29 -41.09 -30.28 27.66
C THR A 29 -39.91 -29.50 27.12
N ASN A 30 -40.01 -28.17 27.23
CA ASN A 30 -39.03 -27.26 26.66
C ASN A 30 -37.88 -27.06 27.63
N SER A 31 -36.65 -27.20 27.14
CA SER A 31 -35.47 -27.01 27.99
C SER A 31 -35.21 -25.55 28.31
N PHE A 32 -35.65 -24.63 27.45
CA PHE A 32 -35.38 -23.20 27.61
C PHE A 32 -33.88 -22.99 27.61
N THR A 33 -33.28 -22.39 28.63
CA THR A 33 -31.84 -22.14 28.67
C THR A 33 -31.15 -22.94 29.78
N ARG A 34 -31.76 -24.02 30.24
CA ARG A 34 -31.17 -24.83 31.29
C ARG A 34 -30.11 -25.76 30.71
N GLY A 35 -29.24 -26.24 31.59
CA GLY A 35 -28.20 -27.17 31.18
C GLY A 35 -26.90 -26.48 30.81
N VAL A 36 -26.54 -25.45 31.57
CA VAL A 36 -25.31 -24.71 31.35
C VAL A 36 -24.43 -24.89 32.58
N TYR A 37 -23.15 -25.17 32.35
CA TYR A 37 -22.23 -25.47 33.43
C TYR A 37 -20.88 -24.86 33.10
N TYR A 38 -20.08 -24.64 34.14
CA TYR A 38 -18.74 -24.10 33.95
C TYR A 38 -17.87 -25.17 33.31
N PRO A 39 -17.38 -24.96 32.08
CA PRO A 39 -16.62 -26.03 31.41
C PRO A 39 -15.24 -26.27 32.02
N ASP A 40 -14.77 -25.40 32.90
CA ASP A 40 -13.45 -25.53 33.49
C ASP A 40 -13.45 -24.84 34.84
N LYS A 41 -12.26 -24.64 35.41
CA LYS A 41 -12.09 -24.00 36.71
C LYS A 41 -11.31 -22.70 36.55
N VAL A 42 -11.47 -22.06 35.39
CA VAL A 42 -10.73 -20.85 35.03
C VAL A 42 -11.59 -19.65 35.40
N PHE A 43 -10.99 -18.68 36.08
CA PHE A 43 -11.68 -17.45 36.41
C PHE A 43 -11.59 -16.47 35.24
N ARG A 44 -12.69 -15.78 34.98
CA ARG A 44 -12.74 -14.72 33.98
C ARG A 44 -13.61 -13.60 34.51
N SER A 45 -13.40 -12.39 33.99
CA SER A 45 -14.05 -11.20 34.51
C SER A 45 -14.59 -10.36 33.37
N SER A 46 -15.90 -10.16 33.35
CA SER A 46 -16.56 -9.24 32.42
C SER A 46 -16.05 -9.44 30.99
N VAL A 47 -16.30 -10.66 30.48
CA VAL A 47 -15.76 -11.04 29.18
C VAL A 47 -16.67 -12.08 28.55
N LEU A 48 -16.73 -12.07 27.22
CA LEU A 48 -17.44 -13.10 26.47
C LEU A 48 -16.43 -14.10 25.94
N HIS A 49 -16.69 -15.39 26.18
CA HIS A 49 -15.76 -16.46 25.83
C HIS A 49 -16.49 -17.49 25.00
N SER A 50 -15.89 -17.87 23.87
CA SER A 50 -16.45 -18.93 23.04
C SER A 50 -15.83 -20.27 23.43
N THR A 51 -16.69 -21.26 23.64
CA THR A 51 -16.25 -22.58 24.06
C THR A 51 -16.97 -23.64 23.22
N GLN A 52 -16.31 -24.78 23.06
CA GLN A 52 -16.86 -25.92 22.31
C GLN A 52 -16.89 -27.10 23.27
N ASP A 53 -18.08 -27.54 23.65
CA ASP A 53 -18.20 -28.59 24.65
C ASP A 53 -19.59 -29.21 24.56
N LEU A 54 -19.83 -30.20 25.41
CA LEU A 54 -21.12 -30.88 25.48
C LEU A 54 -22.07 -30.04 26.32
N PHE A 55 -23.15 -29.57 25.69
CA PHE A 55 -24.15 -28.76 26.38
C PHE A 55 -25.54 -29.26 26.02
N LEU A 56 -26.51 -28.87 26.84
CA LEU A 56 -27.91 -29.14 26.54
C LEU A 56 -28.41 -28.11 25.54
N PRO A 57 -28.80 -28.49 24.33
CA PRO A 57 -29.24 -27.49 23.36
C PRO A 57 -30.38 -26.66 23.91
N PHE A 58 -30.31 -25.35 23.65
CA PHE A 58 -31.35 -24.46 24.14
C PHE A 58 -32.68 -24.78 23.45
N PHE A 59 -33.76 -24.70 24.22
CA PHE A 59 -35.11 -24.93 23.70
C PHE A 59 -35.24 -26.30 23.06
N SER A 60 -34.62 -27.31 23.67
CA SER A 60 -34.74 -28.68 23.18
C SER A 60 -35.83 -29.42 23.95
N ASN A 61 -36.24 -30.56 23.41
CA ASN A 61 -37.27 -31.38 24.01
C ASN A 61 -36.62 -32.33 25.01
N VAL A 62 -36.92 -32.13 26.29
CA VAL A 62 -36.41 -32.97 27.36
C VAL A 62 -37.55 -33.85 27.85
N THR A 63 -37.26 -35.14 28.00
CA THR A 63 -38.24 -36.10 28.46
C THR A 63 -38.71 -35.73 29.86
N TRP A 64 -40.02 -35.80 30.08
CA TRP A 64 -40.64 -35.44 31.35
C TRP A 64 -41.34 -36.67 31.90
N PHE A 65 -41.04 -37.01 33.15
CA PHE A 65 -41.63 -38.19 33.78
C PHE A 65 -42.56 -37.78 34.92
N ASN A 81 -38.67 -46.86 37.93
CA ASN A 81 -38.31 -45.97 36.84
C ASN A 81 -37.53 -46.71 35.77
N PRO A 82 -37.83 -46.45 34.49
CA PRO A 82 -37.18 -47.22 33.42
C PRO A 82 -35.71 -46.90 33.29
N VAL A 83 -34.96 -47.88 32.80
CA VAL A 83 -33.54 -47.71 32.54
C VAL A 83 -33.38 -46.85 31.28
N LEU A 84 -32.63 -45.76 31.41
CA LEU A 84 -32.48 -44.80 30.33
C LEU A 84 -31.06 -44.81 29.79
N PRO A 85 -30.87 -44.61 28.48
CA PRO A 85 -29.52 -44.56 27.92
C PRO A 85 -28.76 -43.35 28.43
N PHE A 86 -27.44 -43.47 28.45
CA PHE A 86 -26.58 -42.40 28.94
C PHE A 86 -26.03 -41.54 27.80
N ASN A 87 -25.76 -42.15 26.65
CA ASN A 87 -25.19 -41.44 25.49
C ASN A 87 -23.90 -40.75 25.95
N ASP A 88 -23.59 -39.56 25.46
CA ASP A 88 -22.36 -38.86 25.78
C ASP A 88 -22.52 -37.95 26.99
N GLY A 89 -23.69 -37.91 27.61
CA GLY A 89 -23.90 -37.07 28.76
C GLY A 89 -25.38 -36.98 29.11
N VAL A 90 -25.68 -36.58 30.35
CA VAL A 90 -27.05 -36.51 30.84
C VAL A 90 -27.23 -35.23 31.63
N TYR A 91 -28.29 -34.49 31.33
CA TYR A 91 -28.77 -33.42 32.17
C TYR A 91 -30.01 -33.91 32.92
N PHE A 92 -29.97 -33.82 34.23
CA PHE A 92 -31.06 -34.31 35.08
C PHE A 92 -31.60 -33.12 35.88
N ALA A 93 -32.90 -33.09 36.08
CA ALA A 93 -33.51 -32.04 36.89
C ALA A 93 -34.66 -32.64 37.68
N SER A 94 -34.91 -32.08 38.85
CA SER A 94 -35.95 -32.61 39.72
C SER A 94 -36.51 -31.52 40.62
N THR A 95 -37.83 -31.49 40.74
CA THR A 95 -38.50 -30.65 41.73
C THR A 95 -38.81 -31.50 42.95
N GLU A 96 -38.41 -31.02 44.12
CA GLU A 96 -38.50 -31.78 45.35
C GLU A 96 -39.21 -30.97 46.43
N LYS A 97 -40.08 -31.66 47.18
CA LYS A 97 -40.68 -31.12 48.38
C LYS A 97 -40.35 -31.91 49.63
N SER A 98 -39.97 -33.19 49.50
CA SER A 98 -39.55 -33.99 50.63
C SER A 98 -38.32 -34.83 50.32
N ASN A 99 -37.56 -34.49 49.28
CA ASN A 99 -36.36 -35.23 48.89
C ASN A 99 -36.70 -36.68 48.55
N ILE A 100 -37.55 -36.84 47.52
CA ILE A 100 -37.98 -38.16 47.10
C ILE A 100 -36.88 -38.84 46.29
N ILE A 101 -36.45 -38.21 45.20
CA ILE A 101 -35.41 -38.77 44.34
C ILE A 101 -34.07 -38.51 45.02
N ARG A 102 -33.35 -39.59 45.33
CA ARG A 102 -32.07 -39.49 46.02
C ARG A 102 -30.96 -40.35 45.42
N GLY A 103 -31.27 -41.38 44.65
CA GLY A 103 -30.27 -42.32 44.18
C GLY A 103 -30.13 -42.31 42.67
N TRP A 104 -28.92 -42.62 42.20
CA TRP A 104 -28.63 -42.76 40.78
C TRP A 104 -27.73 -43.99 40.57
N ILE A 105 -28.00 -44.74 39.52
CA ILE A 105 -27.18 -45.88 39.12
C ILE A 105 -26.71 -45.65 37.70
N PHE A 106 -25.43 -45.88 37.45
CA PHE A 106 -24.84 -45.79 36.12
C PHE A 106 -24.10 -47.08 35.81
N GLY A 107 -24.17 -47.51 34.56
CA GLY A 107 -23.41 -48.69 34.15
C GLY A 107 -23.90 -49.20 32.80
N THR A 108 -23.30 -50.30 32.37
CA THR A 108 -23.65 -50.94 31.10
C THR A 108 -24.53 -52.16 31.30
N THR A 109 -24.10 -53.12 32.11
CA THR A 109 -24.87 -54.34 32.38
C THR A 109 -25.83 -54.17 33.55
N LEU A 110 -25.39 -53.53 34.63
CA LEU A 110 -26.23 -53.34 35.82
C LEU A 110 -26.75 -54.67 36.35
N ASP A 111 -25.87 -55.68 36.41
CA ASP A 111 -26.22 -56.96 37.00
C ASP A 111 -25.06 -57.52 37.81
N SER A 112 -24.18 -56.64 38.31
CA SER A 112 -23.05 -57.04 39.14
C SER A 112 -21.93 -57.66 38.32
N LYS A 113 -22.13 -57.82 37.01
CA LYS A 113 -21.08 -58.37 36.16
C LYS A 113 -19.98 -57.35 35.88
N THR A 114 -20.34 -56.07 35.86
CA THR A 114 -19.38 -54.99 35.59
C THR A 114 -19.55 -53.91 36.66
N GLN A 115 -18.61 -52.98 36.67
CA GLN A 115 -18.66 -51.89 37.64
C GLN A 115 -19.94 -51.09 37.50
N SER A 116 -20.55 -50.80 38.65
CA SER A 116 -21.80 -50.03 38.70
C SER A 116 -21.59 -48.85 39.63
N LEU A 117 -21.85 -47.65 39.12
CA LEU A 117 -21.67 -46.44 39.90
C LEU A 117 -22.97 -46.08 40.60
N LEU A 118 -22.98 -46.17 41.93
CA LEU A 118 -24.15 -45.87 42.74
C LEU A 118 -23.90 -44.60 43.54
N ILE A 119 -24.77 -43.62 43.37
CA ILE A 119 -24.69 -42.35 44.10
C ILE A 119 -25.97 -42.20 44.91
N VAL A 120 -25.81 -42.03 46.22
CA VAL A 120 -26.96 -41.88 47.12
C VAL A 120 -26.75 -40.64 47.96
N ASN A 121 -27.69 -39.70 47.89
CA ASN A 121 -27.59 -38.47 48.66
C ASN A 121 -27.90 -38.73 50.13
N ASN A 125 -25.38 -36.39 53.48
CA ASN A 125 -24.38 -37.45 53.48
C ASN A 125 -24.36 -38.16 52.13
N VAL A 126 -23.57 -37.62 51.19
CA VAL A 126 -23.48 -38.19 49.86
C VAL A 126 -22.51 -39.36 49.89
N VAL A 127 -22.98 -40.53 49.46
CA VAL A 127 -22.17 -41.74 49.39
C VAL A 127 -22.08 -42.16 47.92
N ILE A 128 -20.86 -42.31 47.43
CA ILE A 128 -20.59 -42.71 46.06
C ILE A 128 -19.80 -44.01 46.11
N LYS A 129 -20.31 -45.04 45.42
CA LYS A 129 -19.68 -46.35 45.40
C LYS A 129 -19.58 -46.84 43.95
N VAL A 130 -18.60 -47.71 43.72
CA VAL A 130 -18.43 -48.37 42.43
C VAL A 130 -18.46 -49.88 42.56
N CYS A 131 -19.04 -50.39 43.65
CA CYS A 131 -19.09 -51.83 43.85
C CYS A 131 -20.02 -52.48 42.83
N GLU A 132 -19.67 -53.71 42.45
CA GLU A 132 -20.49 -54.49 41.52
C GLU A 132 -21.68 -55.08 42.27
N PHE A 133 -22.51 -54.18 42.80
CA PHE A 133 -23.67 -54.59 43.58
C PHE A 133 -24.65 -55.36 42.71
N GLN A 134 -25.31 -56.35 43.30
CA GLN A 134 -26.33 -57.12 42.60
C GLN A 134 -27.70 -56.52 42.90
N PHE A 135 -28.47 -56.26 41.84
CA PHE A 135 -29.73 -55.54 41.96
C PHE A 135 -30.92 -56.49 41.87
N PRO A 139 -35.46 -52.03 43.34
CA PRO A 139 -34.42 -51.10 43.79
C PRO A 139 -34.98 -49.75 44.23
N PHE A 140 -35.38 -49.65 45.49
CA PHE A 140 -35.93 -48.42 46.03
C PHE A 140 -35.88 -48.49 47.55
N LEU A 141 -36.09 -47.34 48.18
CA LEU A 141 -36.15 -47.26 49.64
C LEU A 141 -37.23 -46.28 50.07
N ASN A 165 -16.11 -56.50 44.63
CA ASN A 165 -15.04 -55.95 43.80
C ASN A 165 -15.11 -54.43 43.78
N CYS A 166 -15.05 -53.82 44.96
CA CYS A 166 -15.16 -52.37 45.09
C CYS A 166 -13.82 -51.72 44.77
N THR A 167 -13.83 -50.79 43.82
CA THR A 167 -12.63 -50.06 43.42
C THR A 167 -12.69 -48.60 43.82
N PHE A 168 -13.69 -48.18 44.60
CA PHE A 168 -13.77 -46.81 45.07
C PHE A 168 -14.91 -46.67 46.08
N GLU A 169 -14.78 -45.73 47.02
CA GLU A 169 -15.88 -45.43 47.95
C GLU A 169 -15.60 -44.07 48.57
N TYR A 170 -16.53 -43.13 48.36
CA TYR A 170 -16.43 -41.79 48.92
C TYR A 170 -17.67 -41.54 49.78
N VAL A 171 -17.46 -40.90 50.93
CA VAL A 171 -18.54 -40.56 51.85
C VAL A 171 -18.42 -39.08 52.17
N SER A 172 -19.54 -38.36 52.09
CA SER A 172 -19.55 -36.93 52.40
C SER A 172 -20.28 -36.68 53.71
N ASN A 188 -38.26 -27.12 45.62
CA ASN A 188 -36.93 -26.68 45.20
C ASN A 188 -36.46 -27.47 44.00
N LEU A 189 -35.78 -26.81 43.06
CA LEU A 189 -35.32 -27.42 41.83
C LEU A 189 -33.84 -27.75 41.99
N ARG A 190 -33.50 -29.03 41.81
CA ARG A 190 -32.13 -29.49 41.78
C ARG A 190 -31.78 -29.87 40.34
N GLU A 191 -30.73 -29.26 39.82
CA GLU A 191 -30.24 -29.53 38.48
C GLU A 191 -28.86 -30.17 38.57
N PHE A 192 -28.63 -31.20 37.76
CA PHE A 192 -27.37 -31.92 37.76
C PHE A 192 -26.96 -32.19 36.32
N VAL A 193 -25.64 -32.24 36.12
CA VAL A 193 -25.06 -32.63 34.84
C VAL A 193 -24.07 -33.76 35.12
N PHE A 194 -24.31 -34.91 34.51
CA PHE A 194 -23.47 -36.09 34.67
C PHE A 194 -22.83 -36.38 33.32
N LYS A 195 -21.51 -36.52 33.29
CA LYS A 195 -20.84 -36.92 32.06
C LYS A 195 -19.59 -37.72 32.39
N ASN A 196 -19.08 -38.42 31.38
CA ASN A 196 -17.90 -39.28 31.53
C ASN A 196 -16.96 -38.99 30.37
N ILE A 197 -15.83 -38.37 30.66
CA ILE A 197 -14.84 -38.01 29.65
C ILE A 197 -13.48 -38.51 30.13
N ASP A 198 -12.83 -39.34 29.31
CA ASP A 198 -11.47 -39.81 29.58
C ASP A 198 -11.37 -40.51 30.94
N GLY A 199 -12.39 -41.30 31.29
CA GLY A 199 -12.41 -42.00 32.56
C GLY A 199 -12.77 -41.13 33.74
N TYR A 200 -12.94 -39.84 33.55
CA TYR A 200 -13.38 -38.93 34.61
C TYR A 200 -14.89 -38.81 34.54
N PHE A 201 -15.58 -39.27 35.58
CA PHE A 201 -16.99 -38.99 35.77
C PHE A 201 -17.12 -37.66 36.47
N LYS A 202 -17.78 -36.71 35.82
CA LYS A 202 -17.97 -35.36 36.32
C LYS A 202 -19.43 -35.11 36.62
N ILE A 203 -19.69 -34.58 37.82
CA ILE A 203 -21.01 -34.23 38.29
C ILE A 203 -21.01 -32.76 38.65
N TYR A 204 -21.80 -31.97 37.93
CA TYR A 204 -22.08 -30.58 38.24
C TYR A 204 -23.48 -30.48 38.84
N SER A 205 -23.71 -29.47 39.67
CA SER A 205 -25.02 -29.36 40.30
C SER A 205 -25.33 -27.91 40.62
N LYS A 206 -26.62 -27.64 40.83
CA LYS A 206 -27.10 -26.32 41.23
C LYS A 206 -28.50 -26.47 41.80
N HIS A 207 -28.74 -25.90 42.97
CA HIS A 207 -30.03 -25.98 43.65
C HIS A 207 -30.61 -24.57 43.76
N THR A 208 -31.92 -24.45 43.54
CA THR A 208 -32.56 -23.15 43.59
C THR A 208 -34.00 -23.30 44.05
N PRO A 209 -34.48 -22.44 44.96
CA PRO A 209 -35.90 -22.43 45.28
C PRO A 209 -36.72 -21.92 44.11
N ILE A 210 -37.95 -22.41 44.00
CA ILE A 210 -38.84 -22.08 42.89
C ILE A 210 -40.22 -21.73 43.42
N ASN A 211 -40.95 -20.97 42.63
CA ASN A 211 -42.35 -20.64 42.92
C ASN A 211 -43.33 -21.50 42.13
N LEU A 212 -42.83 -22.43 41.31
CA LEU A 212 -43.66 -23.33 40.54
C LEU A 212 -43.45 -24.76 41.02
N VAL A 213 -44.33 -25.65 40.56
CA VAL A 213 -44.27 -27.07 40.92
C VAL A 213 -44.24 -27.98 39.71
N ARG A 214 -44.19 -27.42 38.49
CA ARG A 214 -44.17 -28.22 37.27
C ARG A 214 -43.31 -27.52 36.24
N ASP A 215 -42.57 -28.32 35.45
CA ASP A 215 -41.81 -27.82 34.31
C ASP A 215 -40.61 -26.99 34.76
N LEU A 216 -39.57 -26.95 33.94
CA LEU A 216 -38.39 -26.15 34.26
C LEU A 216 -38.73 -24.68 34.15
N PRO A 217 -38.49 -23.87 35.18
CA PRO A 217 -38.89 -22.46 35.12
C PRO A 217 -37.94 -21.64 34.26
N GLN A 218 -38.45 -20.50 33.82
CA GLN A 218 -37.63 -19.57 33.05
C GLN A 218 -36.52 -18.99 33.92
N GLY A 219 -35.37 -18.78 33.32
CA GLY A 219 -34.23 -18.23 34.02
C GLY A 219 -32.94 -18.80 33.47
N PHE A 220 -31.84 -18.39 34.10
CA PHE A 220 -30.51 -18.83 33.70
C PHE A 220 -29.64 -18.97 34.93
N SER A 221 -28.89 -20.07 35.00
CA SER A 221 -27.98 -20.30 36.10
C SER A 221 -27.01 -21.41 35.70
N ALA A 222 -25.71 -21.13 35.78
CA ALA A 222 -24.71 -22.13 35.45
C ALA A 222 -24.52 -23.11 36.59
N LEU A 223 -24.31 -24.38 36.23
CA LEU A 223 -24.10 -25.41 37.23
C LEU A 223 -22.61 -25.55 37.55
N GLU A 224 -22.29 -25.51 38.84
CA GLU A 224 -20.91 -25.60 39.29
C GLU A 224 -20.49 -27.06 39.40
N PRO A 225 -19.22 -27.37 39.13
CA PRO A 225 -18.74 -28.75 39.34
C PRO A 225 -18.76 -29.10 40.83
N LEU A 226 -19.06 -30.35 41.13
CA LEU A 226 -18.98 -30.86 42.49
C LEU A 226 -18.16 -32.13 42.60
N VAL A 227 -18.22 -33.02 41.62
CA VAL A 227 -17.51 -34.30 41.70
C VAL A 227 -16.73 -34.52 40.41
N ASP A 228 -15.50 -35.02 40.53
CA ASP A 228 -14.67 -35.36 39.38
C ASP A 228 -13.83 -36.57 39.77
N LEU A 229 -14.30 -37.75 39.39
CA LEU A 229 -13.70 -39.01 39.83
C LEU A 229 -13.13 -39.76 38.64
N PRO A 230 -11.82 -40.01 38.58
CA PRO A 230 -11.27 -40.81 37.45
C PRO A 230 -11.44 -42.32 37.68
N ILE A 231 -12.68 -42.78 37.62
CA ILE A 231 -12.97 -44.19 37.86
C ILE A 231 -12.74 -45.02 36.60
N GLY A 232 -13.21 -44.55 35.46
CA GLY A 232 -13.05 -45.29 34.22
C GLY A 232 -14.18 -46.24 33.89
N ILE A 233 -15.30 -46.17 34.60
CA ILE A 233 -16.43 -47.04 34.34
C ILE A 233 -17.02 -46.71 32.99
N ASN A 234 -17.21 -47.72 32.15
CA ASN A 234 -18.02 -47.54 30.94
C ASN A 234 -19.47 -47.41 31.34
N ILE A 235 -20.13 -46.36 30.83
CA ILE A 235 -21.53 -46.09 31.13
C ILE A 235 -22.28 -45.95 29.82
N THR A 236 -23.31 -46.78 29.64
CA THR A 236 -24.21 -46.68 28.52
C THR A 236 -25.68 -46.60 28.93
N ARG A 237 -25.98 -46.85 30.21
CA ARG A 237 -27.34 -46.78 30.72
C ARG A 237 -27.29 -46.31 32.17
N PHE A 238 -28.42 -45.79 32.64
CA PHE A 238 -28.52 -45.32 34.01
C PHE A 238 -29.97 -45.35 34.44
N GLN A 239 -30.18 -45.18 35.74
CA GLN A 239 -31.51 -45.27 36.34
C GLN A 239 -31.54 -44.40 37.59
N THR A 240 -32.75 -43.99 37.98
CA THR A 240 -32.94 -43.23 39.21
C THR A 240 -33.55 -44.11 40.29
N LEU A 241 -33.39 -43.68 41.54
CA LEU A 241 -33.83 -44.44 42.70
C LEU A 241 -34.53 -43.51 43.67
N LEU A 242 -35.76 -43.86 44.01
CA LEU A 242 -36.60 -43.06 44.91
C LEU A 242 -36.33 -43.45 46.36
N ALA A 263 -42.14 -38.96 42.16
CA ALA A 263 -41.78 -37.60 41.79
C ALA A 263 -41.30 -37.54 40.34
N ALA A 264 -41.76 -36.54 39.60
CA ALA A 264 -41.37 -36.38 38.22
C ALA A 264 -39.97 -35.77 38.13
N TYR A 265 -39.25 -36.15 37.07
CA TYR A 265 -37.92 -35.63 36.82
C TYR A 265 -37.73 -35.47 35.33
N TYR A 266 -36.80 -34.59 34.96
CA TYR A 266 -36.57 -34.21 33.57
C TYR A 266 -35.19 -34.71 33.15
N VAL A 267 -35.12 -35.33 31.99
CA VAL A 267 -33.89 -35.91 31.45
C VAL A 267 -33.63 -35.36 30.07
N GLY A 268 -32.41 -34.89 29.84
CA GLY A 268 -31.98 -34.46 28.52
C GLY A 268 -30.58 -34.96 28.24
N TYR A 269 -30.17 -34.81 26.98
CA TYR A 269 -28.89 -35.34 26.53
C TYR A 269 -28.05 -34.22 25.94
N LEU A 270 -26.76 -34.24 26.28
CA LEU A 270 -25.82 -33.23 25.84
C LEU A 270 -25.36 -33.49 24.42
N GLN A 271 -24.98 -32.42 23.73
CA GLN A 271 -24.49 -32.48 22.36
C GLN A 271 -23.24 -31.61 22.23
N PRO A 272 -22.34 -31.96 21.30
CA PRO A 272 -21.10 -31.19 21.14
C PRO A 272 -21.30 -29.88 20.41
N ARG A 273 -21.69 -28.83 21.14
CA ARG A 273 -22.05 -27.56 20.55
C ARG A 273 -21.11 -26.46 21.00
N THR A 274 -21.18 -25.33 20.30
CA THR A 274 -20.41 -24.14 20.62
C THR A 274 -21.31 -23.13 21.33
N PHE A 275 -20.81 -22.58 22.43
CA PHE A 275 -21.55 -21.65 23.26
C PHE A 275 -20.71 -20.41 23.52
N LEU A 276 -21.36 -19.25 23.48
CA LEU A 276 -20.73 -17.99 23.88
C LEU A 276 -21.22 -17.65 25.27
N LEU A 277 -20.32 -17.76 26.26
CA LEU A 277 -20.65 -17.54 27.66
C LEU A 277 -20.22 -16.15 28.08
N LYS A 278 -21.01 -15.53 28.96
CA LYS A 278 -20.75 -14.18 29.44
C LYS A 278 -20.38 -14.25 30.92
N TYR A 279 -19.13 -13.94 31.24
CA TYR A 279 -18.67 -13.89 32.62
C TYR A 279 -18.77 -12.46 33.13
N ASN A 280 -19.49 -12.28 34.23
CA ASN A 280 -19.61 -10.96 34.85
C ASN A 280 -18.29 -10.61 35.57
N GLU A 281 -18.28 -9.46 36.24
CA GLU A 281 -17.08 -9.02 36.93
C GLU A 281 -16.67 -9.98 38.03
N ASN A 282 -17.61 -10.77 38.56
CA ASN A 282 -17.32 -11.73 39.62
C ASN A 282 -17.07 -13.13 39.10
N GLY A 283 -17.00 -13.31 37.79
CA GLY A 283 -16.73 -14.62 37.23
C GLY A 283 -17.91 -15.55 37.17
N THR A 284 -19.12 -15.04 37.36
CA THR A 284 -20.33 -15.86 37.30
C THR A 284 -20.91 -15.77 35.90
N ILE A 285 -21.13 -16.93 35.29
CA ILE A 285 -21.74 -16.98 33.96
C ILE A 285 -23.19 -16.57 34.08
N THR A 286 -23.52 -15.40 33.55
CA THR A 286 -24.88 -14.86 33.63
C THR A 286 -25.69 -15.08 32.37
N ASP A 287 -25.05 -15.27 31.21
CA ASP A 287 -25.76 -15.45 29.96
C ASP A 287 -24.98 -16.39 29.05
N ALA A 288 -25.70 -17.04 28.16
CA ALA A 288 -25.10 -17.94 27.19
C ALA A 288 -25.86 -17.86 25.88
N VAL A 289 -25.12 -17.96 24.79
CA VAL A 289 -25.68 -17.94 23.45
C VAL A 289 -25.34 -19.26 22.78
N ASP A 290 -26.37 -19.97 22.31
CA ASP A 290 -26.19 -21.21 21.56
C ASP A 290 -25.98 -20.83 20.09
N CYS A 291 -24.76 -21.05 19.60
CA CYS A 291 -24.40 -20.59 18.27
C CYS A 291 -25.25 -21.23 17.17
N ALA A 292 -25.76 -22.43 17.39
CA ALA A 292 -26.52 -23.15 16.37
C ALA A 292 -28.03 -23.00 16.54
N LEU A 293 -28.50 -22.21 17.50
CA LEU A 293 -29.93 -22.10 17.74
C LEU A 293 -30.65 -21.51 16.53
N ASP A 294 -30.18 -20.36 16.05
CA ASP A 294 -30.87 -19.63 15.00
C ASP A 294 -29.89 -18.64 14.39
N PRO A 295 -30.24 -18.05 13.25
CA PRO A 295 -29.30 -17.12 12.60
C PRO A 295 -28.85 -15.97 13.47
N LEU A 296 -29.73 -15.42 14.31
CA LEU A 296 -29.34 -14.29 15.15
C LEU A 296 -28.26 -14.69 16.14
N SER A 297 -28.43 -15.85 16.78
CA SER A 297 -27.40 -16.33 17.71
C SER A 297 -26.11 -16.65 16.96
N GLU A 298 -26.22 -17.17 15.74
CA GLU A 298 -25.03 -17.41 14.93
C GLU A 298 -24.29 -16.11 14.66
N THR A 299 -25.03 -15.04 14.35
CA THR A 299 -24.41 -13.74 14.16
C THR A 299 -23.74 -13.27 15.44
N LYS A 300 -24.42 -13.44 16.58
CA LYS A 300 -23.82 -13.04 17.85
C LYS A 300 -22.51 -13.77 18.09
N CYS A 301 -22.48 -15.07 17.83
CA CYS A 301 -21.24 -15.83 17.98
C CYS A 301 -20.17 -15.35 17.01
N THR A 302 -20.58 -15.02 15.78
CA THR A 302 -19.60 -14.57 14.78
C THR A 302 -18.93 -13.28 15.22
N LEU A 303 -19.69 -12.35 15.79
CA LEU A 303 -19.17 -11.06 16.21
C LEU A 303 -18.55 -11.10 17.61
N LYS A 304 -18.62 -12.23 18.30
CA LYS A 304 -18.11 -12.33 19.66
C LYS A 304 -18.76 -11.29 20.56
N SER A 305 -20.03 -10.99 20.27
CA SER A 305 -20.76 -9.94 20.97
C SER A 305 -22.14 -10.46 21.36
N PHE A 306 -22.63 -9.97 22.49
CA PHE A 306 -24.00 -10.25 22.93
C PHE A 306 -25.01 -9.27 22.37
N THR A 307 -24.55 -8.21 21.71
CA THR A 307 -25.42 -7.22 21.10
C THR A 307 -24.96 -6.97 19.68
N VAL A 308 -25.91 -6.86 18.75
CA VAL A 308 -25.63 -6.72 17.33
C VAL A 308 -26.22 -5.41 16.85
N GLU A 309 -25.41 -4.60 16.17
CA GLU A 309 -25.88 -3.37 15.58
C GLU A 309 -26.58 -3.64 14.26
N LYS A 310 -27.35 -2.66 13.81
CA LYS A 310 -28.05 -2.78 12.53
C LYS A 310 -27.05 -2.93 11.39
N GLY A 311 -27.31 -3.89 10.51
CA GLY A 311 -26.44 -4.09 9.36
C GLY A 311 -26.64 -5.48 8.78
N ILE A 312 -25.72 -5.85 7.89
CA ILE A 312 -25.70 -7.16 7.25
C ILE A 312 -24.36 -7.81 7.53
N TYR A 313 -24.40 -9.05 8.01
CA TYR A 313 -23.22 -9.74 8.49
C TYR A 313 -23.05 -11.07 7.78
N GLN A 314 -21.84 -11.33 7.28
CA GLN A 314 -21.50 -12.59 6.66
C GLN A 314 -21.23 -13.62 7.76
N THR A 315 -22.12 -14.59 7.91
CA THR A 315 -22.04 -15.56 9.00
C THR A 315 -21.52 -16.92 8.58
N SER A 316 -22.16 -17.56 7.61
CA SER A 316 -21.86 -18.98 7.34
C SER A 316 -21.71 -19.19 5.84
N ASN A 317 -21.58 -20.45 5.44
CA ASN A 317 -21.49 -20.82 4.05
C ASN A 317 -22.50 -21.93 3.76
N PHE A 318 -23.26 -21.76 2.69
CA PHE A 318 -24.23 -22.75 2.24
C PHE A 318 -23.62 -23.56 1.10
N ARG A 319 -23.82 -24.87 1.15
CA ARG A 319 -23.24 -25.78 0.17
C ARG A 319 -24.21 -26.92 -0.06
N VAL A 320 -24.83 -26.95 -1.24
CA VAL A 320 -25.75 -28.04 -1.58
C VAL A 320 -25.00 -29.36 -1.50
N GLN A 321 -25.56 -30.32 -0.77
CA GLN A 321 -24.87 -31.59 -0.59
C GLN A 321 -25.30 -32.59 -1.66
N PRO A 322 -24.43 -33.52 -2.03
CA PRO A 322 -24.78 -34.49 -3.05
C PRO A 322 -25.88 -35.43 -2.60
N THR A 323 -26.70 -35.86 -3.56
CA THR A 323 -27.81 -36.76 -3.27
C THR A 323 -27.36 -38.22 -3.29
N GLU A 324 -26.65 -38.63 -4.33
CA GLU A 324 -26.27 -40.03 -4.49
C GLU A 324 -25.03 -40.11 -5.38
N SER A 325 -24.41 -41.28 -5.39
CA SER A 325 -23.22 -41.53 -6.18
C SER A 325 -23.60 -42.21 -7.49
N ILE A 326 -23.04 -41.70 -8.59
CA ILE A 326 -23.26 -42.24 -9.92
C ILE A 326 -21.94 -42.81 -10.40
N VAL A 327 -21.88 -44.14 -10.56
CA VAL A 327 -20.71 -44.82 -11.08
C VAL A 327 -21.13 -45.53 -12.36
N ARG A 328 -20.45 -45.23 -13.47
CA ARG A 328 -20.83 -45.74 -14.77
C ARG A 328 -19.60 -46.25 -15.51
N PHE A 329 -19.78 -47.31 -16.28
CA PHE A 329 -18.75 -47.95 -17.07
C PHE A 329 -19.30 -48.29 -18.43
N PRO A 330 -18.43 -48.56 -19.41
CA PRO A 330 -18.92 -48.79 -20.78
C PRO A 330 -19.90 -49.95 -20.85
N ASN A 331 -20.45 -50.13 -22.05
CA ASN A 331 -21.47 -51.16 -22.27
C ASN A 331 -20.97 -52.56 -21.96
N GLY A 332 -19.66 -52.76 -21.89
CA GLY A 332 -19.11 -54.05 -21.51
C GLY A 332 -18.98 -54.15 -20.00
N SER A 333 -17.76 -54.39 -19.52
CA SER A 333 -17.50 -54.48 -18.08
C SER A 333 -16.23 -53.67 -17.79
N GLY A 334 -16.41 -52.49 -17.20
CA GLY A 334 -15.28 -51.66 -16.82
C GLY A 334 -14.73 -52.03 -15.47
N SER A 335 -14.59 -53.33 -15.21
CA SER A 335 -14.09 -53.83 -13.94
C SER A 335 -14.95 -53.31 -12.78
N GLY A 336 -16.25 -53.25 -13.00
CA GLY A 336 -17.17 -52.78 -11.98
C GLY A 336 -18.59 -52.77 -12.51
N SER A 337 -19.51 -52.54 -11.58
CA SER A 337 -20.93 -52.50 -11.90
C SER A 337 -21.38 -51.05 -12.10
N SER A 338 -21.96 -50.76 -13.26
CA SER A 338 -22.41 -49.42 -13.57
C SER A 338 -23.74 -49.13 -12.87
N THR A 339 -24.04 -47.83 -12.76
CA THR A 339 -25.26 -47.34 -12.15
C THR A 339 -26.01 -46.47 -13.13
N ASN A 340 -27.28 -46.19 -12.81
CA ASN A 340 -28.10 -45.35 -13.66
C ASN A 340 -27.59 -43.91 -13.64
N LEU A 341 -27.78 -43.22 -14.77
CA LEU A 341 -27.33 -41.85 -14.89
C LEU A 341 -28.42 -40.91 -14.37
N VAL A 342 -28.03 -39.97 -13.52
CA VAL A 342 -28.94 -39.01 -12.92
C VAL A 342 -28.54 -37.61 -13.38
N LYS A 343 -29.49 -36.90 -13.98
CA LYS A 343 -29.24 -35.57 -14.53
C LYS A 343 -29.93 -34.51 -13.67
N ASN A 344 -29.37 -33.30 -13.72
CA ASN A 344 -29.96 -32.15 -13.05
C ASN A 344 -30.05 -32.38 -11.53
N LYS A 345 -28.97 -32.86 -10.94
CA LYS A 345 -28.95 -33.14 -9.51
C LYS A 345 -27.50 -33.21 -9.04
N CYS A 346 -27.24 -32.64 -7.87
CA CYS A 346 -25.91 -32.70 -7.27
C CYS A 346 -25.60 -34.13 -6.85
N VAL A 347 -24.71 -34.80 -7.59
CA VAL A 347 -24.38 -36.20 -7.37
C VAL A 347 -22.87 -36.37 -7.37
N ASN A 348 -22.42 -37.48 -6.79
CA ASN A 348 -21.02 -37.87 -6.79
C ASN A 348 -20.81 -38.83 -7.95
N PHE A 349 -20.35 -38.30 -9.07
CA PHE A 349 -20.19 -39.04 -10.30
C PHE A 349 -18.82 -39.67 -10.40
N ASN A 350 -18.76 -40.81 -11.08
CA ASN A 350 -17.50 -41.49 -11.37
C ASN A 350 -17.62 -42.09 -12.77
N PHE A 351 -16.88 -41.53 -13.71
CA PHE A 351 -16.88 -42.00 -15.10
C PHE A 351 -15.51 -42.59 -15.41
N ASN A 352 -15.45 -43.93 -15.51
CA ASN A 352 -14.21 -44.63 -15.87
C ASN A 352 -13.06 -44.23 -14.96
N GLY A 353 -13.34 -44.05 -13.67
CA GLY A 353 -12.34 -43.70 -12.70
C GLY A 353 -12.18 -42.22 -12.46
N LEU A 354 -12.68 -41.38 -13.36
CA LEU A 354 -12.68 -39.93 -13.14
C LEU A 354 -13.80 -39.60 -12.18
N THR A 355 -13.45 -39.19 -10.97
CA THR A 355 -14.41 -38.95 -9.90
C THR A 355 -14.61 -37.45 -9.70
N GLY A 356 -15.80 -37.11 -9.25
CA GLY A 356 -16.10 -35.72 -8.93
C GLY A 356 -17.49 -35.60 -8.35
N THR A 357 -17.84 -34.37 -7.98
CA THR A 357 -19.16 -34.06 -7.45
C THR A 357 -19.70 -32.85 -8.18
N GLY A 358 -20.94 -32.94 -8.65
CA GLY A 358 -21.53 -31.84 -9.39
C GLY A 358 -22.88 -32.22 -9.96
N VAL A 359 -23.40 -31.30 -10.77
CA VAL A 359 -24.68 -31.46 -11.46
C VAL A 359 -24.39 -31.80 -12.91
N LEU A 360 -24.99 -32.89 -13.39
CA LEU A 360 -24.79 -33.37 -14.75
C LEU A 360 -25.96 -32.91 -15.60
N THR A 361 -25.66 -32.17 -16.67
CA THR A 361 -26.69 -31.66 -17.58
C THR A 361 -26.33 -32.04 -19.00
N GLU A 362 -27.33 -32.03 -19.88
CA GLU A 362 -27.10 -32.33 -21.28
C GLU A 362 -26.38 -31.17 -21.95
N SER A 363 -25.27 -31.47 -22.62
CA SER A 363 -24.41 -30.43 -23.18
C SER A 363 -24.53 -30.39 -24.69
N ASN A 364 -24.25 -29.21 -25.26
CA ASN A 364 -24.18 -29.02 -26.69
C ASN A 364 -22.76 -29.11 -27.22
N LYS A 365 -21.77 -29.22 -26.34
CA LYS A 365 -20.38 -29.29 -26.78
C LYS A 365 -20.14 -30.57 -27.57
N LYS A 366 -19.34 -30.46 -28.61
CA LYS A 366 -19.11 -31.54 -29.58
C LYS A 366 -17.71 -32.10 -29.38
N PHE A 367 -17.61 -33.14 -28.54
CA PHE A 367 -16.35 -33.84 -28.39
C PHE A 367 -15.97 -34.55 -29.68
N LEU A 368 -14.67 -34.61 -29.94
CA LEU A 368 -14.18 -35.40 -31.06
C LEU A 368 -14.27 -36.88 -30.73
N PRO A 369 -14.27 -37.75 -31.75
CA PRO A 369 -14.48 -39.18 -31.48
C PRO A 369 -13.51 -39.76 -30.47
N PHE A 370 -12.25 -39.33 -30.49
CA PHE A 370 -11.25 -39.83 -29.56
C PHE A 370 -11.27 -39.10 -28.21
N GLN A 371 -11.95 -37.96 -28.13
CA GLN A 371 -11.95 -37.16 -26.91
C GLN A 371 -12.94 -37.73 -25.91
N GLN A 372 -12.50 -37.91 -24.67
CA GLN A 372 -13.31 -38.49 -23.61
C GLN A 372 -13.72 -37.50 -22.55
N PHE A 373 -12.83 -36.58 -22.16
CA PHE A 373 -13.12 -35.59 -21.13
C PHE A 373 -13.02 -34.19 -21.73
N GLY A 374 -13.57 -33.22 -21.00
CA GLY A 374 -13.46 -31.82 -21.37
C GLY A 374 -12.92 -31.01 -20.21
N ARG A 375 -12.05 -30.05 -20.52
CA ARG A 375 -11.43 -29.21 -19.52
C ARG A 375 -11.67 -27.74 -19.84
N ASP A 376 -11.76 -26.93 -18.79
CA ASP A 376 -12.02 -25.51 -18.92
C ASP A 376 -10.70 -24.75 -19.00
N ILE A 377 -10.77 -23.42 -18.89
CA ILE A 377 -9.55 -22.61 -18.94
C ILE A 377 -8.64 -22.95 -17.78
N ALA A 378 -9.20 -23.12 -16.58
CA ALA A 378 -8.42 -23.47 -15.40
C ALA A 378 -8.03 -24.95 -15.39
N ASP A 379 -8.35 -25.70 -16.43
CA ASP A 379 -8.02 -27.12 -16.51
C ASP A 379 -8.71 -27.91 -15.40
N THR A 380 -10.02 -27.71 -15.27
CA THR A 380 -10.86 -28.50 -14.38
C THR A 380 -11.96 -29.17 -15.18
N THR A 381 -12.36 -30.36 -14.73
CA THR A 381 -13.32 -31.16 -15.47
C THR A 381 -14.60 -30.37 -15.70
N ASP A 382 -14.85 -30.03 -16.96
CA ASP A 382 -16.02 -29.24 -17.35
C ASP A 382 -17.11 -30.10 -17.97
N ALA A 383 -16.74 -31.17 -18.67
CA ALA A 383 -17.71 -32.08 -19.24
C ALA A 383 -17.07 -33.45 -19.39
N VAL A 384 -17.94 -34.46 -19.51
CA VAL A 384 -17.49 -35.83 -19.72
C VAL A 384 -18.36 -36.46 -20.79
N ARG A 385 -17.93 -37.61 -21.29
CA ARG A 385 -18.70 -38.38 -22.27
C ARG A 385 -19.13 -39.68 -21.61
N ASP A 386 -20.43 -39.94 -21.60
CA ASP A 386 -20.94 -41.12 -20.92
C ASP A 386 -20.42 -42.38 -21.60
N PRO A 387 -19.76 -43.28 -20.87
CA PRO A 387 -19.11 -44.43 -21.52
C PRO A 387 -20.07 -45.38 -22.22
N GLN A 388 -21.35 -45.38 -21.86
CA GLN A 388 -22.33 -46.30 -22.44
C GLN A 388 -23.10 -45.68 -23.59
N THR A 389 -23.65 -44.48 -23.40
CA THR A 389 -24.28 -43.72 -24.47
C THR A 389 -23.38 -42.55 -24.78
N LEU A 390 -22.99 -42.41 -26.04
CA LEU A 390 -22.04 -41.37 -26.45
C LEU A 390 -22.76 -40.03 -26.46
N GLU A 391 -22.91 -39.47 -25.25
CA GLU A 391 -23.48 -38.15 -25.06
C GLU A 391 -22.57 -37.35 -24.13
N ILE A 392 -22.67 -36.03 -24.20
CA ILE A 392 -21.80 -35.13 -23.46
C ILE A 392 -22.56 -34.58 -22.27
N LEU A 393 -22.05 -34.85 -21.07
CA LEU A 393 -22.63 -34.33 -19.83
C LEU A 393 -21.76 -33.18 -19.34
N ASP A 394 -22.34 -31.99 -19.34
CA ASP A 394 -21.72 -30.84 -18.69
C ASP A 394 -21.81 -30.98 -17.18
N ILE A 395 -20.73 -30.63 -16.49
CA ILE A 395 -20.62 -30.75 -15.05
C ILE A 395 -20.59 -29.35 -14.46
N THR A 396 -21.53 -29.06 -13.58
CA THR A 396 -21.59 -27.77 -12.91
C THR A 396 -21.33 -27.95 -11.43
N PRO A 397 -20.46 -27.16 -10.80
CA PRO A 397 -20.24 -27.31 -9.36
C PRO A 397 -21.55 -27.16 -8.59
N CYS A 398 -21.73 -28.00 -7.58
CA CYS A 398 -22.94 -27.92 -6.78
C CYS A 398 -23.05 -26.56 -6.13
N SER A 399 -24.27 -26.00 -6.13
CA SER A 399 -24.47 -24.63 -5.73
C SER A 399 -23.90 -24.39 -4.33
N PHE A 400 -23.13 -23.30 -4.21
CA PHE A 400 -22.54 -22.91 -2.94
C PHE A 400 -22.49 -21.38 -2.90
N GLY A 401 -22.38 -20.85 -1.69
CA GLY A 401 -22.29 -19.42 -1.54
C GLY A 401 -22.21 -19.04 -0.08
N GLY A 402 -22.18 -17.73 0.16
CA GLY A 402 -22.20 -17.23 1.51
C GLY A 402 -23.61 -17.11 2.05
N VAL A 403 -23.72 -17.09 3.37
CA VAL A 403 -24.99 -16.93 4.07
C VAL A 403 -24.80 -15.79 5.05
N SER A 404 -25.53 -14.70 4.82
CA SER A 404 -25.42 -13.50 5.63
C SER A 404 -26.76 -13.22 6.30
N VAL A 405 -26.70 -12.50 7.42
CA VAL A 405 -27.87 -12.23 8.24
C VAL A 405 -28.12 -10.73 8.24
N ILE A 406 -29.30 -10.34 7.77
CA ILE A 406 -29.73 -8.94 7.76
C ILE A 406 -30.59 -8.72 9.01
N THR A 407 -30.14 -7.81 9.87
CA THR A 407 -30.81 -7.61 11.14
C THR A 407 -30.84 -6.12 11.47
N PRO A 408 -31.95 -5.61 11.99
CA PRO A 408 -31.91 -4.33 12.69
C PRO A 408 -31.24 -4.49 14.04
N GLY A 409 -30.86 -3.37 14.63
CA GLY A 409 -30.20 -3.42 15.92
C GLY A 409 -31.01 -4.21 16.93
N THR A 410 -30.34 -5.11 17.64
CA THR A 410 -31.03 -5.94 18.62
C THR A 410 -31.75 -5.12 19.67
N ASN A 411 -31.30 -3.89 19.92
CA ASN A 411 -32.06 -2.98 20.77
C ASN A 411 -33.44 -2.69 20.20
N THR A 412 -33.62 -2.89 18.89
CA THR A 412 -34.91 -2.63 18.26
C THR A 412 -35.77 -3.89 18.18
N SER A 413 -35.24 -4.97 17.60
CA SER A 413 -35.99 -6.20 17.48
C SER A 413 -35.03 -7.36 17.28
N ASN A 414 -35.53 -8.57 17.51
CA ASN A 414 -34.76 -9.79 17.27
C ASN A 414 -35.12 -10.46 15.96
N GLN A 415 -36.04 -9.90 15.19
CA GLN A 415 -36.38 -10.44 13.88
C GLN A 415 -35.21 -10.23 12.93
N VAL A 416 -34.99 -11.19 12.04
CA VAL A 416 -33.89 -11.14 11.08
C VAL A 416 -34.35 -11.74 9.77
N ALA A 417 -33.55 -11.48 8.73
CA ALA A 417 -33.71 -12.12 7.43
C ALA A 417 -32.37 -12.73 7.05
N VAL A 418 -32.39 -13.65 6.10
CA VAL A 418 -31.20 -14.39 5.69
C VAL A 418 -31.03 -14.24 4.18
N LEU A 419 -29.82 -13.89 3.76
CA LEU A 419 -29.47 -13.78 2.36
C LEU A 419 -28.52 -14.93 2.01
N TYR A 420 -28.94 -15.77 1.06
CA TYR A 420 -28.09 -16.80 0.49
C TYR A 420 -27.53 -16.23 -0.81
N GLN A 421 -26.23 -15.94 -0.81
CA GLN A 421 -25.64 -15.20 -1.92
C GLN A 421 -25.44 -16.08 -3.14
N ASP A 422 -25.86 -15.58 -4.30
CA ASP A 422 -25.59 -16.21 -5.58
C ASP A 422 -26.09 -17.66 -5.60
N VAL A 423 -27.39 -17.82 -5.34
CA VAL A 423 -28.02 -19.14 -5.40
C VAL A 423 -29.52 -18.96 -5.58
N ASN A 424 -30.08 -19.74 -6.48
CA ASN A 424 -31.53 -19.76 -6.69
C ASN A 424 -32.14 -20.60 -5.58
N CYS A 425 -32.95 -19.96 -4.73
CA CYS A 425 -33.42 -20.63 -3.52
C CYS A 425 -34.46 -21.71 -3.77
N THR A 426 -34.78 -22.02 -5.03
CA THR A 426 -35.48 -23.27 -5.30
C THR A 426 -34.65 -24.46 -4.86
N GLU A 427 -33.33 -24.26 -4.68
CA GLU A 427 -32.43 -25.30 -4.20
C GLU A 427 -32.23 -25.27 -2.70
N VAL A 428 -32.83 -24.32 -1.99
CA VAL A 428 -32.67 -24.21 -0.54
C VAL A 428 -33.81 -24.91 0.17
N ASN A 449 -42.56 -15.11 1.64
CA ASN A 449 -41.47 -14.33 2.20
C ASN A 449 -40.14 -14.76 1.60
N VAL A 450 -40.15 -15.09 0.31
CA VAL A 450 -38.96 -15.48 -0.43
C VAL A 450 -38.85 -14.54 -1.62
N PHE A 451 -37.69 -13.91 -1.78
CA PHE A 451 -37.48 -12.90 -2.81
C PHE A 451 -36.16 -13.19 -3.52
N GLN A 452 -36.23 -13.46 -4.82
CA GLN A 452 -35.02 -13.69 -5.61
C GLN A 452 -34.51 -12.35 -6.14
N THR A 453 -33.20 -12.14 -6.06
CA THR A 453 -32.55 -10.92 -6.50
C THR A 453 -31.20 -11.27 -7.08
N ARG A 454 -30.62 -10.32 -7.81
CA ARG A 454 -29.34 -10.58 -8.46
C ARG A 454 -28.26 -10.93 -7.43
N ALA A 455 -28.42 -10.48 -6.19
CA ALA A 455 -27.44 -10.75 -5.15
C ALA A 455 -27.63 -12.11 -4.48
N GLY A 456 -28.67 -12.84 -4.83
CA GLY A 456 -28.98 -14.10 -4.21
C GLY A 456 -30.45 -14.15 -3.82
N CYS A 457 -30.78 -15.04 -2.90
CA CYS A 457 -32.16 -15.16 -2.45
C CYS A 457 -32.28 -14.66 -1.01
N LEU A 458 -33.30 -13.85 -0.76
CA LEU A 458 -33.56 -13.27 0.55
C LEU A 458 -34.80 -13.91 1.15
N ILE A 459 -34.67 -14.45 2.36
CA ILE A 459 -35.74 -15.16 3.03
C ILE A 459 -36.00 -14.48 4.36
N GLY A 460 -37.27 -14.19 4.64
CA GLY A 460 -37.70 -13.51 5.85
C GLY A 460 -38.02 -12.05 5.63
N ALA A 461 -37.70 -11.50 4.46
CA ALA A 461 -38.00 -10.13 4.13
C ALA A 461 -39.19 -10.06 3.18
N GLU A 462 -40.01 -9.03 3.35
CA GLU A 462 -41.19 -8.83 2.54
C GLU A 462 -40.87 -7.81 1.44
N HIS A 463 -41.02 -8.22 0.19
CA HIS A 463 -40.77 -7.32 -0.92
C HIS A 463 -41.84 -6.23 -0.96
N VAL A 464 -41.41 -4.99 -1.22
CA VAL A 464 -42.28 -3.83 -1.21
C VAL A 464 -42.08 -3.06 -2.52
N ASN A 465 -43.18 -2.62 -3.13
CA ASN A 465 -43.08 -1.86 -4.37
C ASN A 465 -42.60 -0.44 -4.12
N ASN A 466 -42.93 0.14 -2.97
CA ASN A 466 -42.48 1.49 -2.66
C ASN A 466 -40.96 1.54 -2.54
N SER A 467 -40.39 2.66 -2.96
CA SER A 467 -38.95 2.86 -2.89
C SER A 467 -38.62 3.87 -1.80
N TYR A 468 -37.60 3.54 -0.99
CA TYR A 468 -37.20 4.37 0.13
C TYR A 468 -35.69 4.59 0.07
N GLU A 469 -35.18 5.36 1.02
CA GLU A 469 -33.74 5.51 1.14
C GLU A 469 -33.11 4.21 1.62
N CYS A 470 -31.89 3.94 1.16
CA CYS A 470 -31.24 2.68 1.46
C CYS A 470 -30.80 2.64 2.92
N ASP A 471 -31.50 1.82 3.71
CA ASP A 471 -31.15 1.65 5.12
C ASP A 471 -30.03 0.63 5.27
N ILE A 472 -30.29 -0.61 4.86
CA ILE A 472 -29.31 -1.69 4.90
C ILE A 472 -29.04 -2.12 3.45
N PRO A 473 -27.83 -1.96 2.94
CA PRO A 473 -27.57 -2.33 1.55
C PRO A 473 -27.44 -3.83 1.38
N ILE A 474 -28.19 -4.38 0.44
CA ILE A 474 -28.08 -5.78 0.05
C ILE A 474 -27.27 -5.93 -1.23
N GLY A 475 -27.65 -5.23 -2.29
CA GLY A 475 -26.89 -5.24 -3.51
C GLY A 475 -27.78 -5.17 -4.73
N ALA A 476 -27.17 -4.80 -5.86
CA ALA A 476 -27.88 -4.69 -7.13
C ALA A 476 -29.08 -3.76 -7.00
N GLY A 477 -28.92 -2.71 -6.20
CA GLY A 477 -29.97 -1.73 -6.00
C GLY A 477 -31.00 -2.10 -4.96
N ILE A 478 -30.90 -3.28 -4.36
CA ILE A 478 -31.85 -3.73 -3.35
C ILE A 478 -31.27 -3.43 -1.97
N CYS A 479 -32.11 -2.83 -1.11
CA CYS A 479 -31.77 -2.58 0.28
C CYS A 479 -32.91 -3.09 1.15
N ALA A 480 -32.67 -3.16 2.45
CA ALA A 480 -33.67 -3.67 3.38
C ALA A 480 -33.74 -2.76 4.60
N SER A 481 -34.92 -2.76 5.24
CA SER A 481 -35.12 -1.91 6.42
C SER A 481 -36.25 -2.48 7.25
N TYR A 482 -36.24 -2.12 8.54
CA TYR A 482 -37.28 -2.54 9.49
C TYR A 482 -38.38 -1.49 9.47
N GLN A 483 -39.52 -1.82 8.88
CA GLN A 483 -40.62 -0.89 8.70
C GLN A 483 -41.94 -1.55 9.09
N THR A 484 -42.93 -0.71 9.35
CA THR A 484 -44.27 -1.18 9.72
C THR A 484 -44.82 -2.09 8.63
N SER A 497 -46.58 -5.67 13.86
CA SER A 497 -46.83 -4.69 12.80
C SER A 497 -45.55 -4.31 12.08
N GLN A 498 -44.41 -4.51 12.75
CA GLN A 498 -43.10 -4.22 12.19
C GLN A 498 -42.49 -5.49 11.60
N SER A 499 -41.80 -5.33 10.48
CA SER A 499 -41.15 -6.44 9.81
C SER A 499 -40.06 -5.90 8.90
N ILE A 500 -39.20 -6.82 8.45
CA ILE A 500 -38.12 -6.46 7.54
C ILE A 500 -38.64 -6.46 6.11
N ILE A 501 -38.42 -5.36 5.40
CA ILE A 501 -38.88 -5.21 4.03
C ILE A 501 -37.67 -4.97 3.13
N ALA A 502 -37.78 -5.45 1.90
CA ALA A 502 -36.75 -5.29 0.87
C ALA A 502 -37.32 -4.44 -0.26
N TYR A 503 -36.54 -3.47 -0.72
CA TYR A 503 -37.03 -2.51 -1.70
C TYR A 503 -35.88 -2.03 -2.56
N THR A 504 -36.23 -1.51 -3.74
CA THR A 504 -35.26 -0.87 -4.62
C THR A 504 -35.01 0.54 -4.12
N MET A 505 -33.79 0.82 -3.67
CA MET A 505 -33.50 2.07 -3.01
C MET A 505 -33.73 3.25 -3.95
N SER A 506 -34.26 4.33 -3.38
CA SER A 506 -34.47 5.56 -4.13
C SER A 506 -33.21 6.41 -4.11
N LEU A 507 -32.95 7.10 -5.21
CA LEU A 507 -31.77 7.94 -5.36
C LEU A 507 -31.99 9.36 -4.88
N GLY A 508 -33.20 9.69 -4.43
CA GLY A 508 -33.52 11.01 -3.96
C GLY A 508 -34.74 11.58 -4.67
N ALA A 509 -35.22 12.70 -4.12
CA ALA A 509 -36.39 13.34 -4.67
C ALA A 509 -36.12 13.89 -6.06
N GLU A 510 -37.08 13.70 -6.96
CA GLU A 510 -36.98 14.23 -8.31
C GLU A 510 -37.47 15.67 -8.33
N ASN A 511 -36.67 16.55 -8.95
CA ASN A 511 -36.94 17.99 -8.93
C ASN A 511 -36.63 18.56 -10.32
N SER A 512 -37.67 18.68 -11.14
CA SER A 512 -37.50 19.35 -12.43
C SER A 512 -37.26 20.83 -12.23
N VAL A 513 -36.35 21.39 -13.01
CA VAL A 513 -35.99 22.80 -12.90
C VAL A 513 -36.73 23.58 -13.97
N ALA A 514 -37.35 24.70 -13.57
CA ALA A 514 -38.17 25.51 -14.47
C ALA A 514 -37.25 26.36 -15.34
N TYR A 515 -36.60 25.70 -16.30
CA TYR A 515 -35.70 26.38 -17.21
C TYR A 515 -36.46 27.09 -18.32
N SER A 516 -35.97 28.28 -18.68
CA SER A 516 -36.48 29.03 -19.82
C SER A 516 -35.36 29.94 -20.30
N ASN A 517 -35.53 30.49 -21.51
CA ASN A 517 -34.49 31.30 -22.13
C ASN A 517 -34.46 32.72 -21.60
N ASN A 518 -35.42 33.12 -20.75
CA ASN A 518 -35.38 34.48 -20.22
C ASN A 518 -35.78 34.57 -18.75
N SER A 519 -35.66 33.50 -17.97
CA SER A 519 -36.04 33.52 -16.56
C SER A 519 -34.83 33.16 -15.71
N ILE A 520 -34.66 33.87 -14.59
CA ILE A 520 -33.55 33.64 -13.68
C ILE A 520 -34.06 33.66 -12.25
N ALA A 521 -33.55 32.76 -11.43
CA ALA A 521 -33.89 32.70 -10.02
C ALA A 521 -32.75 33.31 -9.21
N ILE A 522 -33.10 34.22 -8.30
CA ILE A 522 -32.09 34.89 -7.49
C ILE A 522 -32.46 34.76 -6.02
N PRO A 523 -31.51 34.47 -5.12
CA PRO A 523 -31.84 34.38 -3.70
C PRO A 523 -32.13 35.75 -3.10
N THR A 524 -33.12 35.79 -2.21
CA THR A 524 -33.45 37.01 -1.47
C THR A 524 -32.98 36.95 -0.03
N ASN A 525 -32.70 35.76 0.49
CA ASN A 525 -32.21 35.61 1.85
C ASN A 525 -31.13 34.54 1.84
N PHE A 526 -30.43 34.41 2.97
CA PHE A 526 -29.32 33.47 3.06
C PHE A 526 -29.32 32.83 4.43
N THR A 527 -28.49 31.81 4.58
CA THR A 527 -28.31 31.15 5.86
C THR A 527 -26.84 30.80 6.05
N ILE A 528 -26.39 30.87 7.30
CA ILE A 528 -25.03 30.50 7.67
C ILE A 528 -25.06 29.07 8.17
N SER A 529 -24.37 28.18 7.48
CA SER A 529 -24.39 26.76 7.79
C SER A 529 -23.02 26.32 8.31
N VAL A 530 -23.02 25.57 9.41
CA VAL A 530 -21.80 25.04 9.99
C VAL A 530 -21.84 23.53 9.84
N THR A 531 -20.84 22.97 9.17
CA THR A 531 -20.73 21.54 8.96
C THR A 531 -19.45 21.03 9.62
N THR A 532 -19.41 19.73 9.86
CA THR A 532 -18.30 19.09 10.56
C THR A 532 -17.63 18.08 9.65
N GLU A 533 -16.31 18.07 9.63
CA GLU A 533 -15.54 17.09 8.88
C GLU A 533 -14.45 16.51 9.79
N ILE A 534 -14.37 15.19 9.85
CA ILE A 534 -13.46 14.49 10.76
C ILE A 534 -12.45 13.73 9.92
N LEU A 535 -11.16 13.91 10.24
CA LEU A 535 -10.10 13.27 9.49
C LEU A 535 -9.09 12.62 10.42
N PRO A 536 -8.77 11.34 10.23
CA PRO A 536 -7.66 10.73 10.98
C PRO A 536 -6.34 11.40 10.64
N VAL A 537 -5.47 11.51 11.64
CA VAL A 537 -4.17 12.12 11.48
C VAL A 537 -3.03 11.13 11.75
N SER A 538 -3.18 10.29 12.79
CA SER A 538 -2.13 9.36 13.16
C SER A 538 -2.78 8.11 13.74
N MET A 539 -1.94 7.11 14.05
CA MET A 539 -2.40 5.89 14.69
C MET A 539 -1.43 5.55 15.82
N THR A 540 -1.75 4.49 16.54
CA THR A 540 -0.92 4.06 17.66
C THR A 540 0.46 3.68 17.17
N LYS A 541 1.48 4.05 17.95
CA LYS A 541 2.87 3.75 17.63
C LYS A 541 3.25 2.42 18.29
N THR A 542 2.92 1.32 17.62
CA THR A 542 3.20 0.02 18.17
C THR A 542 4.63 -0.41 17.85
N SER A 543 5.22 -1.17 18.77
CA SER A 543 6.52 -1.77 18.56
C SER A 543 6.46 -3.20 19.09
N VAL A 544 7.18 -4.10 18.43
CA VAL A 544 7.12 -5.53 18.75
C VAL A 544 8.54 -6.04 18.95
N ASP A 545 8.75 -6.73 20.06
CA ASP A 545 10.01 -7.43 20.31
C ASP A 545 9.87 -8.83 19.73
N CYS A 546 10.36 -9.00 18.51
CA CYS A 546 10.22 -10.27 17.82
C CYS A 546 10.69 -11.44 18.68
N THR A 547 11.82 -11.29 19.35
CA THR A 547 12.38 -12.39 20.14
C THR A 547 11.41 -12.81 21.24
N MET A 548 10.85 -11.84 21.97
CA MET A 548 9.90 -12.18 23.02
C MET A 548 8.60 -12.72 22.43
N TYR A 549 8.25 -12.29 21.22
CA TYR A 549 7.00 -12.73 20.62
C TYR A 549 7.08 -14.19 20.20
N ILE A 550 8.18 -14.58 19.55
CA ILE A 550 8.31 -15.91 19.00
C ILE A 550 8.91 -16.85 20.05
N CYS A 551 10.11 -16.51 20.52
CA CYS A 551 10.92 -17.40 21.35
C CYS A 551 11.01 -16.90 22.79
N GLY A 552 9.91 -16.43 23.34
CA GLY A 552 9.91 -15.89 24.68
C GLY A 552 10.54 -16.81 25.71
N ASP A 553 11.69 -16.41 26.24
CA ASP A 553 12.40 -17.17 27.28
C ASP A 553 12.79 -18.55 26.78
N SER A 554 13.57 -18.61 25.71
CA SER A 554 14.12 -19.87 25.21
C SER A 554 15.38 -19.56 24.42
N THR A 555 16.55 -19.82 25.01
CA THR A 555 17.80 -19.57 24.33
C THR A 555 17.94 -20.45 23.09
N GLU A 556 17.52 -21.72 23.19
CA GLU A 556 17.57 -22.60 22.04
C GLU A 556 16.69 -22.08 20.91
N CYS A 557 15.51 -21.58 21.25
CA CYS A 557 14.61 -21.05 20.23
C CYS A 557 15.21 -19.81 19.57
N SER A 558 15.90 -18.97 20.35
CA SER A 558 16.58 -17.82 19.77
C SER A 558 17.70 -18.27 18.83
N ASN A 559 18.45 -19.29 19.23
CA ASN A 559 19.48 -19.84 18.35
C ASN A 559 18.87 -20.32 17.05
N LEU A 560 17.72 -20.99 17.13
CA LEU A 560 17.02 -21.40 15.91
C LEU A 560 16.60 -20.20 15.07
N LEU A 561 16.07 -19.16 15.72
CA LEU A 561 15.76 -17.93 14.98
C LEU A 561 16.96 -17.42 14.22
N LEU A 562 18.16 -17.53 14.80
CA LEU A 562 19.33 -16.97 14.16
C LEU A 562 19.53 -17.51 12.75
N GLN A 563 19.08 -18.73 12.47
CA GLN A 563 19.26 -19.30 11.14
C GLN A 563 18.40 -18.62 10.08
N TYR A 564 17.35 -17.90 10.49
CA TYR A 564 16.44 -17.28 9.53
C TYR A 564 16.90 -15.92 9.04
N GLY A 565 18.10 -15.49 9.41
CA GLY A 565 18.64 -14.25 8.89
C GLY A 565 18.35 -13.05 9.78
N SER A 566 18.01 -11.93 9.18
CA SER A 566 17.77 -10.67 9.89
C SER A 566 16.33 -10.20 9.71
N PHE A 567 15.38 -11.13 9.78
CA PHE A 567 13.98 -10.74 9.69
C PHE A 567 13.59 -9.82 10.84
N CYS A 568 14.10 -10.10 12.04
CA CYS A 568 13.76 -9.29 13.20
C CYS A 568 14.15 -7.84 13.01
N THR A 569 15.38 -7.60 12.53
CA THR A 569 15.84 -6.24 12.32
C THR A 569 14.98 -5.54 11.29
N GLN A 570 14.61 -6.24 10.22
CA GLN A 570 13.76 -5.65 9.19
C GLN A 570 12.41 -5.24 9.76
N LEU A 571 11.78 -6.13 10.54
CA LEU A 571 10.47 -5.81 11.09
C LEU A 571 10.56 -4.63 12.06
N ASN A 572 11.59 -4.61 12.90
CA ASN A 572 11.76 -3.50 13.82
C ASN A 572 11.97 -2.20 13.06
N ARG A 573 12.78 -2.22 12.00
CA ARG A 573 12.96 -1.02 11.19
C ARG A 573 11.64 -0.53 10.62
N ALA A 574 10.83 -1.45 10.09
CA ALA A 574 9.55 -1.04 9.52
C ALA A 574 8.66 -0.38 10.56
N LEU A 575 8.55 -1.00 11.74
CA LEU A 575 7.66 -0.44 12.75
C LEU A 575 8.18 0.90 13.26
N THR A 576 9.50 1.04 13.44
CA THR A 576 10.06 2.31 13.88
C THR A 576 9.79 3.39 12.84
N GLY A 577 9.96 3.07 11.56
CA GLY A 577 9.63 4.03 10.52
C GLY A 577 8.18 4.46 10.57
N ILE A 578 7.28 3.49 10.81
CA ILE A 578 5.86 3.83 10.91
C ILE A 578 5.63 4.81 12.05
N ALA A 579 6.23 4.55 13.21
CA ALA A 579 6.02 5.44 14.35
C ALA A 579 6.54 6.85 14.07
N VAL A 580 7.74 6.94 13.52
CA VAL A 580 8.31 8.24 13.19
C VAL A 580 7.40 8.96 12.21
N GLU A 581 6.85 8.23 11.24
CA GLU A 581 5.93 8.84 10.29
C GLU A 581 4.67 9.34 10.97
N GLN A 582 4.17 8.63 11.99
CA GLN A 582 3.00 9.13 12.71
C GLN A 582 3.31 10.46 13.39
N ASP A 583 4.46 10.55 14.06
CA ASP A 583 4.86 11.82 14.66
C ASP A 583 4.94 12.91 13.61
N LYS A 584 5.52 12.59 12.45
CA LYS A 584 5.62 13.56 11.37
C LYS A 584 4.24 14.00 10.90
N ASN A 585 3.29 13.07 10.82
CA ASN A 585 1.94 13.41 10.38
C ASN A 585 1.31 14.42 11.32
N THR A 586 1.39 14.15 12.62
CA THR A 586 0.82 15.10 13.57
C THR A 586 1.49 16.46 13.46
N GLN A 587 2.82 16.47 13.36
CA GLN A 587 3.55 17.72 13.22
C GLN A 587 3.07 18.50 12.00
N GLU A 588 2.94 17.82 10.87
CA GLU A 588 2.50 18.49 9.65
C GLU A 588 1.11 19.07 9.80
N VAL A 589 0.18 18.30 10.37
CA VAL A 589 -1.20 18.76 10.43
C VAL A 589 -1.33 19.96 11.35
N PHE A 590 -0.76 19.89 12.55
CA PHE A 590 -1.06 20.91 13.55
C PHE A 590 -0.04 22.04 13.62
N ALA A 591 1.25 21.74 13.49
CA ALA A 591 2.29 22.75 13.64
C ALA A 591 2.45 23.53 12.34
N GLN A 592 1.44 24.34 12.04
CA GLN A 592 1.44 25.21 10.86
C GLN A 592 1.42 26.68 11.25
N VAL A 593 1.69 26.97 12.52
CA VAL A 593 1.65 28.34 13.03
C VAL A 593 2.99 28.66 13.67
N LYS A 594 3.53 29.83 13.33
CA LYS A 594 4.86 30.20 13.81
C LYS A 594 4.84 30.56 15.29
N GLN A 595 3.78 31.18 15.78
CA GLN A 595 3.70 31.65 17.15
C GLN A 595 2.41 31.17 17.80
N ILE A 596 2.38 31.23 19.12
CA ILE A 596 1.21 30.84 19.89
C ILE A 596 0.38 32.10 20.15
N TYR A 597 -0.67 32.30 19.37
CA TYR A 597 -1.53 33.45 19.51
C TYR A 597 -2.57 33.21 20.60
N LYS A 598 -2.98 34.29 21.25
CA LYS A 598 -3.97 34.22 22.31
C LYS A 598 -5.03 35.29 22.11
N THR A 599 -6.28 34.94 22.40
CA THR A 599 -7.40 35.86 22.24
C THR A 599 -7.38 36.91 23.35
N PRO A 600 -7.96 38.09 23.08
CA PRO A 600 -7.98 39.13 24.10
C PRO A 600 -8.89 38.74 25.25
N PRO A 601 -8.67 39.29 26.45
CA PRO A 601 -9.57 38.97 27.57
C PRO A 601 -10.99 39.42 27.34
N ILE A 602 -11.23 40.42 26.49
CA ILE A 602 -12.56 40.94 26.21
C ILE A 602 -13.09 40.22 24.98
N LYS A 603 -14.22 39.53 25.14
CA LYS A 603 -14.82 38.78 24.04
C LYS A 603 -15.91 39.62 23.39
N ASP A 604 -15.47 40.65 22.67
CA ASP A 604 -16.35 41.56 21.95
C ASP A 604 -16.03 41.43 20.47
N PHE A 605 -16.73 40.52 19.79
CA PHE A 605 -16.53 40.26 18.38
C PHE A 605 -17.75 40.63 17.55
N GLY A 606 -18.45 41.70 17.94
CA GLY A 606 -19.59 42.16 17.17
C GLY A 606 -20.80 41.27 17.23
N GLY A 607 -20.96 40.49 18.30
CA GLY A 607 -22.11 39.63 18.48
C GLY A 607 -21.84 38.17 18.18
N PHE A 608 -20.65 37.81 17.73
CA PHE A 608 -20.29 36.43 17.46
C PHE A 608 -19.78 35.79 18.74
N ASN A 609 -20.34 34.64 19.11
CA ASN A 609 -19.99 33.95 20.34
C ASN A 609 -19.19 32.71 19.98
N PHE A 610 -17.92 32.67 20.37
CA PHE A 610 -17.02 31.55 20.11
C PHE A 610 -16.83 30.66 21.33
N SER A 611 -17.66 30.82 22.35
CA SER A 611 -17.47 30.07 23.59
C SER A 611 -17.43 28.56 23.36
N GLN A 612 -18.20 28.05 22.40
CA GLN A 612 -18.26 26.63 22.15
C GLN A 612 -17.01 26.08 21.47
N ILE A 613 -16.15 26.93 20.93
CA ILE A 613 -14.94 26.48 20.26
C ILE A 613 -13.66 26.93 20.96
N LEU A 614 -13.70 28.01 21.72
CA LEU A 614 -12.47 28.44 22.39
C LEU A 614 -12.23 27.62 23.64
N PRO A 615 -10.98 27.56 24.11
CA PRO A 615 -10.69 26.78 25.32
C PRO A 615 -11.48 27.29 26.51
N ASP A 616 -11.88 26.37 27.38
CA ASP A 616 -12.55 26.74 28.62
C ASP A 616 -11.50 27.00 29.68
N PRO A 617 -11.34 28.26 30.13
CA PRO A 617 -10.24 28.55 31.07
C PRO A 617 -10.33 27.81 32.38
N SER A 618 -11.53 27.46 32.85
CA SER A 618 -11.68 26.80 34.14
C SER A 618 -11.21 25.36 34.13
N LYS A 619 -11.33 24.66 33.01
CA LYS A 619 -10.96 23.26 32.95
C LYS A 619 -9.46 23.11 33.13
N PRO A 620 -8.98 22.14 33.93
CA PRO A 620 -7.52 21.97 34.08
C PRO A 620 -6.81 21.76 32.76
N SER A 621 -7.40 20.97 31.86
CA SER A 621 -6.90 20.80 30.49
C SER A 621 -7.74 21.70 29.60
N LYS A 622 -7.10 22.69 28.99
CA LYS A 622 -7.85 23.73 28.30
C LYS A 622 -8.42 23.21 26.99
N ARG A 623 -9.47 22.41 27.08
CA ARG A 623 -10.21 21.91 25.94
C ARG A 623 -11.51 22.70 25.79
N SER A 624 -11.92 22.91 24.55
CA SER A 624 -13.21 23.52 24.29
C SER A 624 -14.33 22.51 24.54
N PRO A 625 -15.55 22.98 24.78
CA PRO A 625 -16.66 22.04 24.99
C PRO A 625 -16.82 21.02 23.87
N ILE A 626 -16.66 21.46 22.62
CA ILE A 626 -16.75 20.53 21.50
C ILE A 626 -15.62 19.52 21.57
N GLU A 627 -14.41 19.96 21.93
CA GLU A 627 -13.31 19.04 22.10
C GLU A 627 -13.59 18.06 23.22
N ASP A 628 -14.23 18.52 24.31
CA ASP A 628 -14.61 17.61 25.38
C ASP A 628 -15.59 16.54 24.89
N LEU A 629 -16.59 16.96 24.10
CA LEU A 629 -17.50 15.98 23.54
C LEU A 629 -16.76 14.98 22.66
N LEU A 630 -15.84 15.48 21.83
CA LEU A 630 -15.10 14.58 20.93
C LEU A 630 -14.27 13.58 21.70
N PHE A 631 -13.60 14.02 22.76
CA PHE A 631 -12.74 13.12 23.52
C PHE A 631 -13.53 12.15 24.38
N ASN A 632 -14.70 12.56 24.88
CA ASN A 632 -15.52 11.62 25.64
C ASN A 632 -15.99 10.45 24.78
N LYS A 633 -16.39 10.71 23.54
CA LYS A 633 -16.82 9.65 22.64
C LYS A 633 -15.68 8.68 22.37
N LYS A 662 -0.80 -9.15 24.70
CA LYS A 662 -0.83 -7.90 25.45
C LYS A 662 0.58 -7.56 25.93
N PHE A 663 1.26 -8.53 26.52
CA PHE A 663 2.63 -8.39 26.99
C PHE A 663 3.51 -9.51 26.45
N ASN A 664 3.37 -9.80 25.16
CA ASN A 664 4.16 -10.84 24.48
C ASN A 664 5.24 -10.21 23.62
N GLY A 665 5.83 -9.13 24.11
CA GLY A 665 6.75 -8.34 23.32
C GLY A 665 6.13 -7.15 22.63
N LEU A 666 4.85 -6.89 22.86
CA LEU A 666 4.14 -5.78 22.26
C LEU A 666 4.15 -4.58 23.21
N THR A 667 4.46 -3.40 22.66
CA THR A 667 4.50 -2.19 23.46
C THR A 667 3.96 -1.04 22.62
N VAL A 668 3.47 -0.02 23.30
CA VAL A 668 2.92 1.18 22.67
C VAL A 668 3.76 2.37 23.10
N LEU A 669 4.33 3.08 22.13
CA LEU A 669 5.15 4.24 22.41
C LEU A 669 4.27 5.49 22.52
N PRO A 670 4.53 6.38 23.48
CA PRO A 670 3.70 7.59 23.57
C PRO A 670 4.00 8.54 22.41
N PRO A 671 2.99 9.24 21.92
CA PRO A 671 3.25 10.21 20.85
C PRO A 671 4.06 11.39 21.36
N LEU A 672 4.84 11.98 20.45
CA LEU A 672 5.72 13.07 20.83
C LEU A 672 4.93 14.25 21.41
N LEU A 673 3.84 14.62 20.74
CA LEU A 673 3.01 15.73 21.20
C LEU A 673 1.87 15.21 22.04
N THR A 674 1.83 15.62 23.30
CA THR A 674 0.72 15.27 24.18
C THR A 674 -0.54 15.95 23.70
N ASP A 675 -1.69 15.44 24.15
CA ASP A 675 -2.96 16.04 23.78
C ASP A 675 -3.01 17.51 24.18
N GLU A 676 -2.35 17.85 25.28
CA GLU A 676 -2.32 19.26 25.72
C GLU A 676 -1.61 20.13 24.70
N MET A 677 -0.50 19.65 24.12
CA MET A 677 0.22 20.44 23.13
C MET A 677 -0.64 20.63 21.87
N ILE A 678 -1.34 19.58 21.45
CA ILE A 678 -2.22 19.70 20.30
C ILE A 678 -3.34 20.70 20.59
N ALA A 679 -3.86 20.68 21.81
CA ALA A 679 -4.86 21.67 22.19
C ALA A 679 -4.29 23.08 22.14
N GLN A 680 -3.04 23.24 22.58
CA GLN A 680 -2.39 24.55 22.49
C GLN A 680 -2.28 25.01 21.04
N TYR A 681 -1.86 24.11 20.15
CA TYR A 681 -1.77 24.48 18.74
C TYR A 681 -3.14 24.87 18.18
N THR A 682 -4.17 24.10 18.50
CA THR A 682 -5.50 24.43 18.02
C THR A 682 -5.97 25.78 18.55
N SER A 683 -5.68 26.06 19.83
CA SER A 683 -6.04 27.35 20.40
C SER A 683 -5.31 28.48 19.69
N ALA A 684 -4.03 28.27 19.39
CA ALA A 684 -3.27 29.29 18.67
C ALA A 684 -3.90 29.55 17.30
N LEU A 685 -4.27 28.49 16.59
CA LEU A 685 -4.90 28.66 15.29
C LEU A 685 -6.22 29.41 15.39
N LEU A 686 -7.04 29.04 16.38
CA LEU A 686 -8.33 29.72 16.55
C LEU A 686 -8.13 31.20 16.87
N ALA A 687 -7.21 31.50 17.79
CA ALA A 687 -6.95 32.90 18.13
C ALA A 687 -6.47 33.67 16.92
N GLY A 688 -5.56 33.09 16.14
CA GLY A 688 -5.07 33.77 14.96
C GLY A 688 -6.20 34.05 13.97
N THR A 689 -7.03 33.05 13.72
CA THR A 689 -8.14 33.23 12.78
C THR A 689 -9.10 34.30 13.26
N ILE A 690 -9.43 34.29 14.56
CA ILE A 690 -10.42 35.22 15.06
C ILE A 690 -9.89 36.64 15.07
N THR A 691 -8.63 36.83 15.47
CA THR A 691 -8.11 38.18 15.67
C THR A 691 -7.44 38.77 14.45
N SER A 692 -7.04 37.95 13.47
CA SER A 692 -6.29 38.47 12.33
C SER A 692 -6.71 37.87 11.00
N GLY A 693 -7.86 37.21 10.92
CA GLY A 693 -8.29 36.66 9.64
C GLY A 693 -7.25 35.68 9.12
N TRP A 694 -6.94 35.80 7.82
CA TRP A 694 -5.97 34.92 7.18
C TRP A 694 -4.59 35.54 7.07
N THR A 695 -4.39 36.74 7.62
CA THR A 695 -3.09 37.40 7.47
C THR A 695 -1.98 36.62 8.17
N PHE A 696 -2.26 36.05 9.35
CA PHE A 696 -1.23 35.34 10.09
C PHE A 696 -0.74 34.10 9.36
N GLY A 697 -1.50 33.62 8.36
CA GLY A 697 -1.05 32.49 7.57
C GLY A 697 -0.10 32.83 6.44
N ALA A 698 0.07 34.12 6.15
CA ALA A 698 0.97 34.57 5.09
C ALA A 698 2.24 35.19 5.66
N GLY A 699 2.11 36.18 6.53
CA GLY A 699 3.24 36.82 7.15
C GLY A 699 2.96 37.22 8.58
N PRO A 700 3.31 38.45 8.93
CA PRO A 700 3.01 38.96 10.27
C PRO A 700 1.50 39.03 10.47
N ALA A 701 1.04 38.57 11.63
CA ALA A 701 -0.39 38.60 11.93
C ALA A 701 -0.85 40.03 12.09
N LEU A 702 -1.90 40.40 11.36
CA LEU A 702 -2.43 41.75 11.35
C LEU A 702 -3.83 41.73 11.95
N GLN A 703 -4.05 42.51 13.00
CA GLN A 703 -5.35 42.53 13.64
C GLN A 703 -6.38 43.22 12.75
N ILE A 704 -7.64 42.83 12.92
CA ILE A 704 -8.73 43.42 12.16
C ILE A 704 -10.04 43.13 12.91
N PRO A 705 -10.97 44.09 13.00
CA PRO A 705 -12.25 43.78 13.65
C PRO A 705 -12.93 42.61 12.95
N PHE A 706 -13.54 41.74 13.77
CA PHE A 706 -14.10 40.51 13.20
C PHE A 706 -15.22 40.82 12.21
N PRO A 707 -15.99 41.88 12.47
CA PRO A 707 -17.03 42.25 11.52
C PRO A 707 -16.45 42.58 10.16
N MET A 708 -15.36 43.34 10.13
CA MET A 708 -14.71 43.66 8.86
C MET A 708 -14.12 42.41 8.21
N GLN A 709 -13.59 41.50 9.02
CA GLN A 709 -13.09 40.24 8.48
C GLN A 709 -14.22 39.49 7.78
N MET A 710 -15.38 39.38 8.43
CA MET A 710 -16.50 38.70 7.81
C MET A 710 -16.99 39.44 6.58
N ALA A 711 -16.88 40.76 6.56
CA ALA A 711 -17.20 41.52 5.36
C ALA A 711 -16.29 41.12 4.21
N TYR A 712 -14.99 40.96 4.50
CA TYR A 712 -14.09 40.49 3.45
C TYR A 712 -14.45 39.09 3.00
N ARG A 713 -14.80 38.22 3.95
CA ARG A 713 -15.23 36.87 3.59
C ARG A 713 -16.41 36.93 2.63
N PHE A 714 -17.39 37.79 2.91
CA PHE A 714 -18.53 37.94 2.02
C PHE A 714 -18.10 38.43 0.64
N ASN A 715 -17.21 39.43 0.60
CA ASN A 715 -16.71 39.88 -0.69
C ASN A 715 -16.05 38.74 -1.45
N GLY A 716 -15.43 37.80 -0.74
CA GLY A 716 -14.77 36.70 -1.40
C GLY A 716 -15.73 35.83 -2.19
N ILE A 717 -16.94 35.64 -1.66
CA ILE A 717 -17.92 34.75 -2.29
C ILE A 717 -18.81 35.54 -3.25
N GLY A 718 -18.45 36.80 -3.50
CA GLY A 718 -19.17 37.59 -4.47
C GLY A 718 -20.39 38.30 -3.95
N VAL A 719 -20.50 38.51 -2.64
CA VAL A 719 -21.60 39.23 -2.03
C VAL A 719 -21.08 40.57 -1.55
N THR A 720 -21.73 41.66 -1.96
CA THR A 720 -21.29 42.99 -1.56
C THR A 720 -21.27 43.10 -0.05
N GLN A 721 -20.23 43.75 0.48
CA GLN A 721 -20.02 43.76 1.92
C GLN A 721 -21.11 44.52 2.66
N ASN A 722 -21.79 45.45 2.01
CA ASN A 722 -22.89 46.14 2.69
C ASN A 722 -23.94 45.17 3.21
N VAL A 723 -24.10 44.02 2.57
CA VAL A 723 -25.07 43.04 3.05
C VAL A 723 -24.75 42.64 4.48
N LEU A 724 -23.48 42.33 4.76
CA LEU A 724 -23.11 41.92 6.10
C LEU A 724 -23.30 43.06 7.10
N TYR A 725 -22.91 44.27 6.73
CA TYR A 725 -23.04 45.38 7.67
C TYR A 725 -24.50 45.69 7.96
N GLU A 726 -25.39 45.40 7.02
CA GLU A 726 -26.81 45.63 7.23
C GLU A 726 -27.52 44.45 7.88
N ASN A 727 -26.92 43.26 7.87
CA ASN A 727 -27.53 42.09 8.49
C ASN A 727 -26.60 41.47 9.54
N GLN A 728 -25.76 42.29 10.17
CA GLN A 728 -24.78 41.78 11.12
C GLN A 728 -25.44 41.01 12.26
N LYS A 729 -26.49 41.56 12.85
CA LYS A 729 -27.10 40.89 14.01
C LYS A 729 -27.69 39.56 13.60
N LEU A 730 -28.38 39.52 12.46
CA LEU A 730 -28.97 38.27 11.98
C LEU A 730 -27.89 37.25 11.69
N ILE A 731 -26.80 37.68 11.06
CA ILE A 731 -25.71 36.75 10.74
C ILE A 731 -25.09 36.20 12.01
N ALA A 732 -24.89 37.06 13.01
CA ALA A 732 -24.32 36.59 14.27
C ALA A 732 -25.26 35.58 14.94
N ASN A 733 -26.56 35.85 14.93
CA ASN A 733 -27.50 34.92 15.53
C ASN A 733 -27.47 33.57 14.81
N GLN A 734 -27.44 33.60 13.47
CA GLN A 734 -27.39 32.34 12.73
C GLN A 734 -26.11 31.58 13.03
N PHE A 735 -24.99 32.28 13.10
CA PHE A 735 -23.72 31.62 13.40
C PHE A 735 -23.75 30.96 14.77
N ASN A 736 -24.25 31.69 15.77
CA ASN A 736 -24.31 31.13 17.12
C ASN A 736 -25.25 29.92 17.16
N SER A 737 -26.39 30.02 16.49
CA SER A 737 -27.32 28.89 16.47
C SER A 737 -26.70 27.67 15.80
N ALA A 738 -25.96 27.88 14.71
CA ALA A 738 -25.33 26.76 14.03
C ALA A 738 -24.28 26.11 14.91
N ILE A 739 -23.49 26.92 15.63
CA ILE A 739 -22.49 26.34 16.54
C ILE A 739 -23.17 25.53 17.63
N GLY A 740 -24.25 26.07 18.21
CA GLY A 740 -25.00 25.31 19.20
C GLY A 740 -25.54 24.01 18.65
N LYS A 741 -26.02 24.04 17.41
CA LYS A 741 -26.52 22.82 16.78
C LYS A 741 -25.40 21.80 16.60
N ILE A 742 -24.20 22.26 16.25
CA ILE A 742 -23.06 21.35 16.17
C ILE A 742 -22.82 20.70 17.53
N GLN A 743 -22.82 21.52 18.59
CA GLN A 743 -22.65 20.99 19.94
C GLN A 743 -23.66 19.89 20.22
N ASP A 744 -24.94 20.18 19.98
CA ASP A 744 -25.99 19.21 20.29
C ASP A 744 -25.86 17.95 19.44
N SER A 745 -25.55 18.12 18.15
CA SER A 745 -25.43 16.96 17.26
C SER A 745 -24.30 16.05 17.72
N LEU A 746 -23.16 16.62 18.08
CA LEU A 746 -22.07 15.80 18.58
C LEU A 746 -22.44 15.14 19.90
N SER A 747 -23.17 15.86 20.77
CA SER A 747 -23.58 15.25 22.03
C SER A 747 -24.47 14.04 21.80
N SER A 748 -25.46 14.18 20.91
CA SER A 748 -26.39 13.07 20.66
C SER A 748 -25.73 11.97 19.84
N THR A 749 -25.02 12.35 18.78
CA THR A 749 -24.42 11.37 17.87
C THR A 749 -22.91 11.48 17.87
N SER A 751 -22.36 7.99 16.49
CA SER A 751 -21.66 7.48 15.32
C SER A 751 -21.07 8.63 14.50
N ALA A 752 -20.95 9.80 15.12
CA ALA A 752 -20.41 10.95 14.41
C ALA A 752 -18.96 10.71 13.99
N LEU A 753 -18.16 10.15 14.88
CA LEU A 753 -16.76 9.84 14.58
C LEU A 753 -16.75 8.57 13.74
N GLY A 754 -16.44 8.73 12.46
CA GLY A 754 -16.51 7.62 11.52
C GLY A 754 -15.16 6.99 11.23
N LYS A 755 -14.58 7.35 10.09
CA LYS A 755 -13.32 6.74 9.65
C LYS A 755 -12.29 6.70 10.77
N LEU A 756 -12.35 7.66 11.69
CA LEU A 756 -11.41 7.67 12.82
C LEU A 756 -11.61 6.44 13.70
N GLN A 757 -12.85 6.20 14.13
CA GLN A 757 -13.13 5.02 14.94
C GLN A 757 -12.83 3.76 14.15
N ASP A 758 -13.02 3.79 12.84
CA ASP A 758 -12.68 2.64 12.00
C ASP A 758 -11.19 2.35 12.07
N VAL A 759 -10.35 3.39 12.00
CA VAL A 759 -8.91 3.20 12.11
C VAL A 759 -8.56 2.59 13.45
N VAL A 760 -9.15 3.13 14.53
CA VAL A 760 -8.84 2.61 15.86
C VAL A 760 -9.23 1.14 15.96
N ASN A 761 -10.42 0.80 15.46
CA ASN A 761 -10.88 -0.57 15.53
C ASN A 761 -10.01 -1.50 14.70
N GLN A 762 -9.58 -1.04 13.52
CA GLN A 762 -8.71 -1.87 12.69
C GLN A 762 -7.40 -2.16 13.40
N ASN A 763 -6.80 -1.15 14.02
CA ASN A 763 -5.55 -1.38 14.73
C ASN A 763 -5.76 -2.35 15.90
N ALA A 764 -6.84 -2.17 16.66
CA ALA A 764 -7.10 -3.07 17.78
C ALA A 764 -7.29 -4.50 17.30
N GLN A 765 -8.04 -4.68 16.21
CA GLN A 765 -8.27 -6.02 15.67
C GLN A 765 -6.98 -6.64 15.17
N ALA A 766 -6.11 -5.86 14.52
CA ALA A 766 -4.84 -6.40 14.07
C ALA A 766 -4.01 -6.89 15.24
N LEU A 767 -3.93 -6.09 16.31
CA LEU A 767 -3.19 -6.54 17.49
C LEU A 767 -3.82 -7.79 18.10
N ASN A 768 -5.15 -7.84 18.16
CA ASN A 768 -5.80 -9.01 18.74
C ASN A 768 -5.50 -10.27 17.93
N THR A 769 -5.56 -10.16 16.60
CA THR A 769 -5.23 -11.30 15.75
C THR A 769 -3.79 -11.74 15.96
N LEU A 770 -2.87 -10.76 16.03
CA LEU A 770 -1.47 -11.11 16.23
C LEU A 770 -1.28 -11.87 17.55
N VAL A 771 -1.95 -11.41 18.61
CA VAL A 771 -1.81 -12.08 19.90
C VAL A 771 -2.42 -13.47 19.84
N LYS A 772 -3.60 -13.59 19.23
CA LYS A 772 -4.29 -14.88 19.18
C LYS A 772 -3.50 -15.90 18.38
N GLN A 773 -2.75 -15.45 17.37
CA GLN A 773 -1.98 -16.40 16.57
C GLN A 773 -0.95 -17.17 17.39
N LEU A 774 -0.59 -16.66 18.58
CA LEU A 774 0.37 -17.37 19.41
C LEU A 774 -0.18 -18.70 19.89
N SER A 775 -1.48 -18.78 20.14
CA SER A 775 -2.08 -20.00 20.70
C SER A 775 -2.21 -21.12 19.66
N SER A 776 -2.04 -20.82 18.38
CA SER A 776 -2.16 -21.85 17.36
C SER A 776 -0.92 -22.74 17.35
N ASN A 777 -1.03 -23.87 16.65
CA ASN A 777 0.04 -24.86 16.59
C ASN A 777 0.79 -24.87 15.27
N PHE A 778 0.14 -24.50 14.17
CA PHE A 778 0.76 -24.56 12.84
C PHE A 778 1.21 -25.97 12.49
N GLY A 779 0.53 -26.97 13.05
CA GLY A 779 0.88 -28.36 12.85
C GLY A 779 1.75 -28.96 13.93
N ALA A 780 2.34 -28.13 14.79
CA ALA A 780 3.19 -28.65 15.85
C ALA A 780 2.36 -29.36 16.91
N ILE A 781 3.04 -30.21 17.68
CA ILE A 781 2.33 -31.00 18.69
C ILE A 781 1.71 -30.12 19.77
N SER A 782 2.28 -28.96 20.05
CA SER A 782 1.76 -28.09 21.09
C SER A 782 2.10 -26.64 20.76
N SER A 783 1.32 -25.72 21.32
CA SER A 783 1.56 -24.29 21.13
C SER A 783 2.44 -23.70 22.22
N VAL A 784 2.84 -24.47 23.22
CA VAL A 784 3.67 -23.99 24.32
C VAL A 784 5.10 -24.45 24.06
N LEU A 785 6.04 -23.49 24.07
CA LEU A 785 7.41 -23.79 23.71
C LEU A 785 8.07 -24.69 24.74
N ASN A 786 7.87 -24.36 26.02
CA ASN A 786 8.48 -25.15 27.10
C ASN A 786 7.94 -26.57 27.11
N ASP A 787 6.66 -26.75 26.77
CA ASP A 787 6.10 -28.09 26.66
C ASP A 787 6.92 -28.93 25.69
N ILE A 788 7.13 -28.41 24.48
CA ILE A 788 7.90 -29.15 23.48
C ILE A 788 9.32 -29.38 23.98
N LEU A 789 9.92 -28.36 24.59
CA LEU A 789 11.29 -28.50 25.07
C LEU A 789 11.41 -29.62 26.10
N SER A 790 10.43 -29.73 26.99
CA SER A 790 10.49 -30.67 28.10
C SER A 790 9.91 -32.04 27.80
N ARG A 791 9.26 -32.22 26.65
CA ARG A 791 8.71 -33.53 26.31
C ARG A 791 9.44 -34.26 25.20
N LEU A 792 10.23 -33.56 24.39
CA LEU A 792 10.93 -34.19 23.27
C LEU A 792 12.43 -33.98 23.37
N ASP A 793 13.17 -34.89 22.73
CA ASP A 793 14.61 -34.75 22.64
C ASP A 793 14.97 -33.66 21.62
N PRO A 794 16.19 -33.14 21.67
CA PRO A 794 16.55 -32.01 20.79
C PRO A 794 16.29 -32.33 19.33
N PRO A 795 16.58 -33.55 18.86
CA PRO A 795 16.34 -33.84 17.43
C PRO A 795 14.91 -33.61 16.98
N GLU A 796 13.93 -33.91 17.82
CA GLU A 796 12.52 -33.70 17.50
C GLU A 796 12.01 -32.35 17.99
N ALA A 797 12.48 -31.93 19.16
CA ALA A 797 12.13 -30.62 19.67
C ALA A 797 12.50 -29.53 18.68
N GLU A 798 13.66 -29.65 18.04
CA GLU A 798 14.08 -28.61 17.09
C GLU A 798 13.15 -28.55 15.89
N VAL A 799 12.70 -29.69 15.39
CA VAL A 799 11.75 -29.68 14.28
C VAL A 799 10.46 -28.98 14.69
N GLN A 800 9.94 -29.33 15.86
CA GLN A 800 8.69 -28.71 16.32
C GLN A 800 8.88 -27.20 16.52
N ILE A 801 10.01 -26.80 17.11
CA ILE A 801 10.28 -25.39 17.34
C ILE A 801 10.43 -24.66 16.01
N ASP A 802 11.01 -25.31 15.01
CA ASP A 802 11.14 -24.70 13.70
C ASP A 802 9.76 -24.46 13.10
N ARG A 803 8.86 -25.43 13.24
CA ARG A 803 7.50 -25.25 12.76
C ARG A 803 6.83 -24.05 13.43
N LEU A 804 6.92 -23.99 14.76
CA LEU A 804 6.31 -22.87 15.48
C LEU A 804 6.94 -21.54 15.08
N ILE A 805 8.26 -21.52 14.91
CA ILE A 805 8.95 -20.29 14.53
C ILE A 805 8.49 -19.82 13.17
N THR A 806 8.38 -20.75 12.22
CA THR A 806 7.91 -20.38 10.89
C THR A 806 6.52 -19.75 10.98
N GLY A 807 5.62 -20.40 11.72
CA GLY A 807 4.26 -19.87 11.83
C GLY A 807 4.24 -18.48 12.44
N ARG A 808 4.94 -18.29 13.56
CA ARG A 808 4.89 -17.01 14.25
C ARG A 808 5.58 -15.92 13.45
N LEU A 809 6.68 -16.24 12.77
CA LEU A 809 7.35 -15.27 11.93
C LEU A 809 6.47 -14.85 10.77
N GLN A 810 5.74 -15.80 10.18
CA GLN A 810 4.79 -15.44 9.12
C GLN A 810 3.72 -14.51 9.67
N SER A 811 3.22 -14.79 10.88
CA SER A 811 2.23 -13.92 11.47
C SER A 811 2.78 -12.50 11.65
N LEU A 812 4.00 -12.38 12.15
CA LEU A 812 4.60 -11.05 12.30
C LEU A 812 4.75 -10.34 10.96
N GLN A 813 5.19 -11.08 9.94
CA GLN A 813 5.36 -10.46 8.63
C GLN A 813 4.04 -9.94 8.08
N THR A 814 2.97 -10.73 8.22
CA THR A 814 1.66 -10.28 7.79
C THR A 814 1.23 -9.03 8.54
N TYR A 815 1.43 -9.03 9.86
CA TYR A 815 1.07 -7.87 10.66
C TYR A 815 1.82 -6.63 10.20
N VAL A 816 3.11 -6.76 9.96
CA VAL A 816 3.92 -5.60 9.58
C VAL A 816 3.51 -5.08 8.21
N THR A 817 3.23 -5.98 7.27
CA THR A 817 2.81 -5.54 5.94
C THR A 817 1.48 -4.80 6.01
N GLN A 818 0.52 -5.34 6.77
CA GLN A 818 -0.76 -4.65 6.90
C GLN A 818 -0.58 -3.30 7.59
N GLN A 819 0.30 -3.24 8.58
CA GLN A 819 0.58 -1.96 9.23
C GLN A 819 1.19 -0.96 8.27
N LEU A 820 2.07 -1.42 7.37
CA LEU A 820 2.62 -0.51 6.37
C LEU A 820 1.53 0.03 5.46
N ILE A 821 0.62 -0.84 5.03
CA ILE A 821 -0.46 -0.37 4.16
C ILE A 821 -1.33 0.67 4.89
N ARG A 822 -1.70 0.37 6.14
CA ARG A 822 -2.49 1.32 6.90
C ARG A 822 -1.73 2.62 7.13
N ALA A 823 -0.42 2.53 7.34
CA ALA A 823 0.38 3.73 7.54
C ALA A 823 0.37 4.60 6.29
N ALA A 824 0.47 3.99 5.11
CA ALA A 824 0.39 4.76 3.88
C ALA A 824 -0.97 5.43 3.75
N GLU A 825 -2.03 4.69 4.07
CA GLU A 825 -3.38 5.27 3.99
C GLU A 825 -3.51 6.47 4.92
N ILE A 826 -3.02 6.33 6.15
CA ILE A 826 -3.17 7.41 7.12
C ILE A 826 -2.23 8.56 6.80
N ARG A 827 -1.11 8.28 6.14
CA ARG A 827 -0.27 9.36 5.64
C ARG A 827 -1.01 10.18 4.59
N ALA A 828 -1.72 9.51 3.69
CA ALA A 828 -2.54 10.24 2.72
C ALA A 828 -3.60 11.07 3.44
N SER A 829 -4.26 10.47 4.44
CA SER A 829 -5.28 11.19 5.18
C SER A 829 -4.70 12.41 5.89
N ALA A 830 -3.52 12.28 6.47
CA ALA A 830 -2.90 13.39 7.17
C ALA A 830 -2.48 14.48 6.19
N ASN A 831 -2.03 14.09 4.99
CA ASN A 831 -1.73 15.09 3.97
C ASN A 831 -2.99 15.86 3.60
N LEU A 832 -4.11 15.17 3.44
CA LEU A 832 -5.36 15.85 3.15
C LEU A 832 -5.74 16.79 4.28
N ALA A 833 -5.57 16.35 5.53
CA ALA A 833 -5.91 17.19 6.67
C ALA A 833 -5.04 18.43 6.71
N ALA A 834 -3.74 18.29 6.43
CA ALA A 834 -2.85 19.44 6.40
C ALA A 834 -3.25 20.39 5.29
N THR A 835 -3.60 19.86 4.12
CA THR A 835 -4.04 20.72 3.03
C THR A 835 -5.29 21.49 3.42
N LYS A 836 -6.24 20.83 4.08
CA LYS A 836 -7.45 21.52 4.53
C LYS A 836 -7.13 22.57 5.59
N MET A 837 -6.21 22.27 6.51
CA MET A 837 -5.82 23.27 7.50
C MET A 837 -5.23 24.49 6.83
N SER A 838 -4.40 24.27 5.80
CA SER A 838 -3.74 25.39 5.14
C SER A 838 -4.73 26.21 4.31
N GLU A 839 -5.56 25.55 3.51
CA GLU A 839 -6.39 26.25 2.53
C GLU A 839 -7.75 26.65 3.06
N CYS A 840 -8.20 26.05 4.16
CA CYS A 840 -9.54 26.26 4.66
C CYS A 840 -9.55 27.06 5.97
N VAL A 841 -8.55 26.86 6.82
CA VAL A 841 -8.49 27.57 8.09
C VAL A 841 -7.63 28.83 7.97
N LEU A 842 -6.46 28.71 7.35
CA LEU A 842 -5.56 29.85 7.17
C LEU A 842 -5.94 30.70 5.97
N GLY A 843 -7.13 30.52 5.42
CA GLY A 843 -7.56 31.30 4.29
C GLY A 843 -8.96 30.94 3.88
N GLN A 844 -9.41 31.55 2.78
CA GLN A 844 -10.74 31.30 2.22
C GLN A 844 -10.57 30.56 0.90
N SER A 845 -11.25 29.43 0.77
CA SER A 845 -11.07 28.55 -0.38
C SER A 845 -12.22 28.71 -1.35
N LYS A 846 -11.89 28.82 -2.64
CA LYS A 846 -12.87 28.86 -3.70
C LYS A 846 -13.06 27.50 -4.36
N ARG A 847 -12.45 26.46 -3.82
CA ARG A 847 -12.64 25.10 -4.32
C ARG A 847 -14.00 24.59 -3.88
N VAL A 848 -14.85 24.23 -4.84
CA VAL A 848 -16.23 23.88 -4.51
C VAL A 848 -16.26 22.61 -3.68
N ASP A 849 -17.05 22.62 -2.62
CA ASP A 849 -17.29 21.46 -1.77
C ASP A 849 -16.02 20.96 -1.08
N PHE A 850 -14.92 21.70 -1.19
CA PHE A 850 -13.71 21.31 -0.49
C PHE A 850 -13.82 21.61 1.00
N CYS A 851 -14.69 22.55 1.38
CA CYS A 851 -14.90 22.96 2.76
C CYS A 851 -16.37 22.95 3.13
N GLY A 852 -17.07 21.87 2.80
CA GLY A 852 -18.48 21.77 3.10
C GLY A 852 -19.37 22.40 2.05
N LYS A 853 -20.65 22.11 2.15
CA LYS A 853 -21.62 22.62 1.20
C LYS A 853 -21.81 24.13 1.37
N GLY A 854 -22.08 24.80 0.26
CA GLY A 854 -22.21 26.23 0.24
C GLY A 854 -20.92 26.92 -0.16
N TYR A 855 -20.92 28.23 0.02
CA TYR A 855 -19.75 29.04 -0.28
C TYR A 855 -18.93 29.21 0.98
N HIS A 856 -17.68 28.77 0.94
CA HIS A 856 -16.85 28.75 2.14
C HIS A 856 -16.64 30.17 2.65
N LEU A 857 -17.01 30.39 3.92
CA LEU A 857 -16.67 31.62 4.62
C LEU A 857 -15.44 31.47 5.49
N MET A 858 -15.36 30.42 6.30
CA MET A 858 -14.17 30.19 7.11
C MET A 858 -14.26 28.81 7.73
N SER A 859 -13.26 28.47 8.52
CA SER A 859 -13.21 27.16 9.17
C SER A 859 -12.52 27.28 10.52
N PHE A 860 -12.86 26.37 11.43
CA PHE A 860 -12.31 26.35 12.76
C PHE A 860 -11.78 24.95 13.07
N PRO A 861 -10.54 24.80 13.51
CA PRO A 861 -10.03 23.47 13.84
C PRO A 861 -10.31 23.07 15.28
N GLN A 862 -10.40 21.77 15.50
CA GLN A 862 -10.59 21.18 16.82
C GLN A 862 -9.80 19.88 16.86
N SER A 863 -9.15 19.62 17.99
CA SER A 863 -8.43 18.37 18.13
C SER A 863 -9.39 17.23 18.41
N ALA A 864 -8.92 16.00 18.19
CA ALA A 864 -9.68 14.81 18.52
C ALA A 864 -8.72 13.65 18.65
N PRO A 865 -9.12 12.58 19.32
CA PRO A 865 -8.20 11.45 19.50
C PRO A 865 -7.62 10.97 18.17
N HIS A 866 -6.33 11.20 17.98
CA HIS A 866 -5.64 10.77 16.77
C HIS A 866 -6.30 11.34 15.51
N GLY A 867 -6.83 12.55 15.59
CA GLY A 867 -7.49 13.12 14.45
C GLY A 867 -7.83 14.58 14.64
N VAL A 868 -8.36 15.17 13.58
CA VAL A 868 -8.71 16.59 13.56
C VAL A 868 -10.13 16.75 13.07
N VAL A 869 -10.81 17.77 13.57
CA VAL A 869 -12.18 18.09 13.19
C VAL A 869 -12.21 19.51 12.68
N PHE A 870 -12.84 19.73 11.53
CA PHE A 870 -13.00 21.04 10.95
C PHE A 870 -14.47 21.44 11.01
N LEU A 871 -14.72 22.61 11.58
CA LEU A 871 -16.04 23.23 11.56
C LEU A 871 -16.03 24.25 10.43
N HIS A 872 -16.67 23.90 9.32
CA HIS A 872 -16.74 24.75 8.13
C HIS A 872 -17.97 25.64 8.21
N VAL A 873 -17.73 26.96 8.24
CA VAL A 873 -18.80 27.95 8.21
C VAL A 873 -18.93 28.43 6.78
N THR A 874 -20.12 28.25 6.21
CA THR A 874 -20.39 28.52 4.80
C THR A 874 -21.67 29.31 4.65
N TYR A 875 -21.81 29.95 3.49
CA TYR A 875 -22.95 30.78 3.15
C TYR A 875 -23.81 30.03 2.14
N VAL A 876 -25.10 29.89 2.43
CA VAL A 876 -26.01 29.11 1.58
C VAL A 876 -27.17 30.01 1.19
N PRO A 877 -27.43 30.22 -0.10
CA PRO A 877 -28.64 30.96 -0.50
C PRO A 877 -29.89 30.26 0.00
N ALA A 878 -30.89 31.04 0.40
CA ALA A 878 -32.03 30.50 1.12
C ALA A 878 -33.34 30.62 0.36
N GLN A 879 -33.75 31.82 -0.04
CA GLN A 879 -35.10 32.08 -0.54
C GLN A 879 -35.01 32.66 -1.93
N GLU A 880 -35.06 31.79 -2.94
CA GLU A 880 -34.96 32.24 -4.32
C GLU A 880 -36.30 32.69 -4.86
N LYS A 881 -36.24 33.67 -5.77
CA LYS A 881 -37.41 34.23 -6.42
C LYS A 881 -37.14 34.33 -7.91
N ASN A 882 -38.22 34.22 -8.70
CA ASN A 882 -38.13 34.27 -10.15
C ASN A 882 -38.13 35.72 -10.63
N PHE A 883 -37.37 35.98 -11.69
CA PHE A 883 -37.38 37.27 -12.36
C PHE A 883 -37.16 37.04 -13.85
N THR A 884 -37.56 38.02 -14.66
CA THR A 884 -37.25 37.98 -16.08
C THR A 884 -35.89 38.60 -16.30
N THR A 885 -35.10 38.03 -17.19
CA THR A 885 -33.72 38.48 -17.39
C THR A 885 -33.49 38.79 -18.86
N ALA A 886 -32.38 39.47 -19.12
CA ALA A 886 -32.00 39.84 -20.48
C ALA A 886 -30.49 39.98 -20.52
N PRO A 887 -29.84 39.56 -21.61
CA PRO A 887 -28.37 39.63 -21.66
C PRO A 887 -27.84 41.05 -21.71
N ALA A 888 -28.56 41.99 -22.33
CA ALA A 888 -28.08 43.35 -22.48
C ALA A 888 -29.28 44.27 -22.61
N ILE A 889 -29.00 45.57 -22.68
CA ILE A 889 -30.04 46.60 -22.75
C ILE A 889 -29.64 47.65 -23.78
N CYS A 890 -30.60 48.14 -24.53
CA CYS A 890 -30.40 49.20 -25.50
C CYS A 890 -30.90 50.52 -24.94
N HIS A 891 -30.09 51.57 -25.10
CA HIS A 891 -30.49 52.90 -24.68
C HIS A 891 -30.64 53.84 -25.87
N ASP A 892 -29.57 53.97 -26.66
CA ASP A 892 -29.57 54.82 -27.85
C ASP A 892 -28.89 54.12 -29.01
N GLY A 893 -29.20 52.84 -29.22
CA GLY A 893 -28.57 52.04 -30.25
C GLY A 893 -27.32 51.31 -29.78
N LYS A 894 -26.86 51.59 -28.57
CA LYS A 894 -25.69 50.93 -28.02
C LYS A 894 -26.11 49.90 -26.97
N ALA A 895 -25.41 48.78 -26.95
CA ALA A 895 -25.69 47.70 -26.02
C ALA A 895 -24.96 47.92 -24.72
N HIS A 896 -25.66 47.75 -23.60
CA HIS A 896 -25.11 47.92 -22.27
C HIS A 896 -25.11 46.59 -21.53
N PHE A 897 -23.96 46.25 -20.95
CA PHE A 897 -23.82 45.02 -20.19
C PHE A 897 -23.48 45.37 -18.75
N PRO A 898 -23.95 44.58 -17.78
CA PRO A 898 -23.68 44.91 -16.39
C PRO A 898 -22.22 44.69 -16.03
N ARG A 899 -21.64 45.66 -15.33
CA ARG A 899 -20.26 45.52 -14.88
C ARG A 899 -20.11 44.31 -13.98
N GLU A 900 -21.04 44.13 -13.04
CA GLU A 900 -21.02 42.98 -12.15
C GLU A 900 -22.45 42.77 -11.66
N GLY A 901 -23.10 41.71 -12.14
CA GLY A 901 -24.47 41.41 -11.78
C GLY A 901 -25.29 41.02 -13.00
N VAL A 902 -26.60 41.13 -12.84
CA VAL A 902 -27.56 40.75 -13.87
C VAL A 902 -28.63 41.82 -13.98
N PHE A 903 -29.21 41.89 -15.17
CA PHE A 903 -30.42 42.67 -15.40
C PHE A 903 -31.63 41.82 -15.06
N VAL A 904 -32.48 42.32 -14.17
CA VAL A 904 -33.66 41.60 -13.72
C VAL A 904 -34.88 42.49 -13.91
N SER A 905 -36.03 41.86 -14.02
CA SER A 905 -37.30 42.54 -14.19
C SER A 905 -38.36 41.82 -13.36
N ASN A 906 -39.08 42.61 -12.58
CA ASN A 906 -40.24 42.15 -11.83
C ASN A 906 -41.51 42.18 -12.66
N GLY A 907 -41.43 42.61 -13.92
CA GLY A 907 -42.55 42.66 -14.83
C GLY A 907 -42.80 44.03 -15.43
N THR A 908 -42.39 45.09 -14.75
CA THR A 908 -42.68 46.44 -15.22
C THR A 908 -41.41 47.29 -15.33
N HIS A 909 -40.42 47.02 -14.49
CA HIS A 909 -39.20 47.81 -14.44
C HIS A 909 -37.98 46.89 -14.50
N TRP A 910 -36.87 47.45 -14.94
CA TRP A 910 -35.61 46.73 -15.03
C TRP A 910 -34.59 47.31 -14.06
N PHE A 911 -33.91 46.42 -13.34
CA PHE A 911 -32.89 46.80 -12.38
C PHE A 911 -31.66 45.94 -12.60
N VAL A 912 -30.57 46.30 -11.94
CA VAL A 912 -29.34 45.52 -11.98
C VAL A 912 -29.02 45.08 -10.56
N THR A 913 -28.79 43.78 -10.38
CA THR A 913 -28.62 43.21 -9.06
C THR A 913 -27.43 42.28 -9.05
N GLN A 914 -26.76 42.20 -7.90
CA GLN A 914 -25.68 41.24 -7.73
C GLN A 914 -26.23 39.82 -7.76
N ARG A 915 -25.44 38.90 -8.30
CA ARG A 915 -25.94 37.57 -8.64
C ARG A 915 -26.39 36.79 -7.41
N ASN A 916 -25.65 36.86 -6.31
CA ASN A 916 -25.86 35.98 -5.17
C ASN A 916 -26.79 36.58 -4.12
N PHE A 917 -27.36 37.75 -4.36
CA PHE A 917 -28.24 38.37 -3.38
C PHE A 917 -29.11 39.42 -4.03
N TYR A 918 -30.43 39.24 -3.98
CA TYR A 918 -31.35 40.16 -4.63
C TYR A 918 -31.24 41.55 -4.00
N GLU A 919 -30.75 42.52 -4.77
CA GLU A 919 -30.57 43.89 -4.29
C GLU A 919 -30.71 44.83 -5.48
N PRO A 920 -31.94 45.15 -5.87
CA PRO A 920 -32.16 45.98 -7.06
C PRO A 920 -31.47 47.33 -7.00
N GLN A 921 -30.95 47.79 -8.13
CA GLN A 921 -30.40 49.12 -8.27
C GLN A 921 -30.73 49.66 -9.65
N ILE A 922 -30.86 50.99 -9.72
CA ILE A 922 -31.19 51.63 -10.99
C ILE A 922 -30.07 51.39 -11.98
N ILE A 923 -30.44 51.10 -13.23
CA ILE A 923 -29.48 50.83 -14.29
C ILE A 923 -28.94 52.18 -14.77
N THR A 924 -27.66 52.42 -14.52
CA THR A 924 -27.03 53.69 -14.88
C THR A 924 -25.78 53.41 -15.70
N THR A 925 -25.16 54.48 -16.19
CA THR A 925 -23.90 54.36 -16.93
C THR A 925 -22.76 53.92 -16.03
N ASP A 926 -22.94 53.95 -14.71
CA ASP A 926 -21.94 53.45 -13.79
C ASP A 926 -22.07 51.95 -13.57
N ASN A 927 -23.29 51.46 -13.39
CA ASN A 927 -23.50 50.03 -13.19
C ASN A 927 -23.15 49.20 -14.42
N THR A 928 -23.15 49.80 -15.60
CA THR A 928 -23.00 49.07 -16.85
C THR A 928 -21.85 49.63 -17.66
N PHE A 929 -21.52 48.93 -18.74
CA PHE A 929 -20.53 49.39 -19.71
C PHE A 929 -21.05 49.11 -21.10
N VAL A 930 -20.60 49.94 -22.04
CA VAL A 930 -21.10 49.92 -23.41
C VAL A 930 -20.15 49.10 -24.28
N SER A 931 -20.71 48.38 -25.24
CA SER A 931 -19.88 47.62 -26.19
C SER A 931 -20.76 47.23 -27.37
N GLY A 932 -20.33 47.56 -28.58
CA GLY A 932 -21.10 47.20 -29.75
C GLY A 932 -22.40 47.99 -29.85
N ASN A 933 -23.36 47.40 -30.55
CA ASN A 933 -24.66 48.01 -30.75
C ASN A 933 -25.74 46.94 -30.65
N CYS A 934 -26.98 47.34 -30.93
CA CYS A 934 -28.15 46.50 -30.68
C CYS A 934 -28.37 45.42 -31.72
N ASP A 935 -27.60 45.40 -32.82
CA ASP A 935 -27.88 44.51 -33.93
C ASP A 935 -27.24 43.14 -33.79
N VAL A 936 -26.58 42.85 -32.68
CA VAL A 936 -25.80 41.63 -32.52
C VAL A 936 -26.37 40.76 -31.39
N VAL A 937 -26.48 41.30 -30.19
CA VAL A 937 -26.85 40.51 -29.03
C VAL A 937 -28.24 39.92 -29.24
N ILE A 938 -28.38 38.62 -29.00
CA ILE A 938 -29.66 37.95 -29.14
C ILE A 938 -30.40 38.04 -27.81
N GLY A 939 -31.66 38.50 -27.86
CA GLY A 939 -32.45 38.67 -26.67
C GLY A 939 -32.32 40.02 -26.00
N ILE A 940 -31.61 40.97 -26.61
CA ILE A 940 -31.46 42.29 -26.02
C ILE A 940 -32.83 42.94 -25.91
N VAL A 941 -32.97 43.85 -24.94
CA VAL A 941 -34.22 44.53 -24.68
C VAL A 941 -33.97 46.04 -24.65
N ASN A 942 -35.01 46.80 -24.94
CA ASN A 942 -34.94 48.25 -24.92
C ASN A 942 -35.33 48.77 -23.54
N ASN A 943 -34.57 49.74 -23.04
CA ASN A 943 -34.84 50.36 -21.75
C ASN A 943 -33.97 51.60 -21.64
N THR A 944 -34.11 52.32 -20.54
CA THR A 944 -33.41 53.58 -20.32
C THR A 944 -32.26 53.35 -19.34
N VAL A 945 -31.09 53.89 -19.68
CA VAL A 945 -29.93 53.85 -18.82
C VAL A 945 -29.72 55.25 -18.24
N TYR A 946 -29.99 55.39 -16.95
CA TYR A 946 -29.90 56.69 -16.29
C TYR A 946 -28.45 57.18 -16.26
N ASP A 947 -28.25 58.45 -16.57
CA ASP A 947 -26.92 59.05 -16.55
C ASP A 947 -26.85 60.05 -15.40
N PRO A 948 -26.07 59.77 -14.35
CA PRO A 948 -26.04 60.71 -13.20
C PRO A 948 -25.59 62.10 -13.55
N LEU A 949 -24.79 62.27 -14.60
CA LEU A 949 -24.25 63.59 -14.92
C LEU A 949 -25.34 64.55 -15.38
N GLN A 950 -26.28 64.08 -16.19
CA GLN A 950 -27.23 64.97 -16.85
C GLN A 950 -27.99 65.87 -15.89
N PRO A 951 -28.55 65.38 -14.78
CA PRO A 951 -29.19 66.30 -13.82
C PRO A 951 -28.25 67.39 -13.34
N GLU A 952 -26.99 67.06 -13.08
CA GLU A 952 -26.03 68.08 -12.67
C GLU A 952 -25.81 69.12 -13.75
N LEU A 953 -25.70 68.70 -15.01
CA LEU A 953 -25.58 69.66 -16.10
C LEU A 953 -26.82 70.56 -16.17
N ASP A 954 -28.00 69.97 -16.00
CA ASP A 954 -29.22 70.78 -15.97
C ASP A 954 -29.21 71.75 -14.80
N SER A 955 -28.77 71.30 -13.63
CA SER A 955 -28.71 72.15 -12.45
C SER A 955 -27.38 72.90 -12.40
N ALA B 27 18.81 -36.91 -49.36
CA ALA B 27 18.16 -35.61 -49.56
C ALA B 27 17.46 -35.16 -48.28
N TYR B 28 16.98 -33.92 -48.29
CA TYR B 28 16.26 -33.35 -47.17
C TYR B 28 15.23 -32.35 -47.70
N THR B 29 14.24 -32.07 -46.87
CA THR B 29 13.24 -31.07 -47.23
C THR B 29 12.73 -30.37 -45.98
N ASN B 30 11.92 -29.34 -46.19
CA ASN B 30 11.43 -28.49 -45.11
C ASN B 30 10.16 -29.09 -44.50
N SER B 31 10.14 -29.19 -43.17
CA SER B 31 8.97 -29.74 -42.49
C SER B 31 7.79 -28.79 -42.48
N PHE B 32 8.04 -27.48 -42.55
CA PHE B 32 7.00 -26.46 -42.47
C PHE B 32 6.31 -26.60 -41.12
N THR B 33 4.99 -26.79 -41.05
CA THR B 33 4.27 -26.91 -39.79
C THR B 33 3.66 -28.30 -39.61
N ARG B 34 4.19 -29.30 -40.30
CA ARG B 34 3.68 -30.66 -40.18
C ARG B 34 4.22 -31.32 -38.91
N GLY B 35 3.54 -32.36 -38.48
CA GLY B 35 3.97 -33.12 -37.32
C GLY B 35 3.34 -32.64 -36.03
N VAL B 36 2.07 -32.27 -36.09
CA VAL B 36 1.32 -31.81 -34.93
C VAL B 36 0.21 -32.80 -34.66
N TYR B 37 0.05 -33.18 -33.40
CA TYR B 37 -0.92 -34.20 -33.01
C TYR B 37 -1.55 -33.80 -31.69
N TYR B 38 -2.73 -34.35 -31.43
CA TYR B 38 -3.42 -34.09 -30.17
C TYR B 38 -2.67 -34.80 -29.06
N PRO B 39 -2.10 -34.07 -28.09
CA PRO B 39 -1.29 -34.74 -27.06
C PRO B 39 -2.12 -35.55 -26.08
N ASP B 40 -3.43 -35.41 -26.07
CA ASP B 40 -4.28 -36.11 -25.14
C ASP B 40 -5.66 -36.28 -25.76
N LYS B 41 -6.64 -36.68 -24.95
CA LYS B 41 -8.01 -36.89 -25.39
C LYS B 41 -8.94 -35.91 -24.69
N VAL B 42 -8.41 -34.72 -24.37
CA VAL B 42 -9.13 -33.70 -23.63
C VAL B 42 -9.76 -32.74 -24.62
N PHE B 43 -11.05 -32.45 -24.43
CA PHE B 43 -11.74 -31.48 -25.26
C PHE B 43 -11.49 -30.07 -24.73
N ARG B 44 -11.28 -29.13 -25.64
CA ARG B 44 -11.14 -27.71 -25.32
C ARG B 44 -11.84 -26.91 -26.39
N SER B 45 -12.24 -25.69 -26.04
CA SER B 45 -13.07 -24.86 -26.93
C SER B 45 -12.52 -23.45 -26.97
N SER B 46 -12.11 -23.00 -28.16
CA SER B 46 -11.72 -21.61 -28.39
C SER B 46 -10.77 -21.11 -27.31
N VAL B 47 -9.61 -21.77 -27.23
CA VAL B 47 -8.65 -21.49 -26.17
C VAL B 47 -7.25 -21.80 -26.66
N LEU B 48 -6.27 -21.07 -26.14
CA LEU B 48 -4.87 -21.35 -26.38
C LEU B 48 -4.29 -22.09 -25.19
N HIS B 49 -3.63 -23.22 -25.47
CA HIS B 49 -3.11 -24.10 -24.43
C HIS B 49 -1.63 -24.34 -24.66
N SER B 50 -0.83 -24.16 -23.62
CA SER B 50 0.59 -24.46 -23.69
C SER B 50 0.86 -25.89 -23.23
N THR B 51 1.59 -26.63 -24.04
CA THR B 51 1.89 -28.03 -23.76
C THR B 51 3.37 -28.29 -23.98
N GLN B 52 3.91 -29.26 -23.24
CA GLN B 52 5.31 -29.67 -23.35
C GLN B 52 5.31 -31.14 -23.73
N ASP B 53 5.75 -31.46 -24.94
CA ASP B 53 5.68 -32.83 -25.42
C ASP B 53 6.63 -33.00 -26.59
N LEU B 54 6.68 -34.22 -27.13
CA LEU B 54 7.52 -34.54 -28.27
C LEU B 54 6.79 -34.11 -29.54
N PHE B 55 7.38 -33.16 -30.27
CA PHE B 55 6.81 -32.66 -31.50
C PHE B 55 7.88 -32.59 -32.58
N LEU B 56 7.44 -32.51 -33.82
CA LEU B 56 8.34 -32.28 -34.94
C LEU B 56 8.66 -30.79 -35.01
N PRO B 57 9.91 -30.37 -34.83
CA PRO B 57 10.19 -28.93 -34.85
C PRO B 57 9.76 -28.31 -36.16
N PHE B 58 9.16 -27.13 -36.08
CA PHE B 58 8.69 -26.45 -37.27
C PHE B 58 9.88 -26.06 -38.15
N PHE B 59 9.70 -26.18 -39.45
CA PHE B 59 10.71 -25.81 -40.43
C PHE B 59 12.02 -26.56 -40.20
N SER B 60 11.93 -27.84 -39.85
CA SER B 60 13.11 -28.66 -39.67
C SER B 60 13.41 -29.45 -40.94
N ASN B 61 14.62 -30.00 -41.01
CA ASN B 61 15.04 -30.78 -42.15
C ASN B 61 14.62 -32.23 -41.94
N VAL B 62 13.70 -32.70 -42.78
CA VAL B 62 13.22 -34.07 -42.73
C VAL B 62 13.80 -34.81 -43.93
N THR B 63 14.32 -36.00 -43.65
CA THR B 63 14.93 -36.83 -44.68
C THR B 63 13.89 -37.19 -45.73
N TRP B 64 14.27 -37.10 -47.00
CA TRP B 64 13.38 -37.35 -48.13
C TRP B 64 13.97 -38.51 -48.92
N PHE B 65 13.15 -39.53 -49.17
CA PHE B 65 13.59 -40.71 -49.91
C PHE B 65 12.89 -40.79 -51.26
N ASN B 81 14.46 -50.63 -48.55
CA ASN B 81 14.61 -49.39 -47.81
C ASN B 81 15.50 -49.58 -46.59
N PRO B 82 16.39 -48.62 -46.32
CA PRO B 82 17.36 -48.79 -45.24
C PRO B 82 16.70 -48.77 -43.87
N VAL B 83 17.35 -49.46 -42.93
CA VAL B 83 16.89 -49.47 -41.55
C VAL B 83 17.24 -48.14 -40.92
N LEU B 84 16.23 -47.47 -40.36
CA LEU B 84 16.40 -46.13 -39.82
C LEU B 84 16.26 -46.14 -38.29
N PRO B 85 17.01 -45.31 -37.58
CA PRO B 85 16.86 -45.26 -36.12
C PRO B 85 15.50 -44.70 -35.72
N PHE B 86 15.05 -45.09 -34.53
CA PHE B 86 13.75 -44.65 -34.03
C PHE B 86 13.87 -43.46 -33.10
N ASN B 87 14.94 -43.39 -32.32
CA ASN B 87 15.16 -42.29 -31.35
C ASN B 87 13.94 -42.25 -30.43
N ASP B 88 13.49 -41.08 -30.00
CA ASP B 88 12.38 -40.95 -29.08
C ASP B 88 11.03 -40.82 -29.78
N GLY B 89 11.02 -40.87 -31.11
CA GLY B 89 9.78 -40.77 -31.85
C GLY B 89 10.04 -40.59 -33.34
N VAL B 90 9.04 -40.87 -34.17
CA VAL B 90 9.17 -40.79 -35.62
C VAL B 90 7.92 -40.14 -36.19
N TYR B 91 8.13 -39.15 -37.05
CA TYR B 91 7.08 -38.63 -37.91
C TYR B 91 7.30 -39.17 -39.31
N PHE B 92 6.28 -39.83 -39.86
CA PHE B 92 6.36 -40.45 -41.17
C PHE B 92 5.32 -39.80 -42.06
N ALA B 93 5.65 -39.62 -43.34
CA ALA B 93 4.70 -39.07 -44.29
C ALA B 93 4.91 -39.74 -45.64
N SER B 94 3.83 -39.88 -46.39
CA SER B 94 3.92 -40.56 -47.68
C SER B 94 2.84 -40.05 -48.64
N THR B 95 3.24 -39.80 -49.88
CA THR B 95 2.31 -39.52 -50.95
C THR B 95 2.04 -40.81 -51.71
N GLU B 96 0.76 -41.13 -51.88
CA GLU B 96 0.35 -42.40 -52.46
C GLU B 96 -0.63 -42.17 -53.61
N LYS B 97 -0.43 -42.95 -54.67
CA LYS B 97 -1.39 -43.04 -55.76
C LYS B 97 -1.95 -44.43 -55.96
N SER B 98 -1.27 -45.48 -55.50
CA SER B 98 -1.79 -46.84 -55.56
C SER B 98 -1.54 -47.61 -54.27
N ASN B 99 -1.28 -46.92 -53.15
CA ASN B 99 -1.04 -47.57 -51.87
C ASN B 99 0.19 -48.49 -51.94
N ILE B 100 1.34 -47.89 -52.25
CA ILE B 100 2.57 -48.65 -52.38
C ILE B 100 3.13 -48.99 -51.00
N ILE B 101 3.39 -47.98 -50.18
CA ILE B 101 3.93 -48.19 -48.84
C ILE B 101 2.78 -48.63 -47.94
N ARG B 102 2.90 -49.83 -47.38
CA ARG B 102 1.86 -50.38 -46.52
C ARG B 102 2.36 -50.98 -45.22
N GLY B 103 3.63 -51.35 -45.11
CA GLY B 103 4.13 -52.07 -43.94
C GLY B 103 5.16 -51.27 -43.16
N TRP B 104 5.21 -51.52 -41.86
CA TRP B 104 6.21 -50.93 -40.97
C TRP B 104 6.71 -52.01 -40.01
N ILE B 105 8.03 -51.99 -39.75
CA ILE B 105 8.65 -52.87 -38.78
C ILE B 105 9.36 -52.01 -37.75
N PHE B 106 9.18 -52.33 -36.48
CA PHE B 106 9.87 -51.66 -35.38
C PHE B 106 10.56 -52.70 -34.51
N GLY B 107 11.73 -52.37 -34.00
CA GLY B 107 12.42 -53.26 -33.08
C GLY B 107 13.86 -52.84 -32.90
N THR B 108 14.59 -53.64 -32.12
CA THR B 108 16.00 -53.40 -31.86
C THR B 108 16.91 -54.32 -32.66
N THR B 109 16.71 -55.62 -32.56
CA THR B 109 17.51 -56.60 -33.30
C THR B 109 16.94 -56.89 -34.68
N LEU B 110 15.62 -57.05 -34.79
CA LEU B 110 14.97 -57.37 -36.07
C LEU B 110 15.56 -58.63 -36.70
N ASP B 111 15.76 -59.66 -35.88
CA ASP B 111 16.21 -60.95 -36.37
C ASP B 111 15.50 -62.09 -35.65
N SER B 112 14.30 -61.83 -35.12
CA SER B 112 13.50 -62.84 -34.44
C SER B 112 14.02 -63.14 -33.03
N LYS B 113 15.13 -62.51 -32.65
CA LYS B 113 15.66 -62.72 -31.31
C LYS B 113 14.85 -61.97 -30.26
N THR B 114 14.27 -60.84 -30.63
CA THR B 114 13.48 -60.02 -29.73
C THR B 114 12.15 -59.68 -30.39
N GLN B 115 11.23 -59.12 -29.60
CA GLN B 115 9.92 -58.75 -30.13
C GLN B 115 10.06 -57.75 -31.27
N SER B 116 9.30 -58.01 -32.33
CA SER B 116 9.29 -57.15 -33.52
C SER B 116 7.86 -56.73 -33.79
N LEU B 117 7.63 -55.43 -33.88
CA LEU B 117 6.29 -54.90 -34.12
C LEU B 117 6.10 -54.72 -35.62
N LEU B 118 5.18 -55.51 -36.20
CA LEU B 118 4.88 -55.46 -37.62
C LEU B 118 3.47 -54.91 -37.81
N ILE B 119 3.36 -53.83 -38.58
CA ILE B 119 2.07 -53.21 -38.88
C ILE B 119 1.89 -53.25 -40.39
N VAL B 120 0.78 -53.87 -40.83
CA VAL B 120 0.49 -53.99 -42.26
C VAL B 120 -0.92 -53.47 -42.51
N ASN B 121 -1.05 -52.48 -43.37
CA ASN B 121 -2.35 -51.92 -43.69
C ASN B 121 -3.14 -52.86 -44.58
N ASN B 125 -7.88 -53.28 -43.90
CA ASN B 125 -7.64 -54.35 -42.94
C ASN B 125 -6.27 -54.21 -42.29
N VAL B 126 -6.20 -53.42 -41.22
CA VAL B 126 -4.95 -53.19 -40.51
C VAL B 126 -4.68 -54.36 -39.59
N VAL B 127 -3.50 -54.98 -39.76
CA VAL B 127 -3.07 -56.10 -38.94
C VAL B 127 -1.80 -55.66 -38.20
N ILE B 128 -1.83 -55.78 -36.88
CA ILE B 128 -0.71 -55.42 -36.03
C ILE B 128 -0.30 -56.67 -35.26
N LYS B 129 0.98 -57.03 -35.37
CA LYS B 129 1.53 -58.21 -34.71
C LYS B 129 2.80 -57.86 -33.97
N VAL B 130 3.11 -58.64 -32.93
CA VAL B 130 4.35 -58.52 -32.19
C VAL B 130 5.14 -59.81 -32.20
N CYS B 131 4.87 -60.69 -33.14
CA CYS B 131 5.58 -61.97 -33.21
C CYS B 131 7.04 -61.75 -33.56
N GLU B 132 7.89 -62.62 -33.02
CA GLU B 132 9.33 -62.58 -33.31
C GLU B 132 9.58 -63.22 -34.67
N PHE B 133 9.00 -62.60 -35.69
CA PHE B 133 9.11 -63.11 -37.05
C PHE B 133 10.56 -63.07 -37.51
N GLN B 134 10.95 -64.06 -38.32
CA GLN B 134 12.29 -64.09 -38.88
C GLN B 134 12.26 -63.48 -40.28
N PHE B 135 13.18 -62.54 -40.52
CA PHE B 135 13.15 -61.74 -41.75
C PHE B 135 14.21 -62.23 -42.73
N PRO B 139 12.32 -58.44 -47.70
CA PRO B 139 11.06 -58.14 -47.02
C PRO B 139 10.19 -57.17 -47.79
N PHE B 140 9.36 -57.68 -48.70
CA PHE B 140 8.48 -56.86 -49.50
C PHE B 140 7.40 -57.74 -50.10
N LEU B 141 6.36 -57.11 -50.63
CA LEU B 141 5.29 -57.82 -51.32
C LEU B 141 4.82 -57.03 -52.54
N ASN B 165 6.56 -66.82 -30.60
CA ASN B 165 6.44 -66.14 -29.30
C ASN B 165 5.59 -64.88 -29.44
N CYS B 166 4.37 -65.04 -29.94
CA CYS B 166 3.49 -63.90 -30.18
C CYS B 166 2.83 -63.48 -28.86
N THR B 167 2.98 -62.20 -28.52
CA THR B 167 2.39 -61.64 -27.30
C THR B 167 1.27 -60.66 -27.60
N PHE B 168 0.87 -60.52 -28.88
CA PHE B 168 -0.24 -59.65 -29.23
C PHE B 168 -0.61 -59.84 -30.70
N GLU B 169 -1.88 -59.61 -31.04
CA GLU B 169 -2.30 -59.64 -32.44
C GLU B 169 -3.64 -58.92 -32.55
N TYR B 170 -3.68 -57.85 -33.33
CA TYR B 170 -4.89 -57.09 -33.57
C TYR B 170 -5.19 -57.08 -35.06
N VAL B 171 -6.46 -57.23 -35.41
CA VAL B 171 -6.91 -57.23 -36.80
C VAL B 171 -8.05 -56.22 -36.91
N SER B 172 -7.98 -55.37 -37.93
CA SER B 172 -9.01 -54.36 -38.16
C SER B 172 -9.83 -54.71 -39.40
N ASN B 188 -2.64 -38.80 -52.61
CA ASN B 188 -3.09 -38.49 -51.26
C ASN B 188 -1.94 -38.58 -50.27
N LEU B 189 -1.90 -37.68 -49.30
CA LEU B 189 -0.84 -37.61 -48.31
C LEU B 189 -1.33 -38.26 -47.03
N ARG B 190 -0.59 -39.28 -46.58
CA ARG B 190 -0.84 -39.93 -45.30
C ARG B 190 0.29 -39.53 -44.35
N GLU B 191 -0.08 -38.97 -43.21
CA GLU B 191 0.85 -38.57 -42.18
C GLU B 191 0.62 -39.42 -40.94
N PHE B 192 1.71 -39.88 -40.33
CA PHE B 192 1.65 -40.73 -39.16
C PHE B 192 2.68 -40.26 -38.14
N VAL B 193 2.36 -40.46 -36.87
CA VAL B 193 3.28 -40.21 -35.77
C VAL B 193 3.35 -41.48 -34.93
N PHE B 194 4.55 -42.04 -34.82
CA PHE B 194 4.79 -43.26 -34.06
C PHE B 194 5.69 -42.90 -32.89
N LYS B 195 5.28 -43.27 -31.68
CA LYS B 195 6.15 -43.07 -30.53
C LYS B 195 5.90 -44.16 -29.50
N ASN B 196 6.83 -44.31 -28.56
CA ASN B 196 6.78 -45.32 -27.52
C ASN B 196 7.08 -44.66 -26.18
N ILE B 197 6.08 -44.54 -25.33
CA ILE B 197 6.22 -43.92 -24.02
C ILE B 197 5.64 -44.86 -22.97
N ASP B 198 6.46 -45.23 -21.99
CA ASP B 198 6.02 -46.05 -20.86
C ASP B 198 5.41 -47.37 -21.31
N GLY B 199 5.99 -47.99 -22.34
CA GLY B 199 5.50 -49.24 -22.86
C GLY B 199 4.28 -49.10 -23.76
N TYR B 200 3.73 -47.91 -23.90
CA TYR B 200 2.61 -47.65 -24.80
C TYR B 200 3.17 -47.20 -26.13
N PHE B 201 2.94 -47.99 -27.17
CA PHE B 201 3.19 -47.58 -28.54
C PHE B 201 1.96 -46.84 -29.04
N LYS B 202 2.14 -45.58 -29.42
CA LYS B 202 1.07 -44.71 -29.86
C LYS B 202 1.27 -44.36 -31.34
N ILE B 203 0.20 -44.53 -32.10
CA ILE B 203 0.17 -44.22 -33.53
C ILE B 203 -0.95 -43.22 -33.75
N TYR B 204 -0.57 -42.02 -34.21
CA TYR B 204 -1.50 -40.99 -34.67
C TYR B 204 -1.45 -40.95 -36.19
N SER B 205 -2.54 -40.52 -36.82
CA SER B 205 -2.57 -40.51 -38.27
C SER B 205 -3.52 -39.43 -38.77
N LYS B 206 -3.32 -39.05 -40.04
CA LYS B 206 -4.19 -38.10 -40.71
C LYS B 206 -3.98 -38.24 -42.22
N HIS B 207 -5.06 -38.36 -42.97
CA HIS B 207 -5.01 -38.51 -44.42
C HIS B 207 -5.69 -37.31 -45.07
N THR B 208 -5.09 -36.82 -46.16
CA THR B 208 -5.64 -35.65 -46.84
C THR B 208 -5.33 -35.72 -48.33
N PRO B 209 -6.30 -35.42 -49.19
CA PRO B 209 -5.98 -35.29 -50.61
C PRO B 209 -5.12 -34.06 -50.86
N ILE B 210 -4.30 -34.15 -51.91
CA ILE B 210 -3.35 -33.10 -52.24
C ILE B 210 -3.40 -32.81 -53.74
N ASN B 211 -2.98 -31.60 -54.10
CA ASN B 211 -2.85 -31.20 -55.50
C ASN B 211 -1.41 -31.27 -55.99
N LEU B 212 -0.48 -31.69 -55.14
CA LEU B 212 0.92 -31.83 -55.50
C LEU B 212 1.32 -33.30 -55.43
N VAL B 213 2.50 -33.59 -55.98
CA VAL B 213 3.03 -34.96 -56.01
C VAL B 213 4.42 -35.05 -55.39
N ARG B 214 4.96 -33.95 -54.86
CA ARG B 214 6.29 -33.94 -54.26
C ARG B 214 6.31 -32.99 -53.07
N ASP B 215 7.05 -33.37 -52.03
CA ASP B 215 7.29 -32.51 -50.88
C ASP B 215 6.03 -32.33 -50.05
N LEU B 216 6.20 -32.07 -48.76
CA LEU B 216 5.07 -31.83 -47.88
C LEU B 216 4.41 -30.50 -48.22
N PRO B 217 3.12 -30.45 -48.50
CA PRO B 217 2.50 -29.19 -48.90
C PRO B 217 2.28 -28.25 -47.74
N GLN B 218 2.14 -26.98 -48.06
CA GLN B 218 1.85 -25.97 -47.05
C GLN B 218 0.46 -26.21 -46.45
N GLY B 219 0.34 -25.94 -45.17
CA GLY B 219 -0.93 -26.12 -44.48
C GLY B 219 -0.70 -26.55 -43.05
N PHE B 220 -1.81 -26.79 -42.36
CA PHE B 220 -1.77 -27.21 -40.96
C PHE B 220 -2.92 -28.18 -40.71
N SER B 221 -2.61 -29.26 -39.99
CA SER B 221 -3.63 -30.24 -39.63
C SER B 221 -3.06 -31.12 -38.53
N ALA B 222 -3.79 -31.21 -37.42
CA ALA B 222 -3.35 -32.05 -36.30
C ALA B 222 -3.68 -33.51 -36.57
N LEU B 223 -2.78 -34.40 -36.16
CA LEU B 223 -2.98 -35.82 -36.34
C LEU B 223 -3.70 -36.42 -35.14
N GLU B 224 -4.77 -37.15 -35.41
CA GLU B 224 -5.57 -37.75 -34.35
C GLU B 224 -4.98 -39.09 -33.93
N PRO B 225 -5.08 -39.46 -32.66
CA PRO B 225 -4.63 -40.80 -32.25
C PRO B 225 -5.49 -41.88 -32.87
N LEU B 226 -4.86 -43.00 -33.22
CA LEU B 226 -5.59 -44.17 -33.70
C LEU B 226 -5.25 -45.44 -32.94
N VAL B 227 -4.00 -45.62 -32.51
CA VAL B 227 -3.60 -46.85 -31.84
C VAL B 227 -2.83 -46.49 -30.57
N ASP B 228 -3.10 -47.23 -29.50
CA ASP B 228 -2.40 -47.05 -28.22
C ASP B 228 -2.30 -48.43 -27.57
N LEU B 229 -1.17 -49.09 -27.77
CA LEU B 229 -0.98 -50.48 -27.35
C LEU B 229 0.09 -50.56 -26.27
N PRO B 230 -0.22 -51.01 -25.05
CA PRO B 230 0.84 -51.16 -24.02
C PRO B 230 1.60 -52.48 -24.18
N ILE B 231 2.39 -52.56 -25.25
CA ILE B 231 3.14 -53.78 -25.54
C ILE B 231 4.44 -53.83 -24.75
N GLY B 232 5.18 -52.72 -24.70
CA GLY B 232 6.44 -52.69 -23.97
C GLY B 232 7.66 -53.05 -24.80
N ILE B 233 7.52 -53.14 -26.11
CA ILE B 233 8.66 -53.48 -26.97
C ILE B 233 9.67 -52.35 -26.93
N ASN B 234 10.93 -52.68 -26.68
CA ASN B 234 12.01 -51.72 -26.90
C ASN B 234 12.19 -51.52 -28.39
N ILE B 235 12.21 -50.25 -28.82
CA ILE B 235 12.37 -49.91 -30.23
C ILE B 235 13.52 -48.93 -30.34
N THR B 236 14.52 -49.29 -31.14
CA THR B 236 15.62 -48.40 -31.48
C THR B 236 15.84 -48.27 -32.98
N ARG B 237 15.19 -49.09 -33.79
CA ARG B 237 15.28 -49.02 -35.24
C ARG B 237 13.95 -49.44 -35.84
N PHE B 238 13.76 -49.04 -37.10
CA PHE B 238 12.52 -49.37 -37.80
C PHE B 238 12.80 -49.33 -39.30
N GLN B 239 11.83 -49.85 -40.06
CA GLN B 239 11.96 -49.96 -41.50
C GLN B 239 10.57 -49.93 -42.13
N THR B 240 10.51 -49.56 -43.40
CA THR B 240 9.26 -49.56 -44.14
C THR B 240 9.22 -50.74 -45.11
N LEU B 241 8.02 -51.10 -45.53
CA LEU B 241 7.77 -52.25 -46.39
C LEU B 241 6.81 -51.87 -47.50
N LEU B 242 7.25 -52.09 -48.73
CA LEU B 242 6.45 -51.75 -49.91
C LEU B 242 5.51 -52.90 -50.28
N ALA B 263 8.19 -45.76 -53.94
CA ALA B 263 7.54 -44.53 -53.55
C ALA B 263 8.36 -43.79 -52.49
N ALA B 264 8.49 -42.49 -52.64
CA ALA B 264 9.24 -41.68 -51.70
C ALA B 264 8.42 -41.44 -50.43
N TYR B 265 9.13 -41.32 -49.31
CA TYR B 265 8.50 -41.04 -48.03
C TYR B 265 9.42 -40.13 -47.21
N TYR B 266 8.82 -39.42 -46.28
CA TYR B 266 9.51 -38.41 -45.49
C TYR B 266 9.57 -38.88 -44.04
N VAL B 267 10.75 -38.77 -43.43
CA VAL B 267 10.99 -39.21 -42.07
C VAL B 267 11.58 -38.06 -41.27
N GLY B 268 11.01 -37.80 -40.09
CA GLY B 268 11.55 -36.83 -39.16
C GLY B 268 11.50 -37.38 -37.75
N TYR B 269 12.16 -36.67 -36.85
CA TYR B 269 12.31 -37.11 -35.48
C TYR B 269 11.77 -36.07 -34.52
N LEU B 270 11.04 -36.53 -33.51
CA LEU B 270 10.41 -35.66 -32.54
C LEU B 270 11.42 -35.20 -31.49
N GLN B 271 11.14 -34.04 -30.90
CA GLN B 271 11.98 -33.45 -29.87
C GLN B 271 11.10 -32.94 -28.75
N PRO B 272 11.62 -32.90 -27.51
CA PRO B 272 10.81 -32.45 -26.37
C PRO B 272 10.66 -30.94 -26.30
N ARG B 273 9.68 -30.39 -27.03
CA ARG B 273 9.52 -28.96 -27.17
C ARG B 273 8.19 -28.51 -26.58
N THR B 274 8.08 -27.19 -26.40
CA THR B 274 6.86 -26.56 -25.92
C THR B 274 6.11 -25.94 -27.08
N PHE B 275 4.81 -26.19 -27.15
CA PHE B 275 3.96 -25.72 -28.23
C PHE B 275 2.73 -25.03 -27.65
N LEU B 276 2.34 -23.93 -28.28
CA LEU B 276 1.09 -23.25 -27.97
C LEU B 276 0.06 -23.63 -29.03
N LEU B 277 -0.92 -24.43 -28.64
CA LEU B 277 -1.93 -24.94 -29.55
C LEU B 277 -3.20 -24.13 -29.42
N LYS B 278 -3.89 -23.94 -30.54
CA LYS B 278 -5.12 -23.15 -30.60
C LYS B 278 -6.29 -24.08 -30.90
N TYR B 279 -7.18 -24.27 -29.93
CA TYR B 279 -8.38 -25.07 -30.11
C TYR B 279 -9.53 -24.16 -30.51
N ASN B 280 -10.16 -24.46 -31.64
CA ASN B 280 -11.32 -23.70 -32.08
C ASN B 280 -12.54 -24.07 -31.24
N GLU B 281 -13.69 -23.50 -31.58
CA GLU B 281 -14.90 -23.77 -30.82
C GLU B 281 -15.30 -25.24 -30.87
N ASN B 282 -14.87 -25.96 -31.90
CA ASN B 282 -15.20 -27.38 -32.05
C ASN B 282 -14.10 -28.30 -31.52
N GLY B 283 -13.08 -27.74 -30.88
CA GLY B 283 -12.03 -28.56 -30.32
C GLY B 283 -10.99 -29.04 -31.30
N THR B 284 -10.96 -28.48 -32.51
CA THR B 284 -9.99 -28.86 -33.52
C THR B 284 -8.80 -27.91 -33.44
N ILE B 285 -7.60 -28.47 -33.30
CA ILE B 285 -6.38 -27.67 -33.28
C ILE B 285 -6.15 -27.10 -34.68
N THR B 286 -6.31 -25.79 -34.80
CA THR B 286 -6.16 -25.11 -36.09
C THR B 286 -4.82 -24.43 -36.27
N ASP B 287 -4.13 -24.10 -35.18
CA ASP B 287 -2.84 -23.42 -35.27
C ASP B 287 -1.95 -23.86 -34.12
N ALA B 288 -0.65 -23.76 -34.34
CA ALA B 288 0.33 -24.10 -33.32
C ALA B 288 1.52 -23.16 -33.45
N VAL B 289 2.08 -22.81 -32.30
CA VAL B 289 3.26 -21.95 -32.23
C VAL B 289 4.37 -22.73 -31.56
N ASP B 290 5.52 -22.84 -32.25
CA ASP B 290 6.71 -23.48 -31.69
C ASP B 290 7.46 -22.43 -30.89
N CYS B 291 7.47 -22.59 -29.57
CA CYS B 291 8.03 -21.57 -28.70
C CYS B 291 9.51 -21.31 -28.96
N ALA B 292 10.26 -22.31 -29.44
CA ALA B 292 11.69 -22.18 -29.64
C ALA B 292 12.07 -21.84 -31.08
N LEU B 293 11.09 -21.62 -31.95
CA LEU B 293 11.41 -21.36 -33.35
C LEU B 293 12.22 -20.08 -33.52
N ASP B 294 11.71 -18.98 -32.96
CA ASP B 294 12.31 -17.67 -33.16
C ASP B 294 11.82 -16.74 -32.07
N PRO B 295 12.43 -15.56 -31.93
CA PRO B 295 12.00 -14.65 -30.85
C PRO B 295 10.53 -14.27 -30.89
N LEU B 296 9.95 -14.10 -32.07
CA LEU B 296 8.55 -13.72 -32.14
C LEU B 296 7.64 -14.81 -31.58
N SER B 297 7.91 -16.06 -31.95
CA SER B 297 7.14 -17.17 -31.39
C SER B 297 7.36 -17.30 -29.89
N GLU B 298 8.59 -17.04 -29.43
CA GLU B 298 8.85 -17.04 -28.00
C GLU B 298 8.02 -15.98 -27.29
N THR B 299 7.92 -14.79 -27.88
CA THR B 299 7.05 -13.76 -27.31
C THR B 299 5.60 -14.21 -27.29
N LYS B 300 5.13 -14.82 -28.38
CA LYS B 300 3.76 -15.31 -28.42
C LYS B 300 3.51 -16.31 -27.30
N CYS B 301 4.43 -17.24 -27.09
CA CYS B 301 4.28 -18.20 -26.00
C CYS B 301 4.30 -17.50 -24.64
N THR B 302 5.15 -16.48 -24.49
CA THR B 302 5.24 -15.78 -23.21
C THR B 302 3.93 -15.10 -22.87
N LEU B 303 3.28 -14.50 -23.85
CA LEU B 303 2.02 -13.79 -23.64
C LEU B 303 0.80 -14.69 -23.68
N LYS B 304 0.98 -15.98 -23.97
CA LYS B 304 -0.14 -16.91 -24.10
C LYS B 304 -1.14 -16.41 -25.14
N SER B 305 -0.62 -15.74 -26.17
CA SER B 305 -1.45 -15.12 -27.19
C SER B 305 -0.91 -15.46 -28.57
N PHE B 306 -1.82 -15.57 -29.53
CA PHE B 306 -1.44 -15.75 -30.92
C PHE B 306 -1.22 -14.44 -31.65
N THR B 307 -1.53 -13.31 -31.02
CA THR B 307 -1.34 -11.99 -31.60
C THR B 307 -0.62 -11.12 -30.57
N VAL B 308 0.34 -10.33 -31.04
CA VAL B 308 1.17 -9.51 -30.17
C VAL B 308 1.01 -8.05 -30.58
N GLU B 309 0.72 -7.20 -29.60
CA GLU B 309 0.60 -5.78 -29.82
C GLU B 309 1.98 -5.13 -29.87
N LYS B 310 2.04 -3.93 -30.44
CA LYS B 310 3.29 -3.19 -30.50
C LYS B 310 3.82 -2.91 -29.10
N GLY B 311 5.11 -3.15 -28.90
CA GLY B 311 5.73 -2.88 -27.61
C GLY B 311 7.02 -3.66 -27.46
N ILE B 312 7.52 -3.67 -26.23
CA ILE B 312 8.74 -4.39 -25.86
C ILE B 312 8.40 -5.36 -24.74
N TYR B 313 8.79 -6.62 -24.92
CA TYR B 313 8.38 -7.69 -24.02
C TYR B 313 9.60 -8.42 -23.49
N GLN B 314 9.64 -8.61 -22.17
CA GLN B 314 10.69 -9.38 -21.53
C GLN B 314 10.38 -10.87 -21.69
N THR B 315 11.18 -11.55 -22.50
CA THR B 315 10.91 -12.95 -22.85
C THR B 315 11.81 -13.94 -22.13
N SER B 316 13.12 -13.80 -22.24
CA SER B 316 14.02 -14.87 -21.78
C SER B 316 15.16 -14.26 -20.98
N ASN B 317 16.13 -15.10 -20.62
CA ASN B 317 17.33 -14.67 -19.91
C ASN B 317 18.56 -15.20 -20.64
N PHE B 318 19.51 -14.33 -20.88
CA PHE B 318 20.78 -14.69 -21.49
C PHE B 318 21.83 -14.86 -20.41
N ARG B 319 22.63 -15.92 -20.53
CA ARG B 319 23.65 -16.24 -19.54
C ARG B 319 24.84 -16.85 -20.25
N VAL B 320 25.95 -16.11 -20.29
CA VAL B 320 27.17 -16.62 -20.91
C VAL B 320 27.59 -17.89 -20.19
N GLN B 321 27.83 -18.96 -20.96
CA GLN B 321 28.18 -20.23 -20.34
C GLN B 321 29.69 -20.37 -20.22
N PRO B 322 30.15 -21.11 -19.22
CA PRO B 322 31.60 -21.28 -19.03
C PRO B 322 32.22 -22.06 -20.17
N THR B 323 33.47 -21.72 -20.48
CA THR B 323 34.22 -22.38 -21.54
C THR B 323 34.89 -23.65 -21.05
N GLU B 324 35.62 -23.57 -19.93
CA GLU B 324 36.39 -24.70 -19.44
C GLU B 324 36.60 -24.55 -17.94
N SER B 325 37.05 -25.63 -17.32
CA SER B 325 37.31 -25.65 -15.88
C SER B 325 38.79 -25.42 -15.61
N ILE B 326 39.07 -24.52 -14.67
CA ILE B 326 40.43 -24.19 -14.26
C ILE B 326 40.61 -24.68 -12.83
N VAL B 327 41.45 -25.67 -12.64
CA VAL B 327 41.79 -26.20 -11.32
C VAL B 327 43.28 -25.99 -11.11
N ARG B 328 43.64 -25.30 -10.04
CA ARG B 328 45.03 -24.93 -9.78
C ARG B 328 45.38 -25.19 -8.33
N PHE B 329 46.62 -25.61 -8.10
CA PHE B 329 47.15 -25.92 -6.79
C PHE B 329 48.55 -25.35 -6.68
N PRO B 330 49.08 -25.21 -5.46
CA PRO B 330 50.39 -24.56 -5.29
C PRO B 330 51.48 -25.26 -6.08
N ASN B 331 52.67 -24.65 -6.05
CA ASN B 331 53.81 -25.16 -6.82
C ASN B 331 54.20 -26.57 -6.41
N GLY B 332 53.77 -27.05 -5.25
CA GLY B 332 54.02 -28.42 -4.85
C GLY B 332 52.94 -29.34 -5.38
N SER B 333 52.26 -30.05 -4.48
CA SER B 333 51.18 -30.95 -4.86
C SER B 333 50.03 -30.72 -3.90
N GLY B 334 48.98 -30.04 -4.37
CA GLY B 334 47.81 -29.80 -3.57
C GLY B 334 46.82 -30.95 -3.64
N SER B 335 47.34 -32.18 -3.55
CA SER B 335 46.51 -33.39 -3.63
C SER B 335 45.71 -33.41 -4.92
N GLY B 336 46.34 -32.96 -6.01
CA GLY B 336 45.67 -32.93 -7.29
C GLY B 336 46.59 -32.35 -8.35
N SER B 337 46.13 -32.46 -9.59
CA SER B 337 46.89 -31.96 -10.73
C SER B 337 46.36 -30.58 -11.13
N SER B 338 47.26 -29.61 -11.17
CA SER B 338 46.88 -28.25 -11.52
C SER B 338 46.71 -28.10 -13.02
N THR B 339 46.01 -27.05 -13.41
CA THR B 339 45.75 -26.73 -14.82
C THR B 339 46.25 -25.33 -15.12
N ASN B 340 46.34 -25.02 -16.40
CA ASN B 340 46.78 -23.69 -16.83
C ASN B 340 45.75 -22.64 -16.46
N LEU B 341 46.22 -21.43 -16.18
CA LEU B 341 45.35 -20.33 -15.80
C LEU B 341 44.85 -19.62 -17.06
N VAL B 342 43.54 -19.40 -17.13
CA VAL B 342 42.90 -18.76 -18.27
C VAL B 342 42.28 -17.45 -17.79
N LYS B 343 42.66 -16.35 -18.41
CA LYS B 343 42.20 -15.03 -18.03
C LYS B 343 41.23 -14.47 -19.08
N ASN B 344 40.36 -13.57 -18.63
CA ASN B 344 39.42 -12.88 -19.51
C ASN B 344 38.50 -13.86 -20.24
N LYS B 345 37.94 -14.81 -19.49
CA LYS B 345 37.06 -15.81 -20.07
C LYS B 345 36.21 -16.43 -18.97
N CYS B 346 34.93 -16.65 -19.27
CA CYS B 346 34.03 -17.31 -18.33
C CYS B 346 34.45 -18.76 -18.16
N VAL B 347 35.01 -19.09 -16.99
CA VAL B 347 35.53 -20.43 -16.72
C VAL B 347 35.06 -20.87 -15.34
N ASN B 348 35.11 -22.19 -15.13
CA ASN B 348 34.79 -22.80 -13.84
C ASN B 348 36.11 -23.00 -13.10
N PHE B 349 36.43 -22.04 -12.24
CA PHE B 349 37.70 -22.02 -11.52
C PHE B 349 37.59 -22.77 -10.20
N ASN B 350 38.72 -23.34 -9.79
CA ASN B 350 38.85 -24.01 -8.49
C ASN B 350 40.23 -23.72 -7.96
N PHE B 351 40.33 -22.90 -6.92
CA PHE B 351 41.59 -22.53 -6.29
C PHE B 351 41.63 -23.14 -4.89
N ASN B 352 42.44 -24.17 -4.72
CA ASN B 352 42.64 -24.81 -3.43
C ASN B 352 41.31 -25.21 -2.79
N GLY B 353 40.40 -25.71 -3.61
CA GLY B 353 39.10 -26.17 -3.15
C GLY B 353 38.00 -25.12 -3.20
N LEU B 354 38.37 -23.85 -3.31
CA LEU B 354 37.38 -22.78 -3.47
C LEU B 354 36.92 -22.79 -4.93
N THR B 355 35.67 -23.19 -5.15
CA THR B 355 35.13 -23.37 -6.49
C THR B 355 34.20 -22.22 -6.84
N GLY B 356 34.13 -21.94 -8.13
CA GLY B 356 33.22 -20.92 -8.61
C GLY B 356 33.27 -20.84 -10.12
N THR B 357 32.43 -19.96 -10.66
CA THR B 357 32.37 -19.72 -12.10
C THR B 357 32.40 -18.23 -12.35
N GLY B 358 33.27 -17.79 -13.25
CA GLY B 358 33.39 -16.38 -13.52
C GLY B 358 34.54 -16.09 -14.46
N VAL B 359 34.79 -14.79 -14.64
CA VAL B 359 35.86 -14.29 -15.48
C VAL B 359 37.01 -13.84 -14.58
N LEU B 360 38.20 -14.34 -14.85
CA LEU B 360 39.39 -14.03 -14.06
C LEU B 360 40.18 -12.95 -14.77
N THR B 361 40.41 -11.84 -14.08
CA THR B 361 41.17 -10.72 -14.64
C THR B 361 42.27 -10.34 -13.67
N GLU B 362 43.29 -9.64 -14.20
CA GLU B 362 44.39 -9.18 -13.37
C GLU B 362 43.92 -8.02 -12.50
N SER B 363 44.14 -8.13 -11.20
CA SER B 363 43.62 -7.17 -10.24
C SER B 363 44.74 -6.28 -9.70
N ASN B 364 44.36 -5.08 -9.27
CA ASN B 364 45.26 -4.16 -8.59
C ASN B 364 45.15 -4.24 -7.08
N LYS B 365 44.19 -5.01 -6.56
CA LYS B 365 44.02 -5.13 -5.12
C LYS B 365 45.24 -5.79 -4.49
N LYS B 366 45.62 -5.31 -3.32
CA LYS B 366 46.85 -5.71 -2.64
C LYS B 366 46.50 -6.57 -1.44
N PHE B 367 46.45 -7.88 -1.64
CA PHE B 367 46.27 -8.81 -0.54
C PHE B 367 47.47 -8.76 0.40
N LEU B 368 47.19 -8.94 1.69
CA LEU B 368 48.26 -9.08 2.65
C LEU B 368 48.91 -10.44 2.52
N PRO B 369 50.15 -10.60 3.00
CA PRO B 369 50.87 -11.87 2.79
C PRO B 369 50.09 -13.09 3.25
N PHE B 370 49.38 -12.99 4.37
CA PHE B 370 48.62 -14.12 4.88
C PHE B 370 47.24 -14.24 4.25
N GLN B 371 46.78 -13.21 3.54
CA GLN B 371 45.43 -13.23 2.98
C GLN B 371 45.42 -14.02 1.67
N GLN B 372 44.46 -14.93 1.55
CA GLN B 372 44.34 -15.81 0.40
C GLN B 372 43.15 -15.48 -0.49
N PHE B 373 42.01 -15.14 0.08
CA PHE B 373 40.81 -14.83 -0.66
C PHE B 373 40.39 -13.39 -0.40
N GLY B 374 39.52 -12.88 -1.26
CA GLY B 374 38.93 -11.55 -1.08
C GLY B 374 37.42 -11.63 -1.15
N ARG B 375 36.76 -10.87 -0.29
CA ARG B 375 35.31 -10.86 -0.21
C ARG B 375 34.79 -9.43 -0.37
N ASP B 376 33.60 -9.32 -0.94
CA ASP B 376 32.98 -8.03 -1.21
C ASP B 376 32.08 -7.65 -0.03
N ILE B 377 31.26 -6.62 -0.21
CA ILE B 377 30.37 -6.17 0.85
C ILE B 377 29.37 -7.28 1.20
N ALA B 378 28.83 -7.94 0.18
CA ALA B 378 27.89 -9.03 0.40
C ALA B 378 28.57 -10.33 0.83
N ASP B 379 29.89 -10.31 1.03
CA ASP B 379 30.63 -11.49 1.44
C ASP B 379 30.55 -12.59 0.39
N THR B 380 30.85 -12.23 -0.86
CA THR B 380 30.98 -13.17 -1.95
C THR B 380 32.37 -13.06 -2.55
N THR B 381 32.87 -14.19 -3.04
CA THR B 381 34.24 -14.24 -3.54
C THR B 381 34.44 -13.20 -4.64
N ASP B 382 35.25 -12.19 -4.35
CA ASP B 382 35.53 -11.09 -5.26
C ASP B 382 36.89 -11.22 -5.93
N ALA B 383 37.86 -11.81 -5.23
CA ALA B 383 39.17 -12.03 -5.81
C ALA B 383 39.83 -13.20 -5.10
N VAL B 384 40.82 -13.78 -5.76
CA VAL B 384 41.59 -14.87 -5.20
C VAL B 384 43.07 -14.62 -5.48
N ARG B 385 43.93 -15.38 -4.81
CA ARG B 385 45.36 -15.32 -5.04
C ARG B 385 45.80 -16.65 -5.63
N ASP B 386 46.45 -16.60 -6.80
CA ASP B 386 46.83 -17.81 -7.49
C ASP B 386 47.85 -18.59 -6.66
N PRO B 387 47.59 -19.85 -6.32
CA PRO B 387 48.48 -20.57 -5.39
C PRO B 387 49.90 -20.77 -5.90
N GLN B 388 50.12 -20.70 -7.21
CA GLN B 388 51.45 -20.92 -7.79
C GLN B 388 52.22 -19.63 -8.01
N THR B 389 51.61 -18.65 -8.67
CA THR B 389 52.18 -17.32 -8.82
C THR B 389 51.37 -16.38 -7.93
N LEU B 390 52.06 -15.66 -7.05
CA LEU B 390 51.40 -14.80 -6.07
C LEU B 390 50.89 -13.55 -6.79
N GLU B 391 49.76 -13.71 -7.48
CA GLU B 391 49.08 -12.62 -8.15
C GLU B 391 47.60 -12.67 -7.78
N ILE B 392 46.93 -11.53 -7.91
CA ILE B 392 45.55 -11.38 -7.49
C ILE B 392 44.65 -11.41 -8.73
N LEU B 393 43.75 -12.38 -8.77
CA LEU B 393 42.78 -12.52 -9.86
C LEU B 393 41.43 -12.03 -9.36
N ASP B 394 40.95 -10.93 -9.94
CA ASP B 394 39.59 -10.48 -9.72
C ASP B 394 38.62 -11.40 -10.45
N ILE B 395 37.51 -11.71 -9.79
CA ILE B 395 36.49 -12.62 -10.32
C ILE B 395 35.25 -11.80 -10.62
N THR B 396 34.81 -11.83 -11.88
CA THR B 396 33.59 -11.14 -12.29
C THR B 396 32.54 -12.14 -12.67
N PRO B 397 31.29 -12.02 -12.22
CA PRO B 397 30.26 -12.97 -12.64
C PRO B 397 30.12 -12.98 -14.15
N CYS B 398 29.95 -14.17 -14.70
CA CYS B 398 29.78 -14.30 -16.14
C CYS B 398 28.57 -13.51 -16.61
N SER B 399 28.72 -12.81 -17.72
CA SER B 399 27.70 -11.87 -18.16
C SER B 399 26.33 -12.53 -18.26
N PHE B 400 25.34 -11.87 -17.68
CA PHE B 400 23.96 -12.37 -17.73
C PHE B 400 23.04 -11.17 -17.79
N GLY B 401 21.82 -11.41 -18.23
CA GLY B 401 20.84 -10.34 -18.30
C GLY B 401 19.54 -10.83 -18.88
N GLY B 402 18.60 -9.90 -19.03
CA GLY B 402 17.34 -10.23 -19.66
C GLY B 402 17.43 -10.13 -21.17
N VAL B 403 16.51 -10.80 -21.84
CA VAL B 403 16.40 -10.78 -23.29
C VAL B 403 14.96 -10.42 -23.62
N SER B 404 14.77 -9.25 -24.23
CA SER B 404 13.45 -8.73 -24.55
C SER B 404 13.32 -8.59 -26.07
N VAL B 405 12.08 -8.63 -26.53
CA VAL B 405 11.77 -8.61 -27.96
C VAL B 405 11.01 -7.34 -28.27
N ILE B 406 11.57 -6.51 -29.15
CA ILE B 406 10.92 -5.28 -29.61
C ILE B 406 10.23 -5.59 -30.93
N THR B 407 8.92 -5.42 -30.95
CA THR B 407 8.14 -5.80 -32.12
C THR B 407 7.05 -4.76 -32.38
N PRO B 408 6.81 -4.39 -33.63
CA PRO B 408 5.55 -3.73 -33.95
C PRO B 408 4.41 -4.74 -33.94
N GLY B 409 3.19 -4.22 -33.91
CA GLY B 409 2.04 -5.10 -33.87
C GLY B 409 2.08 -6.12 -35.00
N THR B 410 1.83 -7.38 -34.64
CA THR B 410 1.87 -8.44 -35.63
C THR B 410 0.90 -8.19 -36.79
N ASN B 411 -0.15 -7.42 -36.56
CA ASN B 411 -1.00 -6.98 -37.66
C ASN B 411 -0.22 -6.15 -38.67
N THR B 412 0.90 -5.56 -38.27
CA THR B 412 1.71 -4.74 -39.16
C THR B 412 2.81 -5.54 -39.83
N SER B 413 3.65 -6.21 -39.04
CA SER B 413 4.74 -7.00 -39.60
C SER B 413 5.18 -8.03 -38.58
N ASN B 414 5.91 -9.05 -39.05
CA ASN B 414 6.48 -10.07 -38.20
C ASN B 414 7.96 -9.83 -37.91
N GLN B 415 8.54 -8.76 -38.45
CA GLN B 415 9.92 -8.43 -38.16
C GLN B 415 10.05 -7.98 -36.70
N VAL B 416 11.16 -8.34 -36.07
CA VAL B 416 11.40 -8.00 -34.67
C VAL B 416 12.87 -7.69 -34.47
N ALA B 417 13.16 -7.07 -33.33
CA ALA B 417 14.53 -6.86 -32.87
C ALA B 417 14.65 -7.42 -31.46
N VAL B 418 15.88 -7.66 -31.02
CA VAL B 418 16.13 -8.28 -29.73
C VAL B 418 17.07 -7.40 -28.94
N LEU B 419 16.70 -7.14 -27.68
CA LEU B 419 17.53 -6.36 -26.76
C LEU B 419 18.07 -7.30 -25.69
N TYR B 420 19.40 -7.39 -25.62
CA TYR B 420 20.08 -8.09 -24.55
C TYR B 420 20.48 -7.05 -23.51
N GLN B 421 19.82 -7.08 -22.35
CA GLN B 421 19.96 -5.99 -21.39
C GLN B 421 21.28 -6.10 -20.64
N ASP B 422 21.98 -4.97 -20.54
CA ASP B 422 23.18 -4.85 -19.71
C ASP B 422 24.21 -5.92 -20.06
N VAL B 423 24.61 -5.91 -21.34
CA VAL B 423 25.65 -6.83 -21.80
C VAL B 423 26.25 -6.27 -23.09
N ASN B 424 27.58 -6.30 -23.16
CA ASN B 424 28.29 -5.90 -24.37
C ASN B 424 28.21 -7.06 -25.36
N CYS B 425 27.54 -6.83 -26.49
CA CYS B 425 27.23 -7.93 -27.40
C CYS B 425 28.44 -8.45 -28.16
N THR B 426 29.64 -7.96 -27.88
CA THR B 426 30.82 -8.69 -28.33
C THR B 426 30.88 -10.07 -27.70
N GLU B 427 30.13 -10.28 -26.61
CA GLU B 427 30.04 -11.57 -25.93
C GLU B 427 28.86 -12.41 -26.42
N VAL B 428 28.03 -11.89 -27.32
CA VAL B 428 26.86 -12.62 -27.80
C VAL B 428 27.19 -13.34 -29.10
N ASN B 449 23.83 -4.32 -38.16
CA ASN B 449 22.55 -4.21 -37.46
C ASN B 449 22.72 -4.52 -35.98
N VAL B 450 23.84 -4.09 -35.42
CA VAL B 450 24.16 -4.25 -34.00
C VAL B 450 24.42 -2.87 -33.44
N PHE B 451 23.73 -2.51 -32.37
CA PHE B 451 23.81 -1.17 -31.79
C PHE B 451 23.98 -1.30 -30.28
N GLN B 452 25.11 -0.80 -29.76
CA GLN B 452 25.36 -0.81 -28.33
C GLN B 452 24.77 0.46 -27.72
N THR B 453 24.09 0.31 -26.58
CA THR B 453 23.45 1.42 -25.89
C THR B 453 23.55 1.16 -24.39
N ARG B 454 23.31 2.21 -23.60
CA ARG B 454 23.43 2.08 -22.16
C ARG B 454 22.48 1.01 -21.61
N ALA B 455 21.39 0.74 -22.31
CA ALA B 455 20.42 -0.25 -21.86
C ALA B 455 20.79 -1.68 -22.24
N GLY B 456 21.86 -1.87 -23.00
CA GLY B 456 22.26 -3.17 -23.47
C GLY B 456 22.58 -3.10 -24.95
N CYS B 457 22.55 -4.25 -25.60
CA CYS B 457 22.82 -4.32 -27.03
C CYS B 457 21.54 -4.66 -27.79
N LEU B 458 21.28 -3.93 -28.87
CA LEU B 458 20.10 -4.10 -29.69
C LEU B 458 20.52 -4.70 -31.03
N ILE B 459 19.91 -5.81 -31.41
CA ILE B 459 20.24 -6.54 -32.63
C ILE B 459 18.99 -6.65 -33.47
N GLY B 460 19.10 -6.30 -34.76
CA GLY B 460 18.00 -6.30 -35.69
C GLY B 460 17.43 -4.92 -35.98
N ALA B 461 17.84 -3.92 -35.21
CA ALA B 461 17.40 -2.55 -35.42
C ALA B 461 18.51 -1.74 -36.07
N GLU B 462 18.10 -0.82 -36.94
CA GLU B 462 19.02 0.04 -37.67
C GLU B 462 19.10 1.38 -36.97
N HIS B 463 20.30 1.75 -36.54
CA HIS B 463 20.49 3.04 -35.88
C HIS B 463 20.30 4.17 -36.88
N VAL B 464 19.61 5.23 -36.46
CA VAL B 464 19.27 6.35 -37.32
C VAL B 464 19.68 7.64 -36.61
N ASN B 465 20.29 8.56 -37.36
CA ASN B 465 20.71 9.83 -36.78
C ASN B 465 19.52 10.75 -36.53
N ASN B 466 18.49 10.67 -37.36
CA ASN B 466 17.31 11.52 -37.17
C ASN B 466 16.62 11.17 -35.86
N SER B 467 16.06 12.19 -35.22
CA SER B 467 15.34 12.01 -33.98
C SER B 467 13.84 12.18 -34.20
N TYR B 468 13.06 11.28 -33.62
CA TYR B 468 11.62 11.25 -33.78
C TYR B 468 10.96 11.15 -32.41
N GLU B 469 9.64 11.15 -32.41
CA GLU B 469 8.90 10.91 -31.18
C GLU B 469 9.07 9.46 -30.74
N CYS B 470 9.08 9.24 -29.43
CA CYS B 470 9.36 7.91 -28.90
C CYS B 470 8.16 7.00 -29.14
N ASP B 471 8.32 6.05 -30.05
CA ASP B 471 7.27 5.07 -30.34
C ASP B 471 7.32 3.92 -29.35
N ILE B 472 8.43 3.20 -29.33
CA ILE B 472 8.65 2.09 -28.40
C ILE B 472 9.83 2.46 -27.51
N PRO B 473 9.66 2.62 -26.20
CA PRO B 473 10.78 3.02 -25.35
C PRO B 473 11.72 1.86 -25.08
N ILE B 474 13.00 2.08 -25.32
CA ILE B 474 14.04 1.12 -24.97
C ILE B 474 14.74 1.53 -23.67
N GLY B 475 15.24 2.74 -23.61
CA GLY B 475 15.83 3.25 -22.38
C GLY B 475 17.02 4.15 -22.67
N ALA B 476 17.39 4.93 -21.65
CA ALA B 476 18.51 5.85 -21.75
C ALA B 476 18.34 6.79 -22.94
N GLY B 477 17.11 7.18 -23.20
CA GLY B 477 16.80 8.09 -24.28
C GLY B 477 16.66 7.44 -25.64
N ILE B 478 16.86 6.13 -25.74
CA ILE B 478 16.75 5.41 -27.01
C ILE B 478 15.36 4.79 -27.10
N CYS B 479 14.72 4.99 -28.25
CA CYS B 479 13.44 4.37 -28.57
C CYS B 479 13.55 3.72 -29.94
N ALA B 480 12.55 2.92 -30.29
CA ALA B 480 12.56 2.21 -31.56
C ALA B 480 11.18 2.30 -32.20
N SER B 481 11.16 2.20 -33.53
CA SER B 481 9.92 2.30 -34.27
C SER B 481 10.06 1.61 -35.63
N TYR B 482 8.93 1.21 -36.19
CA TYR B 482 8.88 0.57 -37.51
C TYR B 482 8.70 1.67 -38.55
N GLN B 483 9.77 1.95 -39.30
CA GLN B 483 9.77 3.04 -40.27
C GLN B 483 10.38 2.56 -41.59
N THR B 484 10.08 3.32 -42.65
CA THR B 484 10.60 3.01 -43.97
C THR B 484 12.13 2.98 -43.96
N SER B 497 11.09 -2.40 -47.58
CA SER B 497 11.39 -0.98 -47.42
C SER B 497 11.20 -0.55 -45.97
N GLN B 498 10.40 -1.30 -45.23
CA GLN B 498 10.13 -1.04 -43.82
C GLN B 498 11.05 -1.89 -42.94
N SER B 499 11.51 -1.29 -41.85
CA SER B 499 12.39 -1.97 -40.92
C SER B 499 12.31 -1.27 -39.57
N ILE B 500 12.83 -1.94 -38.55
CA ILE B 500 12.87 -1.40 -37.20
C ILE B 500 14.10 -0.52 -37.06
N ILE B 501 13.90 0.72 -36.61
CA ILE B 501 14.98 1.68 -36.43
C ILE B 501 15.02 2.11 -34.98
N ALA B 502 16.23 2.41 -34.51
CA ALA B 502 16.47 2.89 -33.16
C ALA B 502 17.03 4.30 -33.23
N TYR B 503 16.51 5.19 -32.38
CA TYR B 503 16.84 6.60 -32.45
C TYR B 503 16.75 7.21 -31.06
N THR B 504 17.44 8.35 -30.91
CA THR B 504 17.33 9.14 -29.70
C THR B 504 16.06 9.98 -29.77
N MET B 505 15.11 9.70 -28.87
CA MET B 505 13.79 10.31 -28.97
C MET B 505 13.87 11.81 -28.85
N SER B 506 13.04 12.51 -29.62
CA SER B 506 12.96 13.95 -29.55
C SER B 506 11.96 14.37 -28.47
N LEU B 507 12.27 15.48 -27.80
CA LEU B 507 11.44 15.99 -26.72
C LEU B 507 10.36 16.94 -27.22
N GLY B 508 10.31 17.21 -28.51
CA GLY B 508 9.33 18.11 -29.09
C GLY B 508 9.98 19.21 -29.91
N ALA B 509 9.12 19.92 -30.63
CA ALA B 509 9.60 20.99 -31.50
C ALA B 509 10.18 22.13 -30.67
N GLU B 510 11.30 22.67 -31.14
CA GLU B 510 11.93 23.80 -30.49
C GLU B 510 11.30 25.09 -31.01
N ASN B 511 10.94 25.97 -30.08
CA ASN B 511 10.20 27.21 -30.40
C ASN B 511 10.75 28.34 -29.56
N SER B 512 11.67 29.11 -30.14
CA SER B 512 12.15 30.31 -29.48
C SER B 512 11.05 31.37 -29.44
N VAL B 513 10.95 32.05 -28.30
CA VAL B 513 9.91 33.06 -28.10
C VAL B 513 10.53 34.43 -28.36
N ALA B 514 9.83 35.25 -29.15
CA ALA B 514 10.33 36.57 -29.54
C ALA B 514 10.11 37.55 -28.38
N TYR B 515 10.93 37.40 -27.36
CA TYR B 515 10.85 38.25 -26.18
C TYR B 515 11.54 39.58 -26.43
N SER B 516 10.93 40.65 -25.91
CA SER B 516 11.51 41.98 -25.91
C SER B 516 10.91 42.75 -24.74
N ASN B 517 11.51 43.88 -24.41
CA ASN B 517 11.10 44.66 -23.25
C ASN B 517 9.88 45.53 -23.53
N ASN B 518 9.42 45.60 -24.78
CA ASN B 518 8.23 46.42 -25.06
C ASN B 518 7.28 45.77 -26.06
N SER B 519 7.27 44.45 -26.23
CA SER B 519 6.39 43.78 -27.18
C SER B 519 5.52 42.79 -26.43
N ILE B 520 4.25 42.72 -26.81
CA ILE B 520 3.30 41.80 -26.18
C ILE B 520 2.45 41.16 -27.27
N ALA B 521 2.18 39.87 -27.12
CA ALA B 521 1.32 39.13 -28.02
C ALA B 521 -0.05 38.95 -27.38
N ILE B 522 -1.10 39.27 -28.13
CA ILE B 522 -2.45 39.17 -27.62
C ILE B 522 -3.31 38.35 -28.58
N PRO B 523 -4.15 37.44 -28.09
CA PRO B 523 -4.99 36.66 -29.00
C PRO B 523 -6.10 37.51 -29.60
N THR B 524 -6.39 37.27 -30.88
CA THR B 524 -7.49 37.93 -31.56
C THR B 524 -8.68 37.00 -31.76
N ASN B 525 -8.48 35.69 -31.68
CA ASN B 525 -9.57 34.73 -31.80
C ASN B 525 -9.35 33.64 -30.76
N PHE B 526 -10.35 32.78 -30.61
CA PHE B 526 -10.31 31.74 -29.60
C PHE B 526 -10.94 30.48 -30.16
N THR B 527 -10.76 29.38 -29.42
CA THR B 527 -11.38 28.11 -29.78
C THR B 527 -11.87 27.42 -28.52
N ILE B 528 -12.98 26.71 -28.65
CA ILE B 528 -13.55 25.92 -27.57
C ILE B 528 -13.08 24.49 -27.73
N SER B 529 -12.33 24.00 -26.75
CA SER B 529 -11.74 22.67 -26.83
C SER B 529 -12.37 21.75 -25.80
N VAL B 530 -12.73 20.55 -26.23
CA VAL B 530 -13.31 19.55 -25.36
C VAL B 530 -12.32 18.40 -25.24
N THR B 531 -11.90 18.11 -24.01
CA THR B 531 -10.97 17.02 -23.75
C THR B 531 -11.63 15.99 -22.86
N THR B 532 -11.08 14.79 -22.85
CA THR B 532 -11.64 13.66 -22.12
C THR B 532 -10.65 13.19 -21.07
N GLU B 533 -11.14 12.91 -19.87
CA GLU B 533 -10.33 12.36 -18.79
C GLU B 533 -11.06 11.17 -18.18
N ILE B 534 -10.37 10.05 -18.05
CA ILE B 534 -10.97 8.80 -17.59
C ILE B 534 -10.32 8.42 -16.26
N LEU B 535 -11.15 8.12 -15.26
CA LEU B 535 -10.64 7.78 -13.94
C LEU B 535 -11.33 6.53 -13.40
N PRO B 536 -10.57 5.54 -12.95
CA PRO B 536 -11.19 4.40 -12.25
C PRO B 536 -11.84 4.85 -10.95
N VAL B 537 -12.95 4.22 -10.60
CA VAL B 537 -13.69 4.53 -9.39
C VAL B 537 -13.74 3.34 -8.43
N SER B 538 -13.95 2.14 -8.96
CA SER B 538 -14.07 0.95 -8.14
C SER B 538 -13.54 -0.25 -8.90
N MET B 539 -13.50 -1.40 -8.22
CA MET B 539 -13.09 -2.64 -8.84
C MET B 539 -14.07 -3.73 -8.44
N THR B 540 -13.85 -4.92 -8.98
CA THR B 540 -14.73 -6.05 -8.69
C THR B 540 -14.69 -6.38 -7.20
N LYS B 541 -15.86 -6.72 -6.65
CA LYS B 541 -15.98 -7.08 -5.25
C LYS B 541 -15.84 -8.60 -5.12
N THR B 542 -14.60 -9.06 -5.05
CA THR B 542 -14.35 -10.48 -4.97
C THR B 542 -14.41 -10.95 -3.52
N SER B 543 -14.87 -12.19 -3.35
CA SER B 543 -14.87 -12.85 -2.06
C SER B 543 -14.39 -14.28 -2.26
N VAL B 544 -13.69 -14.82 -1.27
CA VAL B 544 -13.07 -16.13 -1.38
C VAL B 544 -13.45 -16.95 -0.17
N ASP B 545 -13.94 -18.16 -0.41
CA ASP B 545 -14.20 -19.13 0.66
C ASP B 545 -12.92 -19.93 0.86
N CYS B 546 -12.13 -19.51 1.84
CA CYS B 546 -10.84 -20.14 2.08
C CYS B 546 -10.96 -21.66 2.19
N THR B 547 -11.97 -22.13 2.92
CA THR B 547 -12.12 -23.57 3.14
C THR B 547 -12.30 -24.31 1.82
N MET B 548 -13.17 -23.79 0.94
CA MET B 548 -13.36 -24.44 -0.35
C MET B 548 -12.14 -24.29 -1.23
N TYR B 549 -11.38 -23.21 -1.06
CA TYR B 549 -10.21 -22.99 -1.90
C TYR B 549 -9.10 -23.97 -1.55
N ILE B 550 -8.83 -24.16 -0.27
CA ILE B 550 -7.70 -24.98 0.17
C ILE B 550 -8.15 -26.43 0.31
N CYS B 551 -9.14 -26.67 1.16
CA CYS B 551 -9.55 -28.00 1.59
C CYS B 551 -10.90 -28.40 1.02
N GLY B 552 -11.15 -28.08 -0.25
CA GLY B 552 -12.43 -28.36 -0.86
C GLY B 552 -12.88 -29.80 -0.67
N ASP B 553 -13.94 -30.00 0.11
CA ASP B 553 -14.51 -31.33 0.33
C ASP B 553 -13.51 -32.27 0.98
N SER B 554 -13.01 -31.90 2.15
CA SER B 554 -12.13 -32.77 2.94
C SER B 554 -12.23 -32.35 4.40
N THR B 555 -12.94 -33.13 5.20
CA THR B 555 -13.07 -32.81 6.62
C THR B 555 -11.72 -32.89 7.32
N GLU B 556 -10.91 -33.89 6.97
CA GLU B 556 -9.58 -34.00 7.57
C GLU B 556 -8.73 -32.79 7.24
N CYS B 557 -8.81 -32.32 5.99
CA CYS B 557 -8.04 -31.14 5.60
C CYS B 557 -8.52 -29.90 6.36
N SER B 558 -9.82 -29.78 6.59
CA SER B 558 -10.33 -28.67 7.39
C SER B 558 -9.83 -28.77 8.83
N ASN B 559 -9.81 -29.97 9.39
CA ASN B 559 -9.25 -30.15 10.72
C ASN B 559 -7.80 -29.71 10.76
N LEU B 560 -7.02 -30.06 9.73
CA LEU B 560 -5.64 -29.60 9.65
C LEU B 560 -5.57 -28.08 9.56
N LEU B 561 -6.43 -27.46 8.75
CA LEU B 561 -6.50 -26.01 8.72
C LEU B 561 -6.69 -25.42 10.11
N LEU B 562 -7.51 -26.08 10.93
CA LEU B 562 -7.82 -25.52 12.24
C LEU B 562 -6.56 -25.23 13.06
N GLN B 563 -5.50 -25.99 12.84
CA GLN B 563 -4.27 -25.77 13.61
C GLN B 563 -3.58 -24.46 13.26
N TYR B 564 -3.88 -23.88 12.11
CA TYR B 564 -3.19 -22.66 11.65
C TYR B 564 -3.80 -21.39 12.20
N GLY B 565 -4.78 -21.48 13.10
CA GLY B 565 -5.33 -20.31 13.74
C GLY B 565 -6.55 -19.76 13.02
N SER B 566 -6.63 -18.44 12.92
CA SER B 566 -7.78 -17.75 12.33
C SER B 566 -7.37 -16.97 11.08
N PHE B 567 -6.52 -17.57 10.24
CA PHE B 567 -6.14 -16.91 9.00
C PHE B 567 -7.35 -16.70 8.10
N CYS B 568 -8.25 -17.69 8.06
CA CYS B 568 -9.43 -17.58 7.20
C CYS B 568 -10.28 -16.38 7.56
N THR B 569 -10.54 -16.18 8.86
CA THR B 569 -11.35 -15.05 9.28
C THR B 569 -10.68 -13.74 8.91
N GLN B 570 -9.36 -13.66 9.07
CA GLN B 570 -8.64 -12.45 8.73
C GLN B 570 -8.76 -12.14 7.25
N LEU B 571 -8.57 -13.15 6.40
CA LEU B 571 -8.66 -12.92 4.95
C LEU B 571 -10.07 -12.50 4.55
N ASN B 572 -11.08 -13.15 5.12
CA ASN B 572 -12.46 -12.78 4.81
C ASN B 572 -12.75 -11.36 5.25
N ARG B 573 -12.26 -10.97 6.43
CA ARG B 573 -12.44 -9.59 6.89
C ARG B 573 -11.82 -8.61 5.92
N ALA B 574 -10.59 -8.90 5.46
CA ALA B 574 -9.92 -7.99 4.54
C ALA B 574 -10.71 -7.83 3.25
N LEU B 575 -11.16 -8.95 2.68
CA LEU B 575 -11.89 -8.85 1.41
C LEU B 575 -13.23 -8.15 1.58
N THR B 576 -13.93 -8.40 2.69
CA THR B 576 -15.19 -7.72 2.93
C THR B 576 -14.97 -6.22 3.07
N GLY B 577 -13.92 -5.83 3.79
CA GLY B 577 -13.60 -4.42 3.90
C GLY B 577 -13.33 -3.79 2.54
N ILE B 578 -12.60 -4.52 1.68
CA ILE B 578 -12.32 -4.00 0.35
C ILE B 578 -13.63 -3.77 -0.42
N ALA B 579 -14.54 -4.74 -0.36
CA ALA B 579 -15.79 -4.59 -1.10
C ALA B 579 -16.61 -3.40 -0.58
N VAL B 580 -16.72 -3.27 0.74
CA VAL B 580 -17.45 -2.15 1.31
C VAL B 580 -16.81 -0.84 0.88
N GLU B 581 -15.48 -0.81 0.83
CA GLU B 581 -14.79 0.40 0.39
C GLU B 581 -15.09 0.70 -1.07
N GLN B 582 -15.24 -0.32 -1.92
CA GLN B 582 -15.59 -0.06 -3.31
C GLN B 582 -16.97 0.58 -3.40
N ASP B 583 -17.94 0.06 -2.65
CA ASP B 583 -19.26 0.68 -2.64
C ASP B 583 -19.16 2.12 -2.17
N LYS B 584 -18.36 2.37 -1.13
CA LYS B 584 -18.19 3.72 -0.62
C LYS B 584 -17.57 4.63 -1.69
N ASN B 585 -16.61 4.11 -2.45
CA ASN B 585 -15.97 4.91 -3.49
C ASN B 585 -16.99 5.35 -4.53
N THR B 586 -17.81 4.41 -5.01
CA THR B 586 -18.83 4.79 -5.98
C THR B 586 -19.78 5.81 -5.40
N GLN B 587 -20.23 5.60 -4.16
CA GLN B 587 -21.13 6.54 -3.52
C GLN B 587 -20.51 7.94 -3.47
N GLU B 588 -19.24 8.02 -3.06
CA GLU B 588 -18.58 9.32 -2.97
C GLU B 588 -18.50 10.00 -4.32
N VAL B 589 -18.12 9.26 -5.36
CA VAL B 589 -17.89 9.89 -6.66
C VAL B 589 -19.20 10.40 -7.23
N PHE B 590 -20.25 9.58 -7.22
CA PHE B 590 -21.43 9.93 -7.99
C PHE B 590 -22.54 10.59 -7.17
N ALA B 591 -22.75 10.16 -5.93
CA ALA B 591 -23.85 10.68 -5.12
C ALA B 591 -23.41 11.98 -4.45
N GLN B 592 -23.28 13.02 -5.28
CA GLN B 592 -22.93 14.36 -4.82
C GLN B 592 -24.06 15.35 -5.09
N VAL B 593 -25.25 14.85 -5.41
CA VAL B 593 -26.39 15.69 -5.75
C VAL B 593 -27.53 15.33 -4.83
N LYS B 594 -28.19 16.36 -4.27
CA LYS B 594 -29.25 16.12 -3.31
C LYS B 594 -30.53 15.62 -3.97
N GLN B 595 -30.82 16.08 -5.18
CA GLN B 595 -32.06 15.73 -5.87
C GLN B 595 -31.75 15.27 -7.28
N ILE B 596 -32.73 14.60 -7.89
CA ILE B 596 -32.61 14.12 -9.25
C ILE B 596 -33.21 15.17 -10.17
N TYR B 597 -32.35 15.98 -10.80
CA TYR B 597 -32.80 17.02 -11.70
C TYR B 597 -33.05 16.45 -13.09
N LYS B 598 -33.99 17.06 -13.81
CA LYS B 598 -34.34 16.64 -15.16
C LYS B 598 -34.41 17.84 -16.07
N THR B 599 -33.93 17.66 -17.30
CA THR B 599 -33.91 18.72 -18.30
C THR B 599 -35.32 18.99 -18.81
N PRO B 600 -35.58 20.20 -19.28
CA PRO B 600 -36.92 20.50 -19.81
C PRO B 600 -37.18 19.76 -21.11
N PRO B 601 -38.44 19.52 -21.45
CA PRO B 601 -38.72 18.83 -22.72
C PRO B 601 -38.27 19.62 -23.94
N ILE B 602 -38.13 20.94 -23.83
CA ILE B 602 -37.73 21.80 -24.94
C ILE B 602 -36.23 21.99 -24.85
N LYS B 603 -35.51 21.57 -25.89
CA LYS B 603 -34.06 21.68 -25.92
C LYS B 603 -33.65 22.95 -26.67
N ASP B 604 -33.90 24.07 -26.02
CA ASP B 604 -33.57 25.40 -26.55
C ASP B 604 -32.54 26.03 -25.61
N PHE B 605 -31.26 25.80 -25.91
CA PHE B 605 -30.17 26.31 -25.10
C PHE B 605 -29.32 27.31 -25.86
N GLY B 606 -29.96 28.12 -26.72
CA GLY B 606 -29.23 29.14 -27.44
C GLY B 606 -28.29 28.64 -28.51
N GLY B 607 -28.55 27.46 -29.06
CA GLY B 607 -27.75 26.90 -30.12
C GLY B 607 -26.79 25.82 -29.68
N PHE B 608 -26.72 25.52 -28.38
CA PHE B 608 -25.86 24.46 -27.87
C PHE B 608 -26.61 23.15 -27.92
N ASN B 609 -26.00 22.13 -28.51
CA ASN B 609 -26.62 20.82 -28.70
C ASN B 609 -25.95 19.84 -27.75
N PHE B 610 -26.70 19.33 -26.78
CA PHE B 610 -26.21 18.38 -25.79
C PHE B 610 -26.64 16.96 -26.09
N SER B 611 -27.15 16.70 -27.30
CA SER B 611 -27.68 15.38 -27.61
C SER B 611 -26.67 14.27 -27.39
N GLN B 612 -25.39 14.53 -27.64
CA GLN B 612 -24.36 13.52 -27.51
C GLN B 612 -24.03 13.18 -26.06
N ILE B 613 -24.46 13.99 -25.10
CA ILE B 613 -24.18 13.73 -23.69
C ILE B 613 -25.43 13.45 -22.88
N LEU B 614 -26.59 13.93 -23.30
CA LEU B 614 -27.79 13.67 -22.51
C LEU B 614 -28.32 12.26 -22.78
N PRO B 615 -29.10 11.69 -21.86
CA PRO B 615 -29.63 10.35 -22.07
C PRO B 615 -30.49 10.28 -23.33
N ASP B 616 -30.42 9.15 -24.02
CA ASP B 616 -31.27 8.92 -25.17
C ASP B 616 -32.60 8.35 -24.70
N PRO B 617 -33.71 9.08 -24.82
CA PRO B 617 -34.97 8.59 -24.26
C PRO B 617 -35.47 7.29 -24.87
N SER B 618 -35.13 7.01 -26.12
CA SER B 618 -35.63 5.80 -26.78
C SER B 618 -34.97 4.53 -26.28
N LYS B 619 -33.71 4.60 -25.86
CA LYS B 619 -33.00 3.41 -25.41
C LYS B 619 -33.63 2.88 -24.13
N PRO B 620 -33.82 1.56 -24.01
CA PRO B 620 -34.39 1.04 -22.74
C PRO B 620 -33.58 1.43 -21.52
N SER B 621 -32.25 1.39 -21.61
CA SER B 621 -31.37 1.89 -20.56
C SER B 621 -30.92 3.28 -20.98
N LYS B 622 -31.30 4.29 -20.21
CA LYS B 622 -31.12 5.66 -20.64
C LYS B 622 -29.65 6.07 -20.56
N ARG B 623 -28.85 5.58 -21.50
CA ARG B 623 -27.45 5.95 -21.64
C ARG B 623 -27.30 6.95 -22.79
N SER B 624 -26.37 7.87 -22.63
CA SER B 624 -26.04 8.78 -23.72
C SER B 624 -25.22 8.06 -24.78
N PRO B 625 -25.18 8.57 -26.01
CA PRO B 625 -24.38 7.91 -27.04
C PRO B 625 -22.92 7.72 -26.64
N ILE B 626 -22.33 8.72 -25.98
CA ILE B 626 -20.96 8.59 -25.53
C ILE B 626 -20.85 7.49 -24.48
N GLU B 627 -21.83 7.41 -23.58
CA GLU B 627 -21.84 6.33 -22.61
C GLU B 627 -21.98 4.98 -23.30
N ASP B 628 -22.78 4.91 -24.36
CA ASP B 628 -22.88 3.67 -25.11
C ASP B 628 -21.54 3.27 -25.72
N LEU B 629 -20.83 4.24 -26.30
CA LEU B 629 -19.50 3.93 -26.83
C LEU B 629 -18.58 3.45 -25.73
N LEU B 630 -18.61 4.11 -24.56
CA LEU B 630 -17.74 3.71 -23.47
C LEU B 630 -18.03 2.30 -22.99
N PHE B 631 -19.31 1.95 -22.86
CA PHE B 631 -19.67 0.63 -22.36
C PHE B 631 -19.42 -0.46 -23.40
N ASN B 632 -19.57 -0.16 -24.69
CA ASN B 632 -19.27 -1.17 -25.71
C ASN B 632 -17.80 -1.56 -25.69
N LYS B 633 -16.91 -0.59 -25.53
CA LYS B 633 -15.48 -0.88 -25.47
C LYS B 633 -15.15 -1.76 -24.27
N LYS B 662 -12.24 -20.65 -10.89
CA LYS B 662 -13.49 -20.04 -11.30
C LYS B 662 -14.57 -20.31 -10.26
N PHE B 663 -14.69 -21.56 -9.85
CA PHE B 663 -15.64 -21.99 -8.83
C PHE B 663 -14.93 -22.79 -7.73
N ASN B 664 -13.79 -22.30 -7.28
CA ASN B 664 -13.01 -22.95 -6.22
C ASN B 664 -13.15 -22.18 -4.91
N GLY B 665 -14.36 -21.69 -4.65
CA GLY B 665 -14.60 -20.81 -3.52
C GLY B 665 -14.55 -19.35 -3.86
N LEU B 666 -14.38 -19.00 -5.13
CA LEU B 666 -14.31 -17.61 -5.56
C LEU B 666 -15.69 -17.15 -6.04
N THR B 667 -16.09 -15.96 -5.59
CA THR B 667 -17.38 -15.41 -5.97
C THR B 667 -17.24 -13.91 -6.16
N VAL B 668 -18.14 -13.35 -6.94
CA VAL B 668 -18.15 -11.91 -7.23
C VAL B 668 -19.47 -11.35 -6.74
N LEU B 669 -19.40 -10.37 -5.85
CA LEU B 669 -20.59 -9.74 -5.29
C LEU B 669 -21.05 -8.60 -6.19
N PRO B 670 -22.35 -8.44 -6.43
CA PRO B 670 -22.80 -7.35 -7.28
C PRO B 670 -22.63 -6.01 -6.58
N PRO B 671 -22.29 -4.96 -7.30
CA PRO B 671 -22.18 -3.64 -6.67
C PRO B 671 -23.54 -3.12 -6.22
N LEU B 672 -23.52 -2.31 -5.17
CA LEU B 672 -24.76 -1.81 -4.59
C LEU B 672 -25.55 -1.00 -5.61
N LEU B 673 -24.88 -0.11 -6.33
CA LEU B 673 -25.53 0.72 -7.34
C LEU B 673 -25.39 0.06 -8.71
N THR B 674 -26.53 -0.26 -9.31
CA THR B 674 -26.53 -0.79 -10.66
C THR B 674 -26.10 0.29 -11.64
N ASP B 675 -25.69 -0.14 -12.83
CA ASP B 675 -25.28 0.82 -13.84
C ASP B 675 -26.40 1.81 -14.15
N GLU B 676 -27.65 1.36 -14.05
CA GLU B 676 -28.77 2.26 -14.29
C GLU B 676 -28.82 3.38 -13.26
N MET B 677 -28.55 3.06 -12.00
CA MET B 677 -28.56 4.10 -10.96
C MET B 677 -27.44 5.11 -11.19
N ILE B 678 -26.27 4.62 -11.59
CA ILE B 678 -25.16 5.53 -11.88
C ILE B 678 -25.53 6.43 -13.06
N ALA B 679 -26.20 5.85 -14.07
CA ALA B 679 -26.66 6.66 -15.20
C ALA B 679 -27.65 7.72 -14.73
N GLN B 680 -28.54 7.36 -13.80
CA GLN B 680 -29.48 8.33 -13.26
C GLN B 680 -28.75 9.47 -12.55
N TYR B 681 -27.73 9.13 -11.75
CA TYR B 681 -26.96 10.18 -11.07
C TYR B 681 -26.27 11.08 -12.09
N THR B 682 -25.67 10.50 -13.11
CA THR B 682 -24.99 11.30 -14.13
C THR B 682 -25.98 12.21 -14.84
N SER B 683 -27.17 11.69 -15.15
CA SER B 683 -28.18 12.51 -15.80
C SER B 683 -28.61 13.65 -14.90
N ALA B 684 -28.75 13.38 -13.60
CA ALA B 684 -29.11 14.45 -12.67
C ALA B 684 -28.04 15.53 -12.66
N LEU B 685 -26.77 15.13 -12.63
CA LEU B 685 -25.69 16.11 -12.63
C LEU B 685 -25.70 16.93 -13.91
N LEU B 686 -25.87 16.27 -15.06
CA LEU B 686 -25.90 17.00 -16.33
C LEU B 686 -27.07 17.99 -16.38
N ALA B 687 -28.25 17.55 -15.95
CA ALA B 687 -29.40 18.44 -15.96
C ALA B 687 -29.16 19.63 -15.04
N GLY B 688 -28.62 19.39 -13.85
CA GLY B 688 -28.33 20.48 -12.94
C GLY B 688 -27.36 21.47 -13.54
N THR B 689 -26.28 20.97 -14.13
CA THR B 689 -25.28 21.86 -14.72
C THR B 689 -25.88 22.67 -15.86
N ILE B 690 -26.68 22.03 -16.71
CA ILE B 690 -27.21 22.72 -17.89
C ILE B 690 -28.23 23.77 -17.48
N THR B 691 -29.11 23.44 -16.53
CA THR B 691 -30.24 24.32 -16.23
C THR B 691 -29.96 25.32 -15.13
N SER B 692 -28.93 25.10 -14.30
CA SER B 692 -28.69 25.99 -13.17
C SER B 692 -27.22 26.30 -12.94
N GLY B 693 -26.35 26.05 -13.89
CA GLY B 693 -24.94 26.38 -13.70
C GLY B 693 -24.39 25.65 -12.48
N TRP B 694 -23.65 26.39 -11.66
CA TRP B 694 -23.05 25.81 -10.45
C TRP B 694 -23.86 26.09 -9.19
N THR B 695 -25.02 26.73 -9.31
CA THR B 695 -25.79 27.07 -8.13
C THR B 695 -26.27 25.82 -7.39
N PHE B 696 -26.69 24.79 -8.11
CA PHE B 696 -27.20 23.59 -7.47
C PHE B 696 -26.14 22.88 -6.64
N GLY B 697 -24.86 23.18 -6.86
CA GLY B 697 -23.81 22.60 -6.06
C GLY B 697 -23.56 23.29 -4.73
N ALA B 698 -24.16 24.46 -4.52
CA ALA B 698 -24.00 25.20 -3.28
C ALA B 698 -25.25 25.14 -2.41
N GLY B 699 -26.40 25.51 -2.98
CA GLY B 699 -27.65 25.46 -2.25
C GLY B 699 -28.80 25.07 -3.14
N PRO B 700 -29.91 25.81 -3.05
CA PRO B 700 -31.04 25.56 -3.93
C PRO B 700 -30.66 25.82 -5.38
N ALA B 701 -31.05 24.92 -6.27
CA ALA B 701 -30.73 25.08 -7.68
C ALA B 701 -31.50 26.26 -8.25
N LEU B 702 -30.78 27.17 -8.90
CA LEU B 702 -31.35 28.38 -9.46
C LEU B 702 -31.23 28.33 -10.97
N GLN B 703 -32.36 28.45 -11.67
CA GLN B 703 -32.34 28.39 -13.12
C GLN B 703 -31.70 29.65 -13.70
N ILE B 704 -31.12 29.50 -14.88
CA ILE B 704 -30.49 30.62 -15.57
C ILE B 704 -30.36 30.26 -17.05
N PRO B 705 -30.62 31.18 -17.98
CA PRO B 705 -30.43 30.84 -19.40
C PRO B 705 -28.99 30.41 -19.65
N PHE B 706 -28.83 29.39 -20.49
CA PHE B 706 -27.51 28.81 -20.68
C PHE B 706 -26.55 29.82 -21.29
N PRO B 707 -27.04 30.71 -22.14
CA PRO B 707 -26.17 31.74 -22.70
C PRO B 707 -25.60 32.63 -21.60
N MET B 708 -26.45 33.03 -20.64
CA MET B 708 -25.96 33.85 -19.54
C MET B 708 -24.99 33.05 -18.66
N GLN B 709 -25.26 31.77 -18.48
CA GLN B 709 -24.33 30.93 -17.73
C GLN B 709 -22.95 30.94 -18.39
N MET B 710 -22.93 30.73 -19.71
CA MET B 710 -21.65 30.75 -20.42
C MET B 710 -21.00 32.12 -20.36
N ALA B 711 -21.81 33.18 -20.33
CA ALA B 711 -21.25 34.52 -20.14
C ALA B 711 -20.54 34.62 -18.81
N TYR B 712 -21.14 34.07 -17.75
CA TYR B 712 -20.47 34.06 -16.46
C TYR B 712 -19.19 33.24 -16.52
N ARG B 713 -19.25 32.09 -17.19
CA ARG B 713 -18.04 31.27 -17.34
C ARG B 713 -16.92 32.09 -18.00
N PHE B 714 -17.26 32.84 -19.04
CA PHE B 714 -16.26 33.69 -19.69
C PHE B 714 -15.72 34.74 -18.75
N ASN B 715 -16.60 35.39 -17.98
CA ASN B 715 -16.12 36.35 -16.99
C ASN B 715 -15.16 35.70 -16.01
N GLY B 716 -15.38 34.42 -15.71
CA GLY B 716 -14.52 33.74 -14.75
C GLY B 716 -13.08 33.65 -15.24
N ILE B 717 -12.88 33.47 -16.54
CA ILE B 717 -11.55 33.29 -17.10
C ILE B 717 -10.98 34.63 -17.54
N GLY B 718 -11.65 35.72 -17.17
CA GLY B 718 -11.14 37.05 -17.45
C GLY B 718 -11.46 37.60 -18.81
N VAL B 719 -12.47 37.08 -19.48
CA VAL B 719 -12.90 37.58 -20.79
C VAL B 719 -14.23 38.30 -20.59
N THR B 720 -14.32 39.53 -21.07
CA THR B 720 -15.53 40.31 -20.91
C THR B 720 -16.70 39.57 -21.56
N GLN B 721 -17.85 39.61 -20.88
CA GLN B 721 -18.98 38.79 -21.31
C GLN B 721 -19.54 39.23 -22.66
N ASN B 722 -19.33 40.49 -23.06
CA ASN B 722 -19.80 40.91 -24.37
C ASN B 722 -19.23 40.06 -25.49
N VAL B 723 -18.03 39.50 -25.29
CA VAL B 723 -17.45 38.64 -26.31
C VAL B 723 -18.37 37.48 -26.63
N LEU B 724 -18.88 36.81 -25.58
CA LEU B 724 -19.76 35.67 -25.81
C LEU B 724 -21.06 36.10 -26.47
N TYR B 725 -21.63 37.21 -26.04
CA TYR B 725 -22.90 37.63 -26.62
C TYR B 725 -22.75 38.03 -28.08
N GLU B 726 -21.55 38.49 -28.45
CA GLU B 726 -21.29 38.86 -29.83
C GLU B 726 -20.81 37.69 -30.69
N ASN B 727 -20.34 36.60 -30.08
CA ASN B 727 -19.88 35.44 -30.83
C ASN B 727 -20.63 34.18 -30.41
N GLN B 728 -21.89 34.33 -29.98
CA GLN B 728 -22.65 33.19 -29.48
C GLN B 728 -22.78 32.08 -30.52
N LYS B 729 -23.13 32.43 -31.75
CA LYS B 729 -23.34 31.39 -32.76
C LYS B 729 -22.04 30.65 -33.04
N LEU B 730 -20.93 31.38 -33.17
CA LEU B 730 -19.65 30.74 -33.42
C LEU B 730 -19.25 29.84 -32.26
N ILE B 731 -19.46 30.30 -31.03
CA ILE B 731 -19.11 29.50 -29.86
C ILE B 731 -19.96 28.23 -29.83
N ALA B 732 -21.25 28.34 -30.11
CA ALA B 732 -22.10 27.17 -30.13
C ALA B 732 -21.65 26.17 -31.20
N ASN B 733 -21.30 26.67 -32.38
CA ASN B 733 -20.83 25.79 -33.44
C ASN B 733 -19.55 25.07 -33.03
N GLN B 734 -18.62 25.81 -32.43
CA GLN B 734 -17.37 25.18 -31.98
C GLN B 734 -17.64 24.13 -30.91
N PHE B 735 -18.53 24.43 -29.97
CA PHE B 735 -18.83 23.46 -28.92
C PHE B 735 -19.43 22.19 -29.50
N ASN B 736 -20.39 22.35 -30.43
CA ASN B 736 -21.02 21.17 -31.04
C ASN B 736 -20.00 20.36 -31.82
N SER B 737 -19.12 21.04 -32.57
CA SER B 737 -18.10 20.33 -33.34
C SER B 737 -17.15 19.57 -32.42
N ALA B 738 -16.76 20.18 -31.30
CA ALA B 738 -15.88 19.50 -30.36
C ALA B 738 -16.55 18.27 -29.77
N ILE B 739 -17.83 18.37 -29.42
CA ILE B 739 -18.53 17.21 -28.88
C ILE B 739 -18.60 16.10 -29.92
N GLY B 740 -18.90 16.45 -31.17
CA GLY B 740 -18.90 15.45 -32.22
C GLY B 740 -17.54 14.80 -32.41
N LYS B 741 -16.48 15.60 -32.31
CA LYS B 741 -15.13 15.05 -32.41
C LYS B 741 -14.85 14.08 -31.27
N ILE B 742 -15.31 14.40 -30.06
CA ILE B 742 -15.18 13.45 -28.95
C ILE B 742 -15.87 12.14 -29.28
N GLN B 743 -17.10 12.24 -29.79
CA GLN B 743 -17.84 11.04 -30.19
C GLN B 743 -17.02 10.20 -31.17
N ASP B 744 -16.52 10.83 -32.22
CA ASP B 744 -15.77 10.09 -33.25
C ASP B 744 -14.49 9.51 -32.69
N SER B 745 -13.77 10.27 -31.87
CA SER B 745 -12.51 9.78 -31.31
C SER B 745 -12.74 8.56 -30.44
N LEU B 746 -13.78 8.59 -29.60
CA LEU B 746 -14.09 7.43 -28.79
C LEU B 746 -14.51 6.25 -29.65
N SER B 747 -15.27 6.52 -30.72
CA SER B 747 -15.68 5.43 -31.60
C SER B 747 -14.47 4.75 -32.24
N SER B 748 -13.53 5.55 -32.75
CA SER B 748 -12.36 4.98 -33.41
C SER B 748 -11.38 4.39 -32.40
N THR B 749 -11.10 5.12 -31.33
CA THR B 749 -10.10 4.69 -30.35
C THR B 749 -10.75 4.47 -28.99
N SER B 751 -7.94 2.25 -27.71
CA SER B 751 -7.09 2.33 -26.54
C SER B 751 -7.38 3.58 -25.72
N ALA B 752 -8.55 4.17 -25.95
CA ALA B 752 -8.91 5.38 -25.22
C ALA B 752 -9.02 5.11 -23.72
N LEU B 753 -9.66 4.00 -23.35
CA LEU B 753 -9.79 3.62 -21.94
C LEU B 753 -8.45 3.04 -21.49
N GLY B 754 -7.73 3.80 -20.67
CA GLY B 754 -6.39 3.42 -20.27
C GLY B 754 -6.33 2.78 -18.90
N LYS B 755 -5.95 3.57 -17.90
CA LYS B 755 -5.75 3.05 -16.55
C LYS B 755 -6.93 2.19 -16.10
N LEU B 756 -8.13 2.49 -16.60
CA LEU B 756 -9.31 1.70 -16.25
C LEU B 756 -9.17 0.26 -16.73
N GLN B 757 -8.86 0.09 -18.02
CA GLN B 757 -8.65 -1.25 -18.55
C GLN B 757 -7.47 -1.92 -17.88
N ASP B 758 -6.46 -1.14 -17.47
CA ASP B 758 -5.33 -1.70 -16.75
C ASP B 758 -5.78 -2.27 -15.41
N VAL B 759 -6.65 -1.57 -14.71
CA VAL B 759 -7.18 -2.08 -13.44
C VAL B 759 -7.93 -3.39 -13.67
N VAL B 760 -8.79 -3.40 -14.69
CA VAL B 760 -9.57 -4.61 -14.96
C VAL B 760 -8.64 -5.78 -15.26
N ASN B 761 -7.64 -5.54 -16.11
CA ASN B 761 -6.71 -6.60 -16.48
C ASN B 761 -5.91 -7.09 -15.27
N GLN B 762 -5.48 -6.16 -14.41
CA GLN B 762 -4.74 -6.57 -13.22
C GLN B 762 -5.59 -7.47 -12.34
N ASN B 763 -6.85 -7.10 -12.11
CA ASN B 763 -7.71 -7.94 -11.29
C ASN B 763 -7.91 -9.32 -11.92
N ALA B 764 -8.15 -9.36 -13.24
CA ALA B 764 -8.34 -10.64 -13.90
C ALA B 764 -7.10 -11.51 -13.79
N GLN B 765 -5.92 -10.91 -13.98
CA GLN B 765 -4.68 -11.66 -13.87
C GLN B 765 -4.43 -12.16 -12.46
N ALA B 766 -4.76 -11.35 -11.45
CA ALA B 766 -4.61 -11.82 -10.07
C ALA B 766 -5.49 -13.03 -9.81
N LEU B 767 -6.75 -12.97 -10.25
CA LEU B 767 -7.62 -14.13 -10.05
C LEU B 767 -7.10 -15.34 -10.81
N ASN B 768 -6.62 -15.14 -12.05
CA ASN B 768 -6.10 -16.27 -12.82
C ASN B 768 -4.90 -16.91 -12.12
N THR B 769 -3.99 -16.09 -11.60
CA THR B 769 -2.85 -16.64 -10.88
C THR B 769 -3.28 -17.40 -9.64
N LEU B 770 -4.25 -16.84 -8.90
CA LEU B 770 -4.74 -17.53 -7.71
C LEU B 770 -5.32 -18.89 -8.06
N VAL B 771 -6.11 -18.96 -9.14
CA VAL B 771 -6.69 -20.23 -9.54
C VAL B 771 -5.61 -21.20 -10.00
N LYS B 772 -4.65 -20.72 -10.78
CA LYS B 772 -3.61 -21.61 -11.31
C LYS B 772 -2.74 -22.16 -10.19
N GLN B 773 -2.56 -21.41 -9.11
CA GLN B 773 -1.74 -21.91 -8.02
C GLN B 773 -2.28 -23.20 -7.40
N LEU B 774 -3.56 -23.50 -7.62
CA LEU B 774 -4.13 -24.73 -7.08
C LEU B 774 -3.49 -25.96 -7.70
N SER B 775 -3.13 -25.89 -8.98
CA SER B 775 -2.59 -27.05 -9.68
C SER B 775 -1.16 -27.38 -9.29
N SER B 776 -0.46 -26.48 -8.60
CA SER B 776 0.91 -26.74 -8.22
C SER B 776 0.96 -27.72 -7.05
N ASN B 777 2.15 -28.24 -6.77
CA ASN B 777 2.36 -29.23 -5.72
C ASN B 777 3.03 -28.69 -4.49
N PHE B 778 3.86 -27.66 -4.61
CA PHE B 778 4.61 -27.11 -3.47
C PHE B 778 5.51 -28.18 -2.84
N GLY B 779 5.94 -29.15 -3.64
CA GLY B 779 6.76 -30.24 -3.16
C GLY B 779 5.99 -31.49 -2.81
N ALA B 780 4.67 -31.41 -2.70
CA ALA B 780 3.87 -32.58 -2.35
C ALA B 780 3.84 -33.56 -3.53
N ILE B 781 3.51 -34.82 -3.21
CA ILE B 781 3.51 -35.86 -4.22
C ILE B 781 2.46 -35.59 -5.30
N SER B 782 1.37 -34.92 -4.97
CA SER B 782 0.32 -34.66 -5.94
C SER B 782 -0.41 -33.37 -5.58
N SER B 783 -1.04 -32.76 -6.57
CA SER B 783 -1.83 -31.55 -6.35
C SER B 783 -3.29 -31.83 -6.06
N VAL B 784 -3.71 -33.09 -6.10
CA VAL B 784 -5.11 -33.47 -5.85
C VAL B 784 -5.21 -34.00 -4.43
N LEU B 785 -6.12 -33.42 -3.64
CA LEU B 785 -6.22 -33.75 -2.23
C LEU B 785 -6.70 -35.19 -2.03
N ASN B 786 -7.73 -35.57 -2.79
CA ASN B 786 -8.27 -36.92 -2.65
C ASN B 786 -7.26 -37.97 -3.07
N ASP B 787 -6.42 -37.67 -4.07
CA ASP B 787 -5.36 -38.58 -4.45
C ASP B 787 -4.48 -38.91 -3.24
N ILE B 788 -3.99 -37.88 -2.55
CA ILE B 788 -3.14 -38.10 -1.38
C ILE B 788 -3.92 -38.85 -0.32
N LEU B 789 -5.17 -38.47 -0.09
CA LEU B 789 -5.96 -39.14 0.94
C LEU B 789 -6.10 -40.63 0.67
N SER B 790 -6.30 -41.00 -0.60
CA SER B 790 -6.60 -42.38 -0.97
C SER B 790 -5.36 -43.21 -1.29
N ARG B 791 -4.17 -42.60 -1.37
CA ARG B 791 -2.96 -43.37 -1.65
C ARG B 791 -2.02 -43.51 -0.46
N LEU B 792 -2.14 -42.67 0.57
CA LEU B 792 -1.24 -42.72 1.71
C LEU B 792 -2.01 -42.92 3.01
N ASP B 793 -1.31 -43.47 4.00
CA ASP B 793 -1.88 -43.61 5.33
C ASP B 793 -1.91 -42.25 6.02
N PRO B 794 -2.71 -42.10 7.08
CA PRO B 794 -2.87 -40.79 7.72
C PRO B 794 -1.53 -40.19 8.13
N PRO B 795 -0.59 -40.99 8.66
CA PRO B 795 0.69 -40.42 9.09
C PRO B 795 1.44 -39.68 7.98
N GLU B 796 1.38 -40.18 6.74
CA GLU B 796 2.03 -39.53 5.61
C GLU B 796 1.09 -38.60 4.86
N ALA B 797 -0.18 -38.99 4.76
CA ALA B 797 -1.17 -38.12 4.14
C ALA B 797 -1.22 -36.77 4.84
N GLU B 798 -1.13 -36.76 6.17
CA GLU B 798 -1.21 -35.50 6.90
C GLU B 798 -0.03 -34.60 6.59
N VAL B 799 1.17 -35.17 6.45
CA VAL B 799 2.33 -34.36 6.08
C VAL B 799 2.12 -33.74 4.70
N GLN B 800 1.68 -34.55 3.74
CA GLN B 800 1.47 -34.03 2.39
C GLN B 800 0.38 -32.95 2.39
N ILE B 801 -0.70 -33.18 3.13
CA ILE B 801 -1.80 -32.21 3.19
C ILE B 801 -1.31 -30.93 3.86
N ASP B 802 -0.44 -31.04 4.85
CA ASP B 802 0.11 -29.86 5.50
C ASP B 802 0.93 -29.05 4.51
N ARG B 803 1.74 -29.73 3.69
CA ARG B 803 2.49 -29.03 2.66
C ARG B 803 1.58 -28.28 1.70
N LEU B 804 0.55 -28.97 1.20
CA LEU B 804 -0.39 -28.33 0.28
C LEU B 804 -1.11 -27.15 0.95
N ILE B 805 -1.51 -27.33 2.20
CA ILE B 805 -2.21 -26.26 2.93
C ILE B 805 -1.31 -25.05 3.06
N THR B 806 -0.05 -25.27 3.43
CA THR B 806 0.87 -24.14 3.56
C THR B 806 0.99 -23.39 2.24
N GLY B 807 1.17 -24.13 1.14
CA GLY B 807 1.30 -23.48 -0.15
C GLY B 807 0.06 -22.66 -0.51
N ARG B 808 -1.11 -23.27 -0.37
CA ARG B 808 -2.34 -22.59 -0.80
C ARG B 808 -2.66 -21.41 0.11
N LEU B 809 -2.39 -21.54 1.41
CA LEU B 809 -2.61 -20.43 2.33
C LEU B 809 -1.68 -19.28 2.00
N GLN B 810 -0.42 -19.58 1.66
CA GLN B 810 0.49 -18.51 1.24
C GLN B 810 -0.02 -17.83 -0.02
N SER B 811 -0.55 -18.61 -0.96
CA SER B 811 -1.11 -18.00 -2.17
C SER B 811 -2.25 -17.06 -1.83
N LEU B 812 -3.16 -17.49 -0.94
CA LEU B 812 -4.26 -16.62 -0.56
C LEU B 812 -3.76 -15.35 0.11
N GLN B 813 -2.76 -15.48 1.00
CA GLN B 813 -2.24 -14.31 1.68
C GLN B 813 -1.64 -13.31 0.69
N THR B 814 -0.88 -13.81 -0.27
CA THR B 814 -0.31 -12.93 -1.29
C THR B 814 -1.42 -12.23 -2.07
N TYR B 815 -2.45 -12.99 -2.46
CA TYR B 815 -3.56 -12.40 -3.21
C TYR B 815 -4.22 -11.30 -2.41
N VAL B 816 -4.47 -11.54 -1.11
CA VAL B 816 -5.19 -10.56 -0.30
C VAL B 816 -4.34 -9.31 -0.10
N THR B 817 -3.03 -9.48 0.10
CA THR B 817 -2.17 -8.31 0.27
C THR B 817 -2.14 -7.47 -1.00
N GLN B 818 -2.01 -8.11 -2.16
CA GLN B 818 -2.01 -7.36 -3.40
C GLN B 818 -3.35 -6.68 -3.62
N GLN B 819 -4.44 -7.35 -3.26
CA GLN B 819 -5.75 -6.72 -3.36
C GLN B 819 -5.87 -5.51 -2.45
N LEU B 820 -5.29 -5.57 -1.25
CA LEU B 820 -5.32 -4.41 -0.37
C LEU B 820 -4.55 -3.25 -0.99
N ILE B 821 -3.38 -3.52 -1.58
CA ILE B 821 -2.62 -2.45 -2.20
C ILE B 821 -3.40 -1.82 -3.35
N ARG B 822 -4.00 -2.67 -4.20
CA ARG B 822 -4.79 -2.14 -5.31
C ARG B 822 -5.99 -1.35 -4.78
N ALA B 823 -6.60 -1.82 -3.70
CA ALA B 823 -7.74 -1.11 -3.13
C ALA B 823 -7.34 0.27 -2.65
N ALA B 824 -6.17 0.39 -2.01
CA ALA B 824 -5.70 1.70 -1.59
C ALA B 824 -5.47 2.60 -2.80
N GLU B 825 -4.86 2.05 -3.86
CA GLU B 825 -4.63 2.85 -5.06
C GLU B 825 -5.94 3.34 -5.66
N ILE B 826 -6.94 2.46 -5.73
CA ILE B 826 -8.20 2.84 -6.35
C ILE B 826 -9.00 3.76 -5.43
N ARG B 827 -8.78 3.66 -4.12
CA ARG B 827 -9.36 4.63 -3.20
C ARG B 827 -8.80 6.02 -3.47
N ALA B 828 -7.49 6.12 -3.68
CA ALA B 828 -6.90 7.40 -4.04
C ALA B 828 -7.48 7.91 -5.36
N SER B 829 -7.62 7.02 -6.34
CA SER B 829 -8.18 7.42 -7.63
C SER B 829 -9.61 7.91 -7.48
N ALA B 830 -10.42 7.24 -6.66
CA ALA B 830 -11.80 7.64 -6.46
C ALA B 830 -11.88 8.97 -5.72
N ASN B 831 -10.96 9.20 -4.78
CA ASN B 831 -10.90 10.51 -4.13
C ASN B 831 -10.61 11.59 -5.15
N LEU B 832 -9.66 11.35 -6.05
CA LEU B 832 -9.36 12.33 -7.09
C LEU B 832 -10.59 12.56 -7.97
N ALA B 833 -11.29 11.49 -8.33
CA ALA B 833 -12.48 11.63 -9.17
C ALA B 833 -13.55 12.44 -8.48
N ALA B 834 -13.76 12.20 -7.18
CA ALA B 834 -14.75 12.97 -6.43
C ALA B 834 -14.35 14.43 -6.36
N THR B 835 -13.06 14.70 -6.15
CA THR B 835 -12.60 16.09 -6.12
C THR B 835 -12.85 16.77 -7.46
N LYS B 836 -12.58 16.06 -8.56
CA LYS B 836 -12.84 16.63 -9.88
C LYS B 836 -14.33 16.85 -10.11
N MET B 837 -15.17 15.92 -9.67
CA MET B 837 -16.61 16.11 -9.81
C MET B 837 -17.06 17.35 -9.03
N SER B 838 -16.50 17.55 -7.84
CA SER B 838 -16.92 18.69 -7.03
C SER B 838 -16.43 20.01 -7.59
N GLU B 839 -15.14 20.08 -7.97
CA GLU B 839 -14.53 21.35 -8.32
C GLU B 839 -14.62 21.67 -9.81
N CYS B 840 -14.90 20.68 -10.65
CA CYS B 840 -14.87 20.87 -12.09
C CYS B 840 -16.27 20.81 -12.70
N VAL B 841 -17.15 19.98 -12.16
CA VAL B 841 -18.50 19.86 -12.69
C VAL B 841 -19.46 20.77 -11.94
N LEU B 842 -19.40 20.77 -10.61
CA LEU B 842 -20.27 21.60 -9.79
C LEU B 842 -19.75 23.03 -9.65
N GLY B 843 -18.80 23.42 -10.49
CA GLY B 843 -18.26 24.76 -10.43
C GLY B 843 -17.22 24.98 -11.50
N GLN B 844 -16.61 26.16 -11.46
CA GLN B 844 -15.57 26.54 -12.40
C GLN B 844 -14.25 26.61 -11.63
N SER B 845 -13.24 25.91 -12.12
CA SER B 845 -11.97 25.77 -11.42
C SER B 845 -10.92 26.67 -12.04
N LYS B 846 -10.18 27.38 -11.19
CA LYS B 846 -9.05 28.20 -11.61
C LYS B 846 -7.73 27.50 -11.42
N ARG B 847 -7.75 26.22 -11.06
CA ARG B 847 -6.52 25.43 -10.93
C ARG B 847 -6.04 25.05 -12.32
N VAL B 848 -4.81 25.46 -12.65
CA VAL B 848 -4.31 25.29 -14.00
C VAL B 848 -4.16 23.80 -14.32
N ASP B 849 -4.65 23.41 -15.49
CA ASP B 849 -4.50 22.05 -16.02
C ASP B 849 -5.18 21.01 -15.14
N PHE B 850 -5.96 21.44 -14.15
CA PHE B 850 -6.70 20.48 -13.34
C PHE B 850 -7.91 19.95 -14.10
N CYS B 851 -8.38 20.69 -15.09
CA CYS B 851 -9.54 20.32 -15.90
C CYS B 851 -9.24 20.43 -17.39
N GLY B 852 -8.10 19.87 -17.81
CA GLY B 852 -7.72 19.91 -19.21
C GLY B 852 -6.99 21.19 -19.58
N LYS B 853 -6.42 21.16 -20.77
CA LYS B 853 -5.65 22.29 -21.26
C LYS B 853 -6.56 23.47 -21.58
N GLY B 854 -6.05 24.67 -21.38
CA GLY B 854 -6.81 25.87 -21.58
C GLY B 854 -7.42 26.38 -20.28
N TYR B 855 -8.30 27.35 -20.43
CA TYR B 855 -9.00 27.94 -19.29
C TYR B 855 -10.33 27.22 -19.12
N HIS B 856 -10.52 26.61 -17.95
CA HIS B 856 -11.70 25.79 -17.71
C HIS B 856 -12.96 26.61 -17.83
N LEU B 857 -13.86 26.19 -18.72
CA LEU B 857 -15.21 26.74 -18.78
C LEU B 857 -16.22 25.89 -18.05
N MET B 858 -16.21 24.58 -18.28
CA MET B 858 -17.12 23.71 -17.54
C MET B 858 -16.74 22.27 -17.81
N SER B 859 -17.50 21.35 -17.23
CA SER B 859 -17.24 19.93 -17.39
C SER B 859 -18.55 19.15 -17.36
N PHE B 860 -18.53 17.99 -18.01
CA PHE B 860 -19.71 17.13 -18.09
C PHE B 860 -19.32 15.72 -17.66
N PRO B 861 -20.02 15.10 -16.73
CA PRO B 861 -19.69 13.73 -16.34
C PRO B 861 -20.39 12.68 -17.20
N GLN B 862 -19.76 11.52 -17.30
CA GLN B 862 -20.31 10.37 -17.98
C GLN B 862 -19.89 9.12 -17.23
N SER B 863 -20.80 8.17 -17.13
CA SER B 863 -20.46 6.91 -16.46
C SER B 863 -19.63 6.03 -17.38
N ALA B 864 -18.96 5.05 -16.79
CA ALA B 864 -18.20 4.07 -17.56
C ALA B 864 -18.00 2.85 -16.69
N PRO B 865 -17.71 1.70 -17.27
CA PRO B 865 -17.54 0.49 -16.46
C PRO B 865 -16.53 0.69 -15.34
N HIS B 866 -17.01 0.71 -14.10
CA HIS B 866 -16.16 0.88 -12.93
C HIS B 866 -15.33 2.16 -13.01
N GLY B 867 -15.88 3.22 -13.60
CA GLY B 867 -15.13 4.44 -13.73
C GLY B 867 -15.98 5.59 -14.19
N VAL B 868 -15.35 6.76 -14.25
CA VAL B 868 -16.03 8.00 -14.64
C VAL B 868 -15.22 8.69 -15.71
N VAL B 869 -15.91 9.39 -16.60
CA VAL B 869 -15.30 10.14 -17.69
C VAL B 869 -15.74 11.59 -17.56
N PHE B 870 -14.79 12.51 -17.66
CA PHE B 870 -15.06 13.93 -17.62
C PHE B 870 -14.79 14.52 -18.99
N LEU B 871 -15.77 15.23 -19.54
CA LEU B 871 -15.60 16.02 -20.74
C LEU B 871 -15.38 17.46 -20.30
N HIS B 872 -14.13 17.91 -20.39
CA HIS B 872 -13.75 19.26 -19.97
C HIS B 872 -13.85 20.20 -21.16
N VAL B 873 -14.71 21.21 -21.04
CA VAL B 873 -14.87 22.25 -22.04
C VAL B 873 -14.05 23.44 -21.58
N THR B 874 -13.08 23.86 -22.39
CA THR B 874 -12.12 24.90 -22.04
C THR B 874 -11.98 25.89 -23.18
N TYR B 875 -11.46 27.06 -22.84
CA TYR B 875 -11.25 28.16 -23.76
C TYR B 875 -9.76 28.27 -24.05
N VAL B 876 -9.39 28.27 -25.32
CA VAL B 876 -8.00 28.29 -25.74
C VAL B 876 -7.78 29.48 -26.67
N PRO B 877 -6.87 30.40 -26.36
CA PRO B 877 -6.55 31.47 -27.31
C PRO B 877 -6.03 30.88 -28.62
N ALA B 878 -6.39 31.51 -29.73
CA ALA B 878 -6.15 30.92 -31.04
C ALA B 878 -5.18 31.70 -31.90
N GLN B 879 -5.42 32.98 -32.15
CA GLN B 879 -4.70 33.75 -33.17
C GLN B 879 -4.05 34.96 -32.53
N GLU B 880 -2.81 34.81 -32.09
CA GLU B 880 -2.12 35.89 -31.41
C GLU B 880 -1.48 36.84 -32.42
N LYS B 881 -1.41 38.11 -32.02
CA LYS B 881 -0.82 39.16 -32.83
C LYS B 881 0.10 40.01 -31.96
N ASN B 882 1.15 40.56 -32.58
CA ASN B 882 2.13 41.36 -31.87
C ASN B 882 1.65 42.80 -31.74
N PHE B 883 1.97 43.43 -30.62
CA PHE B 883 1.71 44.86 -30.40
C PHE B 883 2.83 45.43 -29.55
N THR B 884 3.00 46.74 -29.62
CA THR B 884 3.94 47.41 -28.73
C THR B 884 3.21 47.75 -27.44
N THR B 885 3.89 47.60 -26.31
CA THR B 885 3.25 47.79 -25.01
C THR B 885 4.04 48.79 -24.18
N ALA B 886 3.42 49.26 -23.11
CA ALA B 886 4.02 50.22 -22.21
C ALA B 886 3.40 50.04 -20.84
N PRO B 887 4.18 50.14 -19.75
CA PRO B 887 3.60 49.93 -18.42
C PRO B 887 2.63 51.00 -17.99
N ALA B 888 2.80 52.24 -18.44
CA ALA B 888 1.94 53.34 -18.01
C ALA B 888 1.97 54.41 -19.09
N ILE B 889 1.16 55.45 -18.88
CA ILE B 889 1.02 56.54 -19.83
C ILE B 889 0.99 57.86 -19.09
N CYS B 890 1.64 58.88 -19.67
CA CYS B 890 1.63 60.22 -19.12
C CYS B 890 0.66 61.10 -19.89
N HIS B 891 -0.13 61.87 -19.15
CA HIS B 891 -1.06 62.81 -19.77
C HIS B 891 -0.68 64.25 -19.44
N ASP B 892 -0.59 64.56 -18.15
CA ASP B 892 -0.23 65.89 -17.68
C ASP B 892 0.76 65.81 -16.52
N GLY B 893 1.76 64.95 -16.64
CA GLY B 893 2.72 64.72 -15.59
C GLY B 893 2.33 63.63 -14.62
N LYS B 894 1.12 63.09 -14.75
CA LYS B 894 0.66 62.01 -13.90
C LYS B 894 0.64 60.70 -14.67
N ALA B 895 1.02 59.62 -13.98
CA ALA B 895 1.08 58.29 -14.58
C ALA B 895 -0.28 57.62 -14.50
N HIS B 896 -0.71 57.03 -15.60
CA HIS B 896 -1.98 56.33 -15.69
C HIS B 896 -1.74 54.85 -15.92
N PHE B 897 -2.40 54.01 -15.12
CA PHE B 897 -2.30 52.57 -15.26
C PHE B 897 -3.67 52.01 -15.60
N PRO B 898 -3.74 50.94 -16.39
CA PRO B 898 -5.04 50.39 -16.77
C PRO B 898 -5.72 49.73 -15.60
N ARG B 899 -7.02 50.01 -15.43
CA ARG B 899 -7.78 49.36 -14.38
C ARG B 899 -7.80 47.86 -14.57
N GLU B 900 -8.02 47.41 -15.80
CA GLU B 900 -7.99 45.98 -16.11
C GLU B 900 -7.68 45.84 -17.59
N GLY B 901 -6.47 45.37 -17.90
CA GLY B 901 -6.03 45.21 -19.27
C GLY B 901 -4.63 45.74 -19.46
N VAL B 902 -4.29 46.00 -20.72
CA VAL B 902 -2.96 46.45 -21.11
C VAL B 902 -3.09 47.61 -22.09
N PHE B 903 -2.05 48.43 -22.11
CA PHE B 903 -1.88 49.44 -23.14
C PHE B 903 -1.16 48.82 -24.32
N VAL B 904 -1.77 48.92 -25.50
CA VAL B 904 -1.22 48.34 -26.72
C VAL B 904 -1.15 49.43 -27.79
N SER B 905 -0.25 49.21 -28.74
CA SER B 905 -0.05 50.12 -29.85
C SER B 905 0.18 49.30 -31.11
N ASN B 906 -0.56 49.67 -32.15
CA ASN B 906 -0.40 49.13 -33.49
C ASN B 906 0.68 49.87 -34.28
N GLY B 907 1.30 50.89 -33.69
CA GLY B 907 2.36 51.66 -34.30
C GLY B 907 2.10 53.15 -34.35
N THR B 908 0.84 53.56 -34.33
CA THR B 908 0.50 54.97 -34.47
C THR B 908 -0.38 55.46 -33.33
N HIS B 909 -1.21 54.58 -32.78
CA HIS B 909 -2.17 54.94 -31.75
C HIS B 909 -2.07 53.97 -30.59
N TRP B 910 -2.51 54.43 -29.41
CA TRP B 910 -2.49 53.63 -28.19
C TRP B 910 -3.92 53.36 -27.74
N PHE B 911 -4.18 52.12 -27.38
CA PHE B 911 -5.49 51.69 -26.90
C PHE B 911 -5.30 50.85 -25.64
N VAL B 912 -6.41 50.56 -24.97
CA VAL B 912 -6.41 49.69 -23.81
C VAL B 912 -7.29 48.49 -24.10
N THR B 913 -6.75 47.30 -23.91
CA THR B 913 -7.45 46.08 -24.29
C THR B 913 -7.38 45.06 -23.16
N GLN B 914 -8.41 44.24 -23.06
CA GLN B 914 -8.40 43.14 -22.10
C GLN B 914 -7.34 42.11 -22.51
N ARG B 915 -6.73 41.49 -21.50
CA ARG B 915 -5.52 40.70 -21.75
C ARG B 915 -5.78 39.49 -22.64
N ASN B 916 -6.90 38.80 -22.44
CA ASN B 916 -7.14 37.51 -23.08
C ASN B 916 -7.89 37.62 -24.40
N PHE B 917 -8.18 38.82 -24.87
CA PHE B 917 -8.89 38.98 -26.12
C PHE B 917 -8.69 40.37 -26.69
N TYR B 918 -8.13 40.47 -27.89
CA TYR B 918 -7.85 41.76 -28.49
C TYR B 918 -9.14 42.54 -28.75
N GLU B 919 -9.34 43.64 -28.02
CA GLU B 919 -10.54 44.46 -28.14
C GLU B 919 -10.17 45.89 -27.80
N PRO B 920 -9.60 46.62 -28.77
CA PRO B 920 -9.14 47.99 -28.48
C PRO B 920 -10.22 48.91 -27.98
N GLN B 921 -9.87 49.79 -27.05
CA GLN B 921 -10.75 50.83 -26.56
C GLN B 921 -9.94 52.09 -26.30
N ILE B 922 -10.60 53.24 -26.45
CA ILE B 922 -9.93 54.51 -26.24
C ILE B 922 -9.50 54.63 -24.78
N ILE B 923 -8.30 55.13 -24.57
CA ILE B 923 -7.74 55.30 -23.23
C ILE B 923 -8.38 56.54 -22.61
N THR B 924 -9.20 56.33 -21.58
CA THR B 924 -9.91 57.43 -20.93
C THR B 924 -9.63 57.39 -19.44
N THR B 925 -10.12 58.40 -18.72
CA THR B 925 -10.00 58.43 -17.27
C THR B 925 -10.84 57.35 -16.61
N ASP B 926 -11.74 56.70 -17.34
CA ASP B 926 -12.51 55.59 -16.81
C ASP B 926 -11.75 54.27 -16.94
N ASN B 927 -11.12 54.03 -18.09
CA ASN B 927 -10.36 52.80 -18.28
C ASN B 927 -9.14 52.71 -17.39
N THR B 928 -8.63 53.84 -16.91
CA THR B 928 -7.36 53.89 -16.20
C THR B 928 -7.54 54.55 -14.83
N PHE B 929 -6.48 54.49 -14.03
CA PHE B 929 -6.43 55.18 -12.75
C PHE B 929 -5.06 55.82 -12.60
N VAL B 930 -5.03 56.91 -11.84
CA VAL B 930 -3.84 57.74 -11.70
C VAL B 930 -3.12 57.34 -10.43
N SER B 931 -1.78 57.39 -10.46
CA SER B 931 -0.98 57.11 -9.28
C SER B 931 0.43 57.61 -9.53
N GLY B 932 0.95 58.45 -8.64
CA GLY B 932 2.30 58.96 -8.80
C GLY B 932 2.41 59.92 -9.97
N ASN B 933 3.64 60.02 -10.50
CA ASN B 933 3.91 60.90 -11.62
C ASN B 933 4.88 60.20 -12.57
N CYS B 934 5.32 60.93 -13.59
CA CYS B 934 6.07 60.36 -14.70
C CYS B 934 7.53 60.08 -14.38
N ASP B 935 8.04 60.50 -13.23
CA ASP B 935 9.46 60.44 -12.96
C ASP B 935 9.91 59.11 -12.35
N VAL B 936 9.02 58.14 -12.21
CA VAL B 936 9.31 56.90 -11.53
C VAL B 936 9.22 55.69 -12.47
N VAL B 937 8.08 55.51 -13.12
CA VAL B 937 7.84 54.31 -13.90
C VAL B 937 8.86 54.24 -15.03
N ILE B 938 9.50 53.07 -15.20
CA ILE B 938 10.47 52.87 -16.25
C ILE B 938 9.75 52.39 -17.50
N GLY B 939 10.00 53.04 -18.63
CA GLY B 939 9.34 52.70 -19.88
C GLY B 939 8.03 53.41 -20.11
N ILE B 940 7.65 54.37 -19.26
CA ILE B 940 6.41 55.09 -19.46
C ILE B 940 6.46 55.86 -20.78
N VAL B 941 5.30 56.09 -21.37
CA VAL B 941 5.20 56.78 -22.66
C VAL B 941 4.21 57.93 -22.52
N ASN B 942 4.39 58.93 -23.38
CA ASN B 942 3.50 60.08 -23.41
C ASN B 942 2.36 59.84 -24.39
N ASN B 943 1.16 60.20 -23.97
CA ASN B 943 -0.03 60.06 -24.81
C ASN B 943 -1.17 60.83 -24.14
N THR B 944 -2.33 60.85 -24.78
CA THR B 944 -3.48 61.62 -24.33
C THR B 944 -4.48 60.66 -23.69
N VAL B 945 -5.00 61.04 -22.52
CA VAL B 945 -6.05 60.30 -21.85
C VAL B 945 -7.34 61.08 -21.99
N TYR B 946 -8.26 60.56 -22.80
CA TYR B 946 -9.52 61.24 -23.08
C TYR B 946 -10.37 61.31 -21.82
N ASP B 947 -10.97 62.48 -21.57
CA ASP B 947 -11.84 62.68 -20.41
C ASP B 947 -13.28 62.85 -20.91
N PRO B 948 -14.17 61.90 -20.64
CA PRO B 948 -15.54 62.03 -21.16
C PRO B 948 -16.27 63.27 -20.68
N LEU B 949 -15.92 63.80 -19.52
CA LEU B 949 -16.66 64.94 -18.97
C LEU B 949 -16.46 66.20 -19.81
N GLN B 950 -15.24 66.45 -20.29
CA GLN B 950 -14.92 67.73 -20.90
C GLN B 950 -15.84 68.10 -22.05
N PRO B 951 -16.15 67.21 -23.01
CA PRO B 951 -17.11 67.59 -24.04
C PRO B 951 -18.46 68.02 -23.48
N GLU B 952 -18.93 67.35 -22.42
CA GLU B 952 -20.19 67.75 -21.81
C GLU B 952 -20.10 69.14 -21.19
N LEU B 953 -18.98 69.45 -20.53
CA LEU B 953 -18.79 70.80 -20.01
C LEU B 953 -18.79 71.82 -21.14
N ASP B 954 -18.13 71.50 -22.25
CA ASP B 954 -18.15 72.40 -23.40
C ASP B 954 -19.55 72.56 -23.96
N SER B 955 -20.30 71.46 -24.03
CA SER B 955 -21.67 71.50 -24.54
C SER B 955 -22.65 71.82 -23.41
N ALA C 27 49.71 -7.29 40.35
CA ALA C 27 49.36 -5.99 39.77
C ALA C 27 48.45 -6.17 38.56
N TYR C 28 47.92 -5.06 38.07
CA TYR C 28 47.05 -5.05 36.89
C TYR C 28 47.25 -3.74 36.15
N THR C 29 46.88 -3.74 34.88
CA THR C 29 46.94 -2.53 34.08
C THR C 29 45.82 -2.53 33.04
N ASN C 30 45.69 -1.40 32.34
CA ASN C 30 44.61 -1.19 31.39
C ASN C 30 45.01 -1.75 30.02
N SER C 31 44.12 -2.55 29.43
CA SER C 31 44.39 -3.12 28.12
C SER C 31 44.28 -2.09 26.99
N PHE C 32 43.48 -1.05 27.18
CA PHE C 32 43.22 -0.03 26.15
C PHE C 32 42.61 -0.75 24.95
N THR C 33 43.17 -0.66 23.75
CA THR C 33 42.61 -1.29 22.56
C THR C 33 43.51 -2.39 22.01
N ARG C 34 44.39 -2.94 22.85
CA ARG C 34 45.27 -4.00 22.40
C ARG C 34 44.53 -5.35 22.39
N GLY C 35 45.09 -6.29 21.65
CA GLY C 35 44.52 -7.62 21.57
C GLY C 35 43.55 -7.79 20.42
N VAL C 36 43.87 -7.19 19.28
CA VAL C 36 43.05 -7.29 18.08
C VAL C 36 43.86 -8.02 17.01
N TYR C 37 43.23 -8.98 16.35
CA TYR C 37 43.90 -9.82 15.38
C TYR C 37 42.96 -10.08 14.21
N TYR C 38 43.55 -10.42 13.07
CA TYR C 38 42.75 -10.73 11.88
C TYR C 38 42.07 -12.08 12.12
N PRO C 39 40.73 -12.12 12.18
CA PRO C 39 40.06 -13.40 12.49
C PRO C 39 40.14 -14.42 11.37
N ASP C 40 40.55 -14.03 10.18
CA ASP C 40 40.61 -14.93 9.04
C ASP C 40 41.69 -14.44 8.09
N LYS C 41 41.71 -15.00 6.88
CA LYS C 41 42.67 -14.65 5.84
C LYS C 41 41.95 -14.03 4.65
N VAL C 42 40.84 -13.36 4.91
CA VAL C 42 39.99 -12.76 3.89
C VAL C 42 40.40 -11.32 3.70
N PHE C 43 40.58 -10.92 2.45
CA PHE C 43 40.88 -9.52 2.13
C PHE C 43 39.59 -8.72 2.05
N ARG C 44 39.63 -7.51 2.58
CA ARG C 44 38.53 -6.56 2.47
C ARG C 44 39.10 -5.17 2.26
N SER C 45 38.30 -4.28 1.69
CA SER C 45 38.78 -2.96 1.29
C SER C 45 37.78 -1.90 1.71
N SER C 46 38.23 -0.98 2.56
CA SER C 46 37.44 0.20 2.94
C SER C 46 36.01 -0.18 3.30
N VAL C 47 35.89 -0.99 4.34
CA VAL C 47 34.59 -1.54 4.74
C VAL C 47 34.60 -1.83 6.23
N LEU C 48 33.42 -1.71 6.83
CA LEU C 48 33.22 -2.11 8.23
C LEU C 48 32.57 -3.47 8.28
N HIS C 49 33.17 -4.38 9.05
CA HIS C 49 32.72 -5.76 9.11
C HIS C 49 32.46 -6.15 10.56
N SER C 50 31.30 -6.74 10.82
CA SER C 50 30.99 -7.23 12.15
C SER C 50 31.37 -8.70 12.27
N THR C 51 32.10 -9.03 13.33
CA THR C 51 32.59 -10.38 13.54
C THR C 51 32.33 -10.78 15.00
N GLN C 52 32.16 -12.07 15.22
CA GLN C 52 31.94 -12.64 16.53
C GLN C 52 33.05 -13.65 16.79
N ASP C 53 33.95 -13.34 17.73
CA ASP C 53 35.11 -14.18 17.95
C ASP C 53 35.69 -13.88 19.32
N LEU C 54 36.76 -14.60 19.67
CA LEU C 54 37.46 -14.41 20.93
C LEU C 54 38.39 -13.22 20.80
N PHE C 55 38.15 -12.18 21.60
CA PHE C 55 38.98 -10.98 21.58
C PHE C 55 39.29 -10.57 23.01
N LEU C 56 40.33 -9.74 23.15
CA LEU C 56 40.64 -9.14 24.44
C LEU C 56 39.72 -7.95 24.67
N PRO C 57 38.86 -7.97 25.68
CA PRO C 57 37.94 -6.84 25.88
C PRO C 57 38.70 -5.54 26.01
N PHE C 58 38.18 -4.50 25.37
CA PHE C 58 38.82 -3.20 25.43
C PHE C 58 38.78 -2.65 26.85
N PHE C 59 39.87 -2.01 27.25
CA PHE C 59 39.97 -1.39 28.57
C PHE C 59 39.73 -2.40 29.69
N SER C 60 40.25 -3.62 29.52
CA SER C 60 40.14 -4.63 30.56
C SER C 60 41.40 -4.64 31.42
N ASN C 61 41.30 -5.31 32.56
CA ASN C 61 42.41 -5.42 33.49
C ASN C 61 43.27 -6.62 33.11
N VAL C 62 44.49 -6.36 32.66
CA VAL C 62 45.43 -7.40 32.29
C VAL C 62 46.49 -7.48 33.38
N THR C 63 46.79 -8.70 33.79
CA THR C 63 47.78 -8.95 34.82
C THR C 63 49.14 -8.46 34.36
N TRP C 64 49.85 -7.78 35.25
CA TRP C 64 51.15 -7.19 34.95
C TRP C 64 52.18 -7.83 35.88
N PHE C 65 53.26 -8.35 35.31
CA PHE C 65 54.30 -9.00 36.09
C PHE C 65 55.59 -8.20 36.06
N ASN C 81 58.71 -18.01 36.86
CA ASN C 81 57.41 -17.41 36.59
C ASN C 81 56.29 -18.43 36.89
N PRO C 82 55.21 -17.97 37.51
CA PRO C 82 54.16 -18.90 37.93
C PRO C 82 53.41 -19.49 36.74
N VAL C 83 52.89 -20.69 36.96
CA VAL C 83 52.07 -21.35 35.95
C VAL C 83 50.71 -20.68 35.92
N LEU C 84 50.29 -20.23 34.73
CA LEU C 84 49.07 -19.47 34.56
C LEU C 84 48.04 -20.27 33.79
N PRO C 85 46.76 -20.14 34.10
CA PRO C 85 45.73 -20.85 33.34
C PRO C 85 45.64 -20.33 31.91
N PHE C 86 45.18 -21.19 31.01
CA PHE C 86 45.06 -20.84 29.61
C PHE C 86 43.64 -20.40 29.25
N ASN C 87 42.63 -20.98 29.87
CA ASN C 87 41.22 -20.66 29.58
C ASN C 87 41.00 -20.87 28.08
N ASP C 88 40.19 -20.06 27.43
CA ASP C 88 39.87 -20.22 26.02
C ASP C 88 40.82 -19.45 25.11
N GLY C 89 41.82 -18.77 25.67
CA GLY C 89 42.77 -18.02 24.88
C GLY C 89 43.63 -17.13 25.73
N VAL C 90 44.78 -16.70 25.20
CA VAL C 90 45.72 -15.88 25.95
C VAL C 90 46.24 -14.78 25.04
N TYR C 91 46.21 -13.55 25.55
CA TYR C 91 46.93 -12.44 24.94
C TYR C 91 48.18 -12.17 25.77
N PHE C 92 49.34 -12.20 25.13
CA PHE C 92 50.61 -12.00 25.81
C PHE C 92 51.29 -10.78 25.22
N ALA C 93 51.97 -10.02 26.05
CA ALA C 93 52.71 -8.86 25.57
C ALA C 93 53.98 -8.71 26.38
N SER C 94 55.02 -8.19 25.74
CA SER C 94 56.31 -8.06 26.42
C SER C 94 57.11 -6.91 25.85
N THR C 95 57.71 -6.13 26.72
CA THR C 95 58.67 -5.11 26.33
C THR C 95 60.07 -5.69 26.48
N GLU C 96 60.87 -5.60 25.43
CA GLU C 96 62.18 -6.24 25.38
C GLU C 96 63.26 -5.23 24.98
N LYS C 97 64.40 -5.33 25.66
CA LYS C 97 65.60 -4.61 25.29
C LYS C 97 66.76 -5.52 24.94
N SER C 98 66.77 -6.77 25.40
CA SER C 98 67.80 -7.74 25.05
C SER C 98 67.22 -9.11 24.75
N ASN C 99 65.92 -9.21 24.47
CA ASN C 99 65.27 -10.48 24.17
C ASN C 99 65.39 -11.45 25.36
N ILE C 100 64.83 -11.03 26.49
CA ILE C 100 64.88 -11.84 27.69
C ILE C 100 63.88 -12.98 27.63
N ILE C 101 62.60 -12.65 27.45
CA ILE C 101 61.54 -13.66 27.36
C ILE C 101 61.59 -14.26 25.96
N ARG C 102 61.83 -15.57 25.90
CA ARG C 102 61.92 -16.26 24.62
C ARG C 102 61.15 -17.57 24.54
N GLY C 103 60.79 -18.19 25.66
CA GLY C 103 60.16 -19.50 25.65
C GLY C 103 58.75 -19.49 26.19
N TRP C 104 57.93 -20.42 25.69
CA TRP C 104 56.58 -20.63 26.17
C TRP C 104 56.31 -22.12 26.27
N ILE C 105 55.61 -22.52 27.33
CA ILE C 105 55.18 -23.91 27.53
C ILE C 105 53.67 -23.90 27.68
N PHE C 106 53.01 -24.82 26.98
CA PHE C 106 51.56 -25.01 27.10
C PHE C 106 51.27 -26.48 27.39
N GLY C 107 50.26 -26.72 28.20
CA GLY C 107 49.86 -28.08 28.48
C GLY C 107 48.92 -28.14 29.68
N THR C 108 48.54 -29.37 30.03
CA THR C 108 47.67 -29.61 31.19
C THR C 108 48.44 -30.11 32.40
N THR C 109 49.20 -31.19 32.25
CA THR C 109 50.00 -31.75 33.34
C THR C 109 51.38 -31.12 33.44
N LEU C 110 52.05 -30.92 32.32
CA LEU C 110 53.40 -30.34 32.29
C LEU C 110 54.35 -31.15 33.17
N ASP C 111 54.29 -32.48 33.06
CA ASP C 111 55.21 -33.37 33.75
C ASP C 111 55.62 -34.54 32.87
N SER C 112 55.55 -34.36 31.55
CA SER C 112 55.94 -35.39 30.58
C SER C 112 54.91 -36.49 30.46
N LYS C 113 53.84 -36.42 31.26
CA LYS C 113 52.79 -37.44 31.17
C LYS C 113 51.91 -37.22 29.94
N THR C 114 51.74 -35.97 29.51
CA THR C 114 50.93 -35.63 28.36
C THR C 114 51.72 -34.71 27.44
N GLN C 115 51.18 -34.50 26.24
CA GLN C 115 51.84 -33.65 25.27
C GLN C 115 52.04 -32.24 25.83
N SER C 116 53.25 -31.71 25.62
CA SER C 116 53.61 -30.37 26.08
C SER C 116 54.11 -29.58 24.88
N LEU C 117 53.52 -28.43 24.64
CA LEU C 117 53.89 -27.58 23.51
C LEU C 117 54.95 -26.58 23.96
N LEU C 118 56.16 -26.71 23.44
CA LEU C 118 57.28 -25.85 23.78
C LEU C 118 57.63 -25.01 22.57
N ILE C 119 57.62 -23.69 22.73
CA ILE C 119 57.96 -22.75 21.68
C ILE C 119 59.15 -21.93 22.15
N VAL C 120 60.24 -21.95 21.39
CA VAL C 120 61.46 -21.23 21.75
C VAL C 120 61.88 -20.38 20.56
N ASN C 121 61.98 -19.08 20.76
CA ASN C 121 62.38 -18.16 19.70
C ASN C 121 63.87 -18.28 19.42
N ASN C 125 65.44 -18.02 14.89
CA ASN C 125 65.27 -19.46 14.74
C ASN C 125 64.19 -19.97 15.69
N VAL C 126 62.94 -19.94 15.24
CA VAL C 126 61.82 -20.38 16.05
C VAL C 126 61.73 -21.90 15.97
N VAL C 127 61.76 -22.55 17.13
CA VAL C 127 61.63 -24.00 17.24
C VAL C 127 60.38 -24.31 18.03
N ILE C 128 59.50 -25.11 17.44
CA ILE C 128 58.24 -25.52 18.06
C ILE C 128 58.26 -27.04 18.17
N LYS C 129 58.05 -27.54 19.39
CA LYS C 129 58.05 -28.96 19.66
C LYS C 129 56.82 -29.34 20.47
N VAL C 130 56.42 -30.61 20.34
CA VAL C 130 55.32 -31.16 21.13
C VAL C 130 55.77 -32.39 21.92
N CYS C 131 57.08 -32.53 22.13
CA CYS C 131 57.59 -33.69 22.86
C CYS C 131 57.16 -33.63 24.32
N GLU C 132 56.94 -34.81 24.91
CA GLU C 132 56.57 -34.92 26.33
C GLU C 132 57.83 -34.75 27.18
N PHE C 133 58.44 -33.57 27.06
CA PHE C 133 59.66 -33.28 27.77
C PHE C 133 59.42 -33.30 29.27
N GLN C 134 60.42 -33.75 30.03
CA GLN C 134 60.34 -33.75 31.48
C GLN C 134 60.99 -32.48 32.02
N PHE C 135 60.29 -31.78 32.90
CA PHE C 135 60.72 -30.46 33.37
C PHE C 135 61.30 -30.55 34.77
N PRO C 139 63.43 -24.38 35.01
CA PRO C 139 63.24 -24.24 33.56
C PRO C 139 63.57 -22.84 33.05
N PHE C 140 64.84 -22.61 32.73
CA PHE C 140 65.27 -21.31 32.23
C PHE C 140 66.64 -21.49 31.57
N LEU C 141 67.05 -20.47 30.83
CA LEU C 141 68.37 -20.45 30.21
C LEU C 141 68.96 -19.05 30.26
N ASN C 165 58.11 -39.26 22.90
CA ASN C 165 56.85 -39.38 22.19
C ASN C 165 56.54 -38.10 21.42
N CYS C 166 57.46 -37.71 20.54
CA CYS C 166 57.31 -36.47 19.79
C CYS C 166 56.38 -36.69 18.61
N THR C 167 55.32 -35.88 18.52
CA THR C 167 54.37 -35.95 17.43
C THR C 167 54.44 -34.75 16.50
N PHE C 168 55.43 -33.87 16.67
CA PHE C 168 55.60 -32.73 15.78
C PHE C 168 56.92 -32.02 16.09
N GLU C 169 57.51 -31.39 15.09
CA GLU C 169 58.70 -30.57 15.31
C GLU C 169 58.88 -29.64 14.12
N TYR C 170 58.84 -28.34 14.36
CA TYR C 170 59.04 -27.33 13.33
C TYR C 170 60.22 -26.45 13.71
N VAL C 171 61.06 -26.13 12.72
CA VAL C 171 62.22 -25.28 12.91
C VAL C 171 62.16 -24.16 11.88
N SER C 172 62.36 -22.92 12.34
CA SER C 172 62.35 -21.77 11.45
C SER C 172 63.75 -21.21 11.27
N ASN C 188 61.35 -2.60 22.56
CA ASN C 188 60.38 -2.98 21.55
C ASN C 188 59.28 -3.83 22.17
N LEU C 189 58.04 -3.63 21.72
CA LEU C 189 56.88 -4.33 22.24
C LEU C 189 56.52 -5.45 21.29
N ARG C 190 56.50 -6.68 21.81
CA ARG C 190 56.05 -7.85 21.09
C ARG C 190 54.71 -8.27 21.66
N GLU C 191 53.70 -8.36 20.79
CA GLU C 191 52.36 -8.78 21.17
C GLU C 191 52.05 -10.10 20.48
N PHE C 192 51.46 -11.03 21.22
CA PHE C 192 51.12 -12.35 20.70
C PHE C 192 49.72 -12.73 21.16
N VAL C 193 49.04 -13.50 20.34
CA VAL C 193 47.76 -14.10 20.68
C VAL C 193 47.86 -15.60 20.46
N PHE C 194 47.65 -16.36 21.52
CA PHE C 194 47.71 -17.82 21.48
C PHE C 194 46.32 -18.35 21.75
N LYS C 195 45.81 -19.23 20.88
CA LYS C 195 44.53 -19.86 21.16
C LYS C 195 44.51 -21.25 20.54
N ASN C 196 43.55 -22.06 20.99
CA ASN C 196 43.42 -23.45 20.55
C ASN C 196 41.95 -23.70 20.22
N ILE C 197 41.66 -23.85 18.92
CA ILE C 197 40.29 -24.08 18.45
C ILE C 197 40.32 -25.30 17.54
N ASP C 198 39.50 -26.30 17.87
CA ASP C 198 39.33 -27.48 17.03
C ASP C 198 40.65 -28.19 16.75
N GLY C 199 41.51 -28.26 17.75
CA GLY C 199 42.81 -28.89 17.60
C GLY C 199 43.84 -28.05 16.89
N TYR C 200 43.46 -26.88 16.38
CA TYR C 200 44.39 -25.95 15.76
C TYR C 200 44.88 -24.97 16.81
N PHE C 201 46.17 -25.02 17.11
CA PHE C 201 46.83 -23.99 17.90
C PHE C 201 47.23 -22.86 16.96
N LYS C 202 46.71 -21.67 17.22
CA LYS C 202 46.94 -20.50 16.39
C LYS C 202 47.73 -19.46 17.19
N ILE C 203 48.78 -18.95 16.57
CA ILE C 203 49.65 -17.92 17.14
C ILE C 203 49.65 -16.74 16.18
N TYR C 204 49.15 -15.60 16.64
CA TYR C 204 49.25 -14.33 15.95
C TYR C 204 50.29 -13.48 16.65
N SER C 205 50.92 -12.57 15.91
CA SER C 205 51.97 -11.76 16.52
C SER C 205 52.07 -10.41 15.82
N LYS C 206 52.70 -9.46 16.52
CA LYS C 206 52.97 -8.14 15.98
C LYS C 206 54.05 -7.48 16.82
N HIS C 207 55.08 -6.95 16.18
CA HIS C 207 56.18 -6.30 16.86
C HIS C 207 56.23 -4.83 16.47
N THR C 208 56.49 -3.96 17.45
CA THR C 208 56.52 -2.53 17.18
C THR C 208 57.52 -1.85 18.10
N PRO C 209 58.34 -0.92 17.59
CA PRO C 209 59.17 -0.12 18.48
C PRO C 209 58.32 0.84 19.30
N ILE C 210 58.81 1.16 20.49
CA ILE C 210 58.07 2.00 21.44
C ILE C 210 59.01 3.05 22.02
N ASN C 211 58.41 4.14 22.48
CA ASN C 211 59.13 5.20 23.17
C ASN C 211 58.98 5.10 24.70
N LEU C 212 58.25 4.11 25.19
CA LEU C 212 58.06 3.89 26.61
C LEU C 212 58.71 2.58 27.03
N VAL C 213 58.82 2.39 28.33
CA VAL C 213 59.41 1.19 28.91
C VAL C 213 58.50 0.49 29.90
N ARG C 214 57.27 0.99 30.09
CA ARG C 214 56.34 0.39 31.02
C ARG C 214 54.92 0.52 30.48
N ASP C 215 54.11 -0.51 30.72
CA ASP C 215 52.68 -0.47 30.39
C ASP C 215 52.45 -0.51 28.88
N LEU C 216 51.31 -1.03 28.46
CA LEU C 216 50.98 -1.09 27.05
C LEU C 216 50.70 0.31 26.54
N PRO C 217 51.38 0.78 25.49
CA PRO C 217 51.18 2.15 25.04
C PRO C 217 49.87 2.33 24.28
N GLN C 218 49.42 3.58 24.21
CA GLN C 218 48.23 3.91 23.46
C GLN C 218 48.47 3.68 21.97
N GLY C 219 47.43 3.24 21.28
CA GLY C 219 47.53 2.97 19.86
C GLY C 219 46.65 1.80 19.47
N PHE C 220 46.71 1.46 18.19
CA PHE C 220 45.93 0.36 17.65
C PHE C 220 46.74 -0.33 16.56
N SER C 221 46.74 -1.66 16.59
CA SER C 221 47.43 -2.44 15.57
C SER C 221 46.94 -3.87 15.65
N ALA C 222 46.45 -4.40 14.52
CA ALA C 222 45.97 -5.77 14.48
C ALA C 222 47.14 -6.75 14.39
N LEU C 223 47.00 -7.88 15.08
CA LEU C 223 48.03 -8.91 15.05
C LEU C 223 47.78 -9.89 13.92
N GLU C 224 48.81 -10.12 13.11
CA GLU C 224 48.70 -11.01 11.97
C GLU C 224 48.95 -12.45 12.39
N PRO C 225 48.28 -13.42 11.77
CA PRO C 225 48.58 -14.83 12.08
C PRO C 225 50.00 -15.18 11.63
N LEU C 226 50.64 -16.05 12.41
CA LEU C 226 51.94 -16.59 12.03
C LEU C 226 52.00 -18.11 12.07
N VAL C 227 51.32 -18.74 13.03
CA VAL C 227 51.38 -20.20 13.16
C VAL C 227 49.97 -20.75 13.29
N ASP C 228 49.72 -21.87 12.62
CA ASP C 228 48.43 -22.57 12.69
C ASP C 228 48.72 -24.06 12.57
N LEU C 229 48.81 -24.73 13.73
CA LEU C 229 49.24 -26.13 13.78
C LEU C 229 48.10 -27.00 14.28
N PRO C 230 47.60 -27.96 13.50
CA PRO C 230 46.54 -28.86 14.02
C PRO C 230 47.11 -30.00 14.86
N ILE C 231 47.63 -29.66 16.04
CA ILE C 231 48.26 -30.65 16.89
C ILE C 231 47.22 -31.40 17.73
N GLY C 232 46.26 -30.68 18.31
CA GLY C 232 45.24 -31.31 19.13
C GLY C 232 45.57 -31.41 20.60
N ILE C 233 46.63 -30.74 21.06
CA ILE C 233 47.00 -30.79 22.47
C ILE C 233 45.94 -30.09 23.30
N ASN C 234 45.47 -30.76 24.34
CA ASN C 234 44.65 -30.09 25.35
C ASN C 234 45.54 -29.15 26.15
N ILE C 235 45.12 -27.90 26.28
CA ILE C 235 45.88 -26.89 27.01
C ILE C 235 44.95 -26.27 28.05
N THR C 236 45.36 -26.34 29.31
CA THR C 236 44.66 -25.66 30.40
C THR C 236 45.58 -24.79 31.23
N ARG C 237 46.90 -24.89 31.04
CA ARG C 237 47.87 -24.07 31.75
C ARG C 237 49.06 -23.80 30.84
N PHE C 238 49.80 -22.75 31.17
CA PHE C 238 50.97 -22.39 30.39
C PHE C 238 51.93 -21.59 31.28
N GLN C 239 53.14 -21.42 30.78
CA GLN C 239 54.20 -20.75 31.52
C GLN C 239 55.16 -20.10 30.53
N THR C 240 55.89 -19.09 31.01
CA THR C 240 56.90 -18.44 30.21
C THR C 240 58.29 -18.86 30.66
N LEU C 241 59.27 -18.66 29.77
CA LEU C 241 60.65 -19.10 29.99
C LEU C 241 61.59 -17.98 29.58
N LEU C 242 62.45 -17.59 30.52
CA LEU C 242 63.41 -16.51 30.30
C LEU C 242 64.70 -17.05 29.68
N ALA C 263 62.20 -9.81 33.27
CA ALA C 263 61.44 -8.88 32.43
C ALA C 263 59.94 -9.03 32.68
N ALA C 264 59.25 -7.91 32.80
CA ALA C 264 57.81 -7.93 33.02
C ALA C 264 57.07 -8.24 31.72
N TYR C 265 55.93 -8.90 31.87
CA TYR C 265 55.08 -9.23 30.73
C TYR C 265 53.63 -9.12 31.15
N TYR C 266 52.77 -8.91 30.16
CA TYR C 266 51.34 -8.67 30.39
C TYR C 266 50.55 -9.85 29.84
N VAL C 267 49.59 -10.32 30.63
CA VAL C 267 48.77 -11.48 30.28
C VAL C 267 47.31 -11.10 30.40
N GLY C 268 46.54 -11.41 29.37
CA GLY C 268 45.09 -11.24 29.39
C GLY C 268 44.41 -12.43 28.78
N TYR C 269 43.09 -12.48 28.95
CA TYR C 269 42.30 -13.62 28.50
C TYR C 269 41.21 -13.17 27.54
N LEU C 270 41.03 -13.94 26.49
CA LEU C 270 40.06 -13.63 25.44
C LEU C 270 38.67 -14.03 25.87
N GLN C 271 37.68 -13.34 25.31
CA GLN C 271 36.27 -13.60 25.58
C GLN C 271 35.50 -13.60 24.26
N PRO C 272 34.40 -14.35 24.20
CA PRO C 272 33.61 -14.43 22.95
C PRO C 272 32.76 -13.20 22.71
N ARG C 273 33.34 -12.16 22.11
CA ARG C 273 32.67 -10.88 21.94
C ARG C 273 32.49 -10.56 20.46
N THR C 274 31.66 -9.56 20.22
CA THR C 274 31.40 -9.05 18.87
C THR C 274 32.17 -7.76 18.67
N PHE C 275 32.86 -7.66 17.54
CA PHE C 275 33.69 -6.52 17.21
C PHE C 275 33.35 -6.00 15.82
N LEU C 276 33.31 -4.68 15.68
CA LEU C 276 33.18 -4.03 14.39
C LEU C 276 34.55 -3.56 13.94
N LEU C 277 35.11 -4.22 12.92
CA LEU C 277 36.45 -3.93 12.44
C LEU C 277 36.38 -3.06 11.20
N LYS C 278 37.34 -2.16 11.05
CA LYS C 278 37.39 -1.23 9.92
C LYS C 278 38.60 -1.59 9.06
N TYR C 279 38.34 -2.07 7.84
CA TYR C 279 39.39 -2.38 6.89
C TYR C 279 39.60 -1.19 5.96
N ASN C 280 40.83 -0.69 5.91
CA ASN C 280 41.16 0.41 5.02
C ASN C 280 41.23 -0.10 3.58
N GLU C 281 41.59 0.81 2.66
CA GLU C 281 41.65 0.42 1.26
C GLU C 281 42.69 -0.66 1.00
N ASN C 282 43.69 -0.79 1.87
CA ASN C 282 44.74 -1.79 1.72
C ASN C 282 44.47 -3.05 2.53
N GLY C 283 43.29 -3.17 3.14
CA GLY C 283 42.96 -4.36 3.89
C GLY C 283 43.55 -4.43 5.27
N THR C 284 44.09 -3.33 5.78
CA THR C 284 44.66 -3.29 7.12
C THR C 284 43.60 -2.81 8.11
N ILE C 285 43.37 -3.59 9.16
CA ILE C 285 42.43 -3.21 10.20
C ILE C 285 43.02 -2.04 10.97
N THR C 286 42.41 -0.87 10.81
CA THR C 286 42.88 0.35 11.46
C THR C 286 42.11 0.72 12.72
N ASP C 287 40.87 0.26 12.85
CA ASP C 287 40.05 0.58 14.01
C ASP C 287 39.13 -0.58 14.33
N ALA C 288 38.73 -0.64 15.60
CA ALA C 288 37.83 -1.67 16.06
C ALA C 288 36.92 -1.08 17.13
N VAL C 289 35.66 -1.53 17.13
CA VAL C 289 34.66 -1.12 18.10
C VAL C 289 34.22 -2.36 18.86
N ASP C 290 34.33 -2.31 20.19
CA ASP C 290 33.84 -3.38 21.06
C ASP C 290 32.37 -3.12 21.34
N CYS C 291 31.50 -3.97 20.79
CA CYS C 291 30.07 -3.73 20.85
C CYS C 291 29.55 -3.68 22.28
N ALA C 292 30.20 -4.39 23.21
CA ALA C 292 29.71 -4.48 24.58
C ALA C 292 30.40 -3.50 25.52
N LEU C 293 31.28 -2.64 25.02
CA LEU C 293 32.03 -1.74 25.90
C LEU C 293 31.09 -0.78 26.61
N ASP C 294 30.25 -0.08 25.86
CA ASP C 294 29.41 0.97 26.41
C ASP C 294 28.28 1.25 25.43
N PRO C 295 27.26 2.00 25.86
CA PRO C 295 26.12 2.25 24.96
C PRO C 295 26.48 2.89 23.64
N LEU C 296 27.47 3.78 23.61
CA LEU C 296 27.84 4.43 22.36
C LEU C 296 28.41 3.42 21.36
N SER C 297 29.30 2.55 21.83
CA SER C 297 29.82 1.50 20.95
C SER C 297 28.73 0.54 20.52
N GLU C 298 27.78 0.25 21.41
CA GLU C 298 26.64 -0.59 21.03
C GLU C 298 25.85 0.07 19.91
N THR C 299 25.63 1.38 20.00
CA THR C 299 24.96 2.10 18.93
C THR C 299 25.75 2.02 17.63
N LYS C 300 27.07 2.21 17.72
CA LYS C 300 27.90 2.11 16.54
C LYS C 300 27.77 0.75 15.87
N CYS C 301 27.79 -0.32 16.67
CA CYS C 301 27.62 -1.66 16.12
C CYS C 301 26.23 -1.82 15.51
N THR C 302 25.20 -1.26 16.15
CA THR C 302 23.85 -1.39 15.64
C THR C 302 23.71 -0.75 14.27
N LEU C 303 24.33 0.41 14.07
CA LEU C 303 24.24 1.13 12.81
C LEU C 303 25.25 0.67 11.78
N LYS C 304 26.14 -0.25 12.15
CA LYS C 304 27.20 -0.71 11.23
C LYS C 304 28.03 0.47 10.77
N SER C 305 28.20 1.46 11.64
CA SER C 305 28.89 2.69 11.29
C SER C 305 29.88 3.05 12.40
N PHE C 306 30.98 3.67 12.00
CA PHE C 306 31.95 4.20 12.95
C PHE C 306 31.64 5.61 13.40
N THR C 307 30.65 6.25 12.77
CA THR C 307 30.22 7.60 13.13
C THR C 307 28.71 7.61 13.28
N VAL C 308 28.22 8.30 14.31
CA VAL C 308 26.81 8.33 14.65
C VAL C 308 26.32 9.77 14.57
N GLU C 309 25.24 10.00 13.84
CA GLU C 309 24.63 11.31 13.76
C GLU C 309 23.76 11.57 14.99
N LYS C 310 23.44 12.84 15.21
CA LYS C 310 22.59 13.21 16.33
C LYS C 310 21.22 12.58 16.18
N GLY C 311 20.73 12.00 17.27
CA GLY C 311 19.39 11.40 17.25
C GLY C 311 19.24 10.41 18.39
N ILE C 312 18.17 9.63 18.31
CA ILE C 312 17.85 8.59 19.29
C ILE C 312 17.73 7.27 18.55
N TYR C 313 18.43 6.25 19.05
CA TYR C 313 18.55 4.98 18.36
C TYR C 313 18.13 3.84 19.27
N GLN C 314 17.27 2.96 18.74
CA GLN C 314 16.85 1.77 19.45
C GLN C 314 17.95 0.72 19.34
N THR C 315 18.63 0.43 20.44
CA THR C 315 19.78 -0.47 20.42
C THR C 315 19.49 -1.85 20.98
N SER C 316 18.99 -1.95 22.20
CA SER C 316 18.93 -3.25 22.87
C SER C 316 17.56 -3.44 23.51
N ASN C 317 17.42 -4.51 24.28
CA ASN C 317 16.21 -4.79 25.03
C ASN C 317 16.57 -5.09 26.47
N PHE C 318 15.86 -4.45 27.39
CA PHE C 318 16.03 -4.68 28.82
C PHE C 318 14.95 -5.63 29.31
N ARG C 319 15.33 -6.58 30.14
CA ARG C 319 14.42 -7.60 30.64
C ARG C 319 14.82 -7.96 32.06
N VAL C 320 14.00 -7.56 33.03
CA VAL C 320 14.28 -7.90 34.43
C VAL C 320 14.34 -9.41 34.57
N GLN C 321 15.41 -9.91 35.18
CA GLN C 321 15.58 -11.35 35.29
C GLN C 321 14.98 -11.86 36.61
N PRO C 322 14.50 -13.10 36.63
CA PRO C 322 13.92 -13.63 37.87
C PRO C 322 14.95 -13.78 38.96
N THR C 323 14.49 -13.61 40.20
CA THR C 323 15.36 -13.72 41.37
C THR C 323 15.48 -15.17 41.84
N GLU C 324 14.35 -15.85 42.01
CA GLU C 324 14.36 -17.20 42.55
C GLU C 324 13.10 -17.93 42.08
N SER C 325 13.11 -19.24 42.27
CA SER C 325 11.98 -20.09 41.89
C SER C 325 11.09 -20.35 43.09
N ILE C 326 9.78 -20.19 42.89
CA ILE C 326 8.78 -20.44 43.92
C ILE C 326 7.96 -21.64 43.48
N VAL C 327 8.08 -22.74 44.22
CA VAL C 327 7.29 -23.95 43.98
C VAL C 327 6.46 -24.20 45.22
N ARG C 328 5.13 -24.29 45.04
CA ARG C 328 4.22 -24.41 46.16
C ARG C 328 3.18 -25.50 45.86
N PHE C 329 2.79 -26.21 46.91
CA PHE C 329 1.80 -27.29 46.83
C PHE C 329 0.86 -27.17 48.02
N PRO C 330 -0.29 -27.83 47.95
CA PRO C 330 -1.29 -27.66 49.02
C PRO C 330 -0.74 -28.04 50.39
N ASN C 331 -1.56 -27.81 51.41
CA ASN C 331 -1.15 -28.05 52.79
C ASN C 331 -0.78 -29.49 53.05
N GLY C 332 -1.18 -30.41 52.18
CA GLY C 332 -0.77 -31.80 52.32
C GLY C 332 0.56 -32.05 51.63
N SER C 333 0.57 -32.97 50.67
CA SER C 333 1.78 -33.27 49.91
C SER C 333 1.40 -33.36 48.44
N GLY C 334 1.76 -32.32 47.67
CA GLY C 334 1.48 -32.32 46.25
C GLY C 334 2.56 -33.03 45.45
N SER C 335 3.01 -34.18 45.95
CA SER C 335 4.08 -34.94 45.31
C SER C 335 5.34 -34.09 45.15
N GLY C 336 5.62 -33.28 46.16
CA GLY C 336 6.79 -32.42 46.12
C GLY C 336 6.86 -31.56 47.36
N SER C 337 8.00 -30.89 47.50
CA SER C 337 8.25 -30.02 48.64
C SER C 337 7.93 -28.58 48.26
N SER C 338 7.06 -27.94 49.04
CA SER C 338 6.67 -26.57 48.77
C SER C 338 7.75 -25.60 49.26
N THR C 339 7.69 -24.38 48.73
CA THR C 339 8.61 -23.31 49.08
C THR C 339 7.83 -22.11 49.58
N ASN C 340 8.54 -21.18 50.20
CA ASN C 340 7.91 -19.97 50.71
C ASN C 340 7.44 -19.09 49.56
N LEU C 341 6.35 -18.35 49.80
CA LEU C 341 5.78 -17.48 48.79
C LEU C 341 6.46 -16.12 48.84
N VAL C 342 6.89 -15.63 47.68
CA VAL C 342 7.58 -14.35 47.57
C VAL C 342 6.73 -13.42 46.72
N LYS C 343 6.39 -12.26 47.28
CA LYS C 343 5.54 -11.29 46.62
C LYS C 343 6.34 -10.08 46.17
N ASN C 344 5.84 -9.41 45.14
CA ASN C 344 6.43 -8.17 44.64
C ASN C 344 7.86 -8.39 44.19
N LYS C 345 8.09 -9.44 43.40
CA LYS C 345 9.42 -9.76 42.92
C LYS C 345 9.31 -10.68 41.72
N CYS C 346 10.15 -10.43 40.70
CA CYS C 346 10.19 -11.29 39.52
C CYS C 346 10.74 -12.65 39.91
N VAL C 347 9.88 -13.67 39.93
CA VAL C 347 10.25 -15.01 40.36
C VAL C 347 9.70 -16.02 39.35
N ASN C 348 10.28 -17.22 39.39
CA ASN C 348 9.83 -18.35 38.58
C ASN C 348 8.91 -19.18 39.46
N PHE C 349 7.61 -18.95 39.32
CA PHE C 349 6.60 -19.58 40.15
C PHE C 349 6.12 -20.88 39.52
N ASN C 350 5.72 -21.80 40.41
CA ASN C 350 5.12 -23.07 39.98
C ASN C 350 4.03 -23.41 40.99
N PHE C 351 2.78 -23.33 40.57
CA PHE C 351 1.63 -23.62 41.42
C PHE C 351 0.95 -24.89 40.88
N ASN C 352 1.12 -26.00 41.61
CA ASN C 352 0.47 -27.27 41.26
C ASN C 352 0.75 -27.66 39.81
N GLY C 353 1.98 -27.43 39.36
CA GLY C 353 2.41 -27.77 38.02
C GLY C 353 2.26 -26.67 37.01
N LEU C 354 1.46 -25.65 37.30
CA LEU C 354 1.35 -24.48 36.43
C LEU C 354 2.58 -23.61 36.64
N THR C 355 3.45 -23.55 35.64
CA THR C 355 4.72 -22.86 35.74
C THR C 355 4.68 -21.54 34.99
N GLY C 356 5.46 -20.60 35.47
CA GLY C 356 5.57 -19.31 34.80
C GLY C 356 6.60 -18.44 35.50
N THR C 357 6.81 -17.26 34.92
CA THR C 357 7.73 -16.28 35.46
C THR C 357 7.02 -14.94 35.53
N GLY C 358 7.10 -14.27 36.67
CA GLY C 358 6.43 -12.99 36.82
C GLY C 358 6.50 -12.49 38.24
N VAL C 359 5.79 -11.39 38.47
CA VAL C 359 5.69 -10.75 39.77
C VAL C 359 4.34 -11.11 40.38
N LEU C 360 4.37 -11.62 41.61
CA LEU C 360 3.17 -12.05 42.31
C LEU C 360 2.75 -10.96 43.28
N THR C 361 1.52 -10.46 43.13
CA THR C 361 0.99 -9.40 43.98
C THR C 361 -0.35 -9.85 44.54
N GLU C 362 -0.75 -9.20 45.64
CA GLU C 362 -2.05 -9.51 46.25
C GLU C 362 -3.16 -8.94 45.38
N SER C 363 -4.13 -9.78 45.03
CA SER C 363 -5.17 -9.41 44.09
C SER C 363 -6.51 -9.21 44.81
N ASN C 364 -7.36 -8.38 44.21
CA ASN C 364 -8.72 -8.18 44.67
C ASN C 364 -9.73 -9.05 43.94
N LYS C 365 -9.29 -9.76 42.90
CA LYS C 365 -10.19 -10.59 42.12
C LYS C 365 -10.73 -11.73 42.97
N LYS C 366 -12.01 -12.05 42.79
CA LYS C 366 -12.73 -13.00 43.63
C LYS C 366 -12.96 -14.28 42.84
N PHE C 367 -12.04 -15.23 42.97
CA PHE C 367 -12.23 -16.54 42.37
C PHE C 367 -13.40 -17.26 43.04
N LEU C 368 -14.11 -18.05 42.24
CA LEU C 368 -15.15 -18.90 42.80
C LEU C 368 -14.50 -20.08 43.52
N PRO C 369 -15.24 -20.73 44.43
CA PRO C 369 -14.62 -21.79 45.24
C PRO C 369 -13.96 -22.88 44.42
N PHE C 370 -14.55 -23.26 43.29
CA PHE C 370 -13.98 -24.29 42.44
C PHE C 370 -12.93 -23.76 41.48
N GLN C 371 -12.83 -22.45 41.32
CA GLN C 371 -11.90 -21.86 40.35
C GLN C 371 -10.50 -21.81 40.95
N GLN C 372 -9.52 -22.28 40.18
CA GLN C 372 -8.13 -22.35 40.62
C GLN C 372 -7.22 -21.37 39.92
N PHE C 373 -7.41 -21.15 38.62
CA PHE C 373 -6.58 -20.24 37.85
C PHE C 373 -7.44 -19.11 37.28
N GLY C 374 -6.79 -18.06 36.84
CA GLY C 374 -7.45 -16.96 36.16
C GLY C 374 -6.77 -16.67 34.83
N ARG C 375 -7.59 -16.37 33.81
CA ARG C 375 -7.10 -16.10 32.48
C ARG C 375 -7.61 -14.74 32.00
N ASP C 376 -6.79 -14.09 31.18
CA ASP C 376 -7.11 -12.78 30.65
C ASP C 376 -7.84 -12.92 29.32
N ILE C 377 -8.00 -11.80 28.60
CA ILE C 377 -8.67 -11.84 27.31
C ILE C 377 -7.91 -12.71 26.33
N ALA C 378 -6.58 -12.59 26.32
CA ALA C 378 -5.75 -13.40 25.43
C ALA C 378 -5.57 -14.82 25.93
N ASP C 379 -6.23 -15.19 27.04
CA ASP C 379 -6.13 -16.53 27.59
C ASP C 379 -4.70 -16.84 28.04
N THR C 380 -4.13 -15.93 28.82
CA THR C 380 -2.85 -16.14 29.46
C THR C 380 -3.01 -16.01 30.97
N THR C 381 -2.20 -16.77 31.70
CA THR C 381 -2.33 -16.83 33.15
C THR C 381 -2.22 -15.44 33.74
N ASP C 382 -3.32 -14.94 34.29
CA ASP C 382 -3.38 -13.60 34.87
C ASP C 382 -3.35 -13.64 36.40
N ALA C 383 -3.89 -14.69 37.00
CA ALA C 383 -3.85 -14.83 38.45
C ALA C 383 -3.94 -16.31 38.79
N VAL C 384 -3.52 -16.63 40.01
CA VAL C 384 -3.59 -17.99 40.52
C VAL C 384 -4.09 -17.94 41.96
N ARG C 385 -4.47 -19.09 42.48
CA ARG C 385 -4.89 -19.23 43.87
C ARG C 385 -3.85 -20.08 44.59
N ASP C 386 -3.30 -19.53 45.68
CA ASP C 386 -2.24 -20.24 46.39
C ASP C 386 -2.79 -21.53 46.99
N PRO C 387 -2.19 -22.69 46.68
CA PRO C 387 -2.80 -23.96 47.12
C PRO C 387 -2.85 -24.14 48.63
N GLN C 388 -2.04 -23.42 49.39
CA GLN C 388 -2.00 -23.57 50.85
C GLN C 388 -2.87 -22.56 51.57
N THR C 389 -2.73 -21.27 51.25
CA THR C 389 -3.62 -20.23 51.75
C THR C 389 -4.49 -19.78 50.58
N LEU C 390 -5.80 -19.82 50.78
CA LEU C 390 -6.75 -19.50 49.71
C LEU C 390 -6.75 -17.99 49.51
N GLU C 391 -5.73 -17.51 48.80
CA GLU C 391 -5.61 -16.12 48.40
C GLU C 391 -5.28 -16.05 46.92
N ILE C 392 -5.60 -14.91 46.30
CA ILE C 392 -5.46 -14.72 44.87
C ILE C 392 -4.20 -13.90 44.61
N LEU C 393 -3.26 -14.48 43.87
CA LEU C 393 -2.03 -13.79 43.47
C LEU C 393 -2.16 -13.38 42.01
N ASP C 394 -2.19 -12.08 41.77
CA ASP C 394 -2.08 -11.54 40.42
C ASP C 394 -0.66 -11.69 39.92
N ILE C 395 -0.53 -12.07 38.65
CA ILE C 395 0.76 -12.31 38.01
C ILE C 395 0.98 -11.22 36.98
N THR C 396 2.07 -10.49 37.13
CA THR C 396 2.43 -9.44 36.17
C THR C 396 3.70 -9.82 35.44
N PRO C 397 3.77 -9.71 34.13
CA PRO C 397 5.01 -10.04 33.43
C PRO C 397 6.17 -9.21 33.95
N CYS C 398 7.33 -9.85 34.10
CA CYS C 398 8.50 -9.13 34.59
C CYS C 398 8.84 -7.99 33.65
N SER C 399 9.19 -6.84 34.22
CA SER C 399 9.35 -5.62 33.44
C SER C 399 10.32 -5.84 32.30
N PHE C 400 9.91 -5.40 31.11
CA PHE C 400 10.75 -5.49 29.93
C PHE C 400 10.45 -4.28 29.05
N GLY C 401 11.39 -3.98 28.15
CA GLY C 401 11.19 -2.87 27.25
C GLY C 401 12.40 -2.69 26.35
N GLY C 402 12.32 -1.66 25.53
CA GLY C 402 13.45 -1.31 24.69
C GLY C 402 14.45 -0.43 25.41
N VAL C 403 15.68 -0.43 24.91
CA VAL C 403 16.75 0.40 25.43
C VAL C 403 17.33 1.17 24.25
N SER C 404 17.17 2.49 24.28
CA SER C 404 17.61 3.37 23.21
C SER C 404 18.66 4.32 23.74
N VAL C 405 19.51 4.80 22.83
CA VAL C 405 20.64 5.66 23.17
C VAL C 405 20.42 7.02 22.54
N ILE C 406 20.36 8.05 23.38
CA ILE C 406 20.23 9.43 22.93
C ILE C 406 21.62 10.04 22.90
N THR C 407 22.05 10.47 21.71
CA THR C 407 23.42 10.96 21.53
C THR C 407 23.41 12.16 20.61
N PRO C 408 24.19 13.19 20.91
CA PRO C 408 24.53 14.17 19.89
C PRO C 408 25.53 13.57 18.91
N GLY C 409 25.68 14.24 17.77
CA GLY C 409 26.60 13.74 16.77
C GLY C 409 27.98 13.51 17.34
N THR C 410 28.56 12.34 17.04
CA THR C 410 29.86 12.01 17.56
C THR C 410 30.92 13.04 17.18
N ASN C 411 30.72 13.78 16.08
CA ASN C 411 31.59 14.90 15.77
C ASN C 411 31.53 15.97 16.85
N THR C 412 30.47 15.99 17.66
CA THR C 412 30.33 16.97 18.73
C THR C 412 30.86 16.44 20.06
N SER C 413 30.36 15.30 20.51
CA SER C 413 30.79 14.73 21.78
C SER C 413 30.48 13.24 21.79
N ASN C 414 31.14 12.53 22.71
CA ASN C 414 30.89 11.11 22.91
C ASN C 414 29.98 10.84 24.10
N GLN C 415 29.53 11.88 24.79
CA GLN C 415 28.60 11.70 25.90
C GLN C 415 27.25 11.26 25.36
N VAL C 416 26.56 10.39 26.10
CA VAL C 416 25.27 9.86 25.69
C VAL C 416 24.38 9.70 26.91
N ALA C 417 23.09 9.52 26.65
CA ALA C 417 22.12 9.16 27.67
C ALA C 417 21.38 7.92 27.19
N VAL C 418 20.73 7.23 28.13
CA VAL C 418 20.06 5.97 27.84
C VAL C 418 18.62 6.07 28.28
N LEU C 419 17.70 5.68 27.40
CA LEU C 419 16.27 5.64 27.70
C LEU C 419 15.83 4.18 27.79
N TYR C 420 15.32 3.79 28.95
CA TYR C 420 14.69 2.49 29.15
C TYR C 420 13.19 2.71 28.99
N GLN C 421 12.62 2.19 27.91
CA GLN C 421 11.25 2.53 27.55
C GLN C 421 10.27 1.76 28.42
N ASP C 422 9.28 2.48 28.94
CA ASP C 422 8.15 1.87 29.65
C ASP C 422 8.63 0.98 30.79
N VAL C 423 9.39 1.59 31.71
CA VAL C 423 9.86 0.88 32.90
C VAL C 423 10.23 1.90 33.96
N ASN C 424 9.79 1.64 35.18
CA ASN C 424 10.16 2.47 36.33
C ASN C 424 11.58 2.09 36.75
N CYS C 425 12.52 3.02 36.62
CA CYS C 425 13.93 2.68 36.79
C CYS C 425 14.32 2.41 38.25
N THR C 426 13.37 2.41 39.18
CA THR C 426 13.66 1.81 40.47
C THR C 426 13.98 0.34 40.33
N GLU C 427 13.60 -0.27 39.20
CA GLU C 427 13.90 -1.67 38.90
C GLU C 427 15.17 -1.84 38.09
N VAL C 428 15.84 -0.76 37.71
CA VAL C 428 17.06 -0.85 36.91
C VAL C 428 18.29 -0.80 37.80
N ASN C 449 20.91 12.15 38.18
CA ASN C 449 20.83 12.13 36.73
C ASN C 449 19.87 11.04 36.25
N VAL C 450 18.79 10.85 37.00
CA VAL C 450 17.75 9.89 36.68
C VAL C 450 16.43 10.66 36.60
N PHE C 451 15.72 10.51 35.48
CA PHE C 451 14.50 11.28 35.24
C PHE C 451 13.42 10.32 34.75
N GLN C 452 12.33 10.21 35.51
CA GLN C 452 11.21 9.38 35.11
C GLN C 452 10.26 10.20 34.23
N THR C 453 9.78 9.61 33.14
CA THR C 453 8.89 10.26 32.21
C THR C 453 7.92 9.23 31.67
N ARG C 454 6.84 9.70 31.05
CA ARG C 454 5.83 8.78 30.55
C ARG C 454 6.40 7.82 29.52
N ALA C 455 7.49 8.21 28.85
CA ALA C 455 8.10 7.37 27.84
C ALA C 455 9.06 6.33 28.43
N GLY C 456 9.30 6.36 29.73
CA GLY C 456 10.24 5.47 30.36
C GLY C 456 11.15 6.26 31.27
N CYS C 457 12.31 5.67 31.60
CA CYS C 457 13.27 6.35 32.46
C CYS C 457 14.50 6.74 31.66
N LEU C 458 14.95 7.97 31.85
CA LEU C 458 16.10 8.52 31.15
C LEU C 458 17.25 8.68 32.14
N ILE C 459 18.40 8.10 31.82
CA ILE C 459 19.57 8.10 32.69
C ILE C 459 20.73 8.73 31.93
N GLY C 460 21.40 9.69 32.57
CA GLY C 460 22.50 10.42 31.98
C GLY C 460 22.12 11.81 31.52
N ALA C 461 20.83 12.13 31.49
CA ALA C 461 20.37 13.45 31.11
C ALA C 461 19.95 14.24 32.35
N GLU C 462 20.20 15.54 32.30
CA GLU C 462 19.88 16.43 33.40
C GLU C 462 18.57 17.14 33.09
N HIS C 463 17.58 16.96 33.96
CA HIS C 463 16.29 17.61 33.78
C HIS C 463 16.44 19.12 33.97
N VAL C 464 15.78 19.89 33.11
CA VAL C 464 15.88 21.34 33.11
C VAL C 464 14.47 21.92 33.10
N ASN C 465 14.25 22.95 33.92
CA ASN C 465 12.94 23.59 33.98
C ASN C 465 12.68 24.45 32.75
N ASN C 466 13.72 25.05 32.19
CA ASN C 466 13.55 25.88 31.00
C ASN C 466 13.07 25.03 29.82
N SER C 467 12.23 25.64 28.99
CA SER C 467 11.71 24.97 27.81
C SER C 467 12.35 25.54 26.55
N TYR C 468 12.76 24.64 25.65
CA TYR C 468 13.43 25.01 24.42
C TYR C 468 12.75 24.33 23.25
N GLU C 469 13.27 24.61 22.05
CA GLU C 469 12.79 23.90 20.87
C GLU C 469 13.25 22.44 20.92
N CYS C 470 12.43 21.56 20.38
CA CYS C 470 12.71 20.13 20.46
C CYS C 470 13.86 19.76 19.55
N ASP C 471 15.01 19.45 20.14
CA ASP C 471 16.18 19.03 19.38
C ASP C 471 16.11 17.54 19.05
N ILE C 472 16.09 16.72 20.09
CA ILE C 472 15.97 15.26 19.94
C ILE C 472 14.67 14.84 20.61
N PRO C 473 13.70 14.30 19.86
CA PRO C 473 12.42 13.92 20.48
C PRO C 473 12.54 12.64 21.28
N ILE C 474 12.09 12.68 22.52
CA ILE C 474 11.99 11.49 23.37
C ILE C 474 10.56 10.98 23.41
N GLY C 475 9.61 11.82 23.77
CA GLY C 475 8.22 11.45 23.74
C GLY C 475 7.45 12.08 24.89
N ALA C 476 6.12 12.10 24.72
CA ALA C 476 5.23 12.67 25.73
C ALA C 476 5.61 14.12 26.04
N GLY C 477 6.06 14.84 25.01
CA GLY C 477 6.42 16.22 25.15
C GLY C 477 7.84 16.45 25.65
N ILE C 478 8.58 15.40 25.95
CA ILE C 478 9.95 15.53 26.45
C ILE C 478 10.90 15.36 25.27
N CYS C 479 11.87 16.28 25.18
CA CYS C 479 12.95 16.21 24.20
C CYS C 479 14.27 16.41 24.93
N ALA C 480 15.37 16.15 24.23
CA ALA C 480 16.69 16.25 24.82
C ALA C 480 17.63 16.96 23.85
N SER C 481 18.65 17.60 24.42
CA SER C 481 19.61 18.34 23.61
C SER C 481 20.92 18.49 24.36
N TYR C 482 21.99 18.70 23.61
CA TYR C 482 23.33 18.90 24.18
C TYR C 482 23.52 20.40 24.40
N GLN C 483 23.49 20.81 25.67
CA GLN C 483 23.56 22.22 26.02
C GLN C 483 24.55 22.42 27.17
N THR C 484 25.00 23.67 27.32
CA THR C 484 25.93 24.03 28.39
C THR C 484 25.35 23.68 29.75
N SER C 497 31.47 21.48 30.69
CA SER C 497 30.43 22.48 30.80
C SER C 497 29.20 22.09 29.98
N GLN C 498 29.41 21.24 28.98
CA GLN C 498 28.33 20.75 28.12
C GLN C 498 27.85 19.39 28.62
N SER C 499 26.53 19.19 28.52
CA SER C 499 25.92 17.95 28.95
C SER C 499 24.57 17.80 28.25
N ILE C 500 24.02 16.60 28.32
CA ILE C 500 22.72 16.30 27.74
C ILE C 500 21.63 16.68 28.74
N ILE C 501 20.67 17.49 28.29
CA ILE C 501 19.58 17.95 29.13
C ILE C 501 18.27 17.51 28.52
N ALA C 502 17.30 17.25 29.39
CA ALA C 502 15.95 16.86 29.00
C ALA C 502 14.98 17.93 29.44
N TYR C 503 14.05 18.30 28.55
CA TYR C 503 13.16 19.41 28.81
C TYR C 503 11.84 19.19 28.10
N THR C 504 10.81 19.89 28.58
CA THR C 504 9.51 19.89 27.91
C THR C 504 9.57 20.88 26.76
N MET C 505 9.46 20.37 25.53
CA MET C 505 9.68 21.18 24.35
C MET C 505 8.68 22.34 24.29
N SER C 506 9.16 23.50 23.84
CA SER C 506 8.31 24.65 23.64
C SER C 506 7.67 24.62 22.26
N LEU C 507 6.43 25.10 22.19
CA LEU C 507 5.67 25.10 20.94
C LEU C 507 5.90 26.36 20.13
N GLY C 508 6.70 27.30 20.62
CA GLY C 508 6.97 28.54 19.94
C GLY C 508 6.67 29.75 20.82
N ALA C 509 7.11 30.90 20.33
CA ALA C 509 6.94 32.14 21.07
C ALA C 509 5.47 32.50 21.17
N GLU C 510 5.06 32.96 22.35
CA GLU C 510 3.70 33.40 22.57
C GLU C 510 3.57 34.86 22.15
N ASN C 511 2.53 35.15 21.38
CA ASN C 511 2.34 36.48 20.78
C ASN C 511 0.86 36.84 20.85
N SER C 512 0.48 37.59 21.88
CA SER C 512 -0.87 38.11 21.98
C SER C 512 -1.09 39.16 20.90
N VAL C 513 -2.27 39.14 20.28
CA VAL C 513 -2.60 40.07 19.21
C VAL C 513 -3.44 41.20 19.79
N ALA C 514 -3.07 42.45 19.46
CA ALA C 514 -3.75 43.62 20.00
C ALA C 514 -5.05 43.84 19.25
N TYR C 515 -6.02 42.98 19.56
CA TYR C 515 -7.33 43.07 18.92
C TYR C 515 -8.19 44.14 19.57
N SER C 516 -8.95 44.86 18.73
CA SER C 516 -9.94 45.82 19.19
C SER C 516 -11.00 45.94 18.10
N ASN C 517 -12.12 46.56 18.45
CA ASN C 517 -13.25 46.65 17.52
C ASN C 517 -13.08 47.76 16.50
N ASN C 518 -12.04 48.59 16.61
CA ASN C 518 -11.85 49.65 15.62
C ASN C 518 -10.40 49.87 15.22
N SER C 519 -9.51 48.88 15.37
CA SER C 519 -8.12 49.04 15.03
C SER C 519 -7.73 48.00 13.98
N ILE C 520 -6.94 48.42 13.00
CA ILE C 520 -6.49 47.54 11.93
C ILE C 520 -5.02 47.77 11.67
N ALA C 521 -4.28 46.70 11.43
CA ALA C 521 -2.87 46.77 11.09
C ALA C 521 -2.70 46.56 9.60
N ILE C 522 -1.94 47.45 8.96
CA ILE C 522 -1.74 47.37 7.51
C ILE C 522 -0.24 47.40 7.22
N PRO C 523 0.25 46.56 6.29
CA PRO C 523 1.68 46.60 5.97
C PRO C 523 2.04 47.84 5.20
N THR C 524 3.21 48.40 5.50
CA THR C 524 3.76 49.54 4.77
C THR C 524 4.88 49.14 3.82
N ASN C 525 5.50 47.99 4.04
CA ASN C 525 6.56 47.50 3.18
C ASN C 525 6.36 46.00 2.98
N PHE C 526 7.13 45.43 2.07
CA PHE C 526 6.99 44.03 1.73
C PHE C 526 8.36 43.43 1.48
N THR C 527 8.39 42.10 1.37
CA THR C 527 9.61 41.38 1.04
C THR C 527 9.29 40.24 0.09
N ILE C 528 10.22 39.97 -0.81
CA ILE C 528 10.11 38.86 -1.74
C ILE C 528 10.88 37.68 -1.17
N SER C 529 10.18 36.60 -0.89
CA SER C 529 10.76 35.43 -0.25
C SER C 529 10.79 34.27 -1.22
N VAL C 530 11.94 33.60 -1.28
CA VAL C 530 12.11 32.42 -2.13
C VAL C 530 12.31 31.22 -1.22
N THR C 531 11.43 30.23 -1.36
CA THR C 531 11.51 29.01 -0.57
C THR C 531 11.71 27.82 -1.49
N THR C 532 12.19 26.72 -0.93
CA THR C 532 12.53 25.53 -1.69
C THR C 532 11.66 24.36 -1.22
N GLU C 533 11.14 23.59 -2.17
CA GLU C 533 10.38 22.39 -1.87
C GLU C 533 10.90 21.24 -2.73
N ILE C 534 11.20 20.12 -2.09
CA ILE C 534 11.81 18.97 -2.77
C ILE C 534 10.82 17.81 -2.74
N LEU C 535 10.59 17.21 -3.90
CA LEU C 535 9.64 16.11 -4.00
C LEU C 535 10.23 14.94 -4.77
N PRO C 536 10.20 13.72 -4.23
CA PRO C 536 10.58 12.56 -5.03
C PRO C 536 9.63 12.35 -6.19
N VAL C 537 10.17 11.87 -7.31
CA VAL C 537 9.40 11.63 -8.51
C VAL C 537 9.41 10.16 -8.91
N SER C 538 10.57 9.51 -8.80
CA SER C 538 10.71 8.11 -9.21
C SER C 538 11.74 7.44 -8.32
N MET C 539 11.90 6.12 -8.52
CA MET C 539 12.91 5.36 -7.80
C MET C 539 13.63 4.46 -8.81
N THR C 540 14.62 3.74 -8.31
CA THR C 540 15.40 2.85 -9.15
C THR C 540 14.50 1.76 -9.75
N LYS C 541 14.75 1.43 -11.02
CA LYS C 541 13.99 0.40 -11.72
C LYS C 541 14.72 -0.93 -11.56
N THR C 542 14.46 -1.59 -10.45
CA THR C 542 15.13 -2.86 -10.18
C THR C 542 14.38 -4.01 -10.83
N SER C 543 15.14 -5.02 -11.25
CA SER C 543 14.58 -6.26 -11.77
C SER C 543 15.38 -7.40 -11.18
N VAL C 544 14.70 -8.52 -10.93
CA VAL C 544 15.30 -9.66 -10.25
C VAL C 544 15.06 -10.92 -11.08
N ASP C 545 16.12 -11.67 -11.36
CA ASP C 545 16.00 -12.98 -11.99
C ASP C 545 15.83 -13.99 -10.88
N CYS C 546 14.58 -14.36 -10.61
CA CYS C 546 14.27 -15.27 -9.52
C CYS C 546 15.11 -16.54 -9.59
N THR C 547 15.25 -17.12 -10.79
CA THR C 547 15.97 -18.36 -10.93
C THR C 547 17.42 -18.21 -10.49
N MET C 548 18.09 -17.15 -10.91
CA MET C 548 19.47 -16.94 -10.50
C MET C 548 19.56 -16.59 -9.02
N TYR C 549 18.51 -15.97 -8.48
CA TYR C 549 18.55 -15.57 -7.08
C TYR C 549 18.43 -16.78 -6.15
N ILE C 550 17.51 -17.69 -6.48
CA ILE C 550 17.24 -18.84 -5.61
C ILE C 550 18.15 -20.00 -5.98
N CYS C 551 18.06 -20.45 -7.23
CA CYS C 551 18.66 -21.67 -7.70
C CYS C 551 19.82 -21.42 -8.65
N GLY C 552 20.64 -20.42 -8.35
CA GLY C 552 21.74 -20.05 -9.22
C GLY C 552 22.62 -21.22 -9.62
N ASP C 553 22.56 -21.59 -10.90
CA ASP C 553 23.39 -22.67 -11.44
C ASP C 553 23.09 -24.01 -10.76
N SER C 554 21.84 -24.44 -10.84
CA SER C 554 21.43 -25.75 -10.34
C SER C 554 20.18 -26.18 -11.08
N THR C 555 20.32 -27.10 -12.03
CA THR C 555 19.16 -27.58 -12.78
C THR C 555 18.18 -28.32 -11.86
N GLU C 556 18.70 -29.11 -10.92
CA GLU C 556 17.83 -29.80 -9.98
C GLU C 556 17.04 -28.81 -9.14
N CYS C 557 17.70 -27.73 -8.70
CA CYS C 557 17.01 -26.72 -7.90
C CYS C 557 15.94 -26.02 -8.72
N SER C 558 16.20 -25.78 -10.01
CA SER C 558 15.16 -25.20 -10.87
C SER C 558 13.98 -26.16 -11.04
N ASN C 559 14.28 -27.45 -11.19
CA ASN C 559 13.20 -28.44 -11.26
C ASN C 559 12.36 -28.39 -9.99
N LEU C 560 13.01 -28.29 -8.83
CA LEU C 560 12.27 -28.16 -7.58
C LEU C 560 11.44 -26.89 -7.56
N LEU C 561 11.99 -25.77 -8.02
CA LEU C 561 11.20 -24.55 -8.15
C LEU C 561 9.94 -24.78 -8.96
N LEU C 562 10.03 -25.59 -10.02
CA LEU C 562 8.88 -25.78 -10.90
C LEU C 562 7.65 -26.24 -10.13
N GLN C 563 7.83 -26.97 -9.03
CA GLN C 563 6.68 -27.47 -8.27
C GLN C 563 5.92 -26.36 -7.56
N TYR C 564 6.53 -25.18 -7.38
CA TYR C 564 5.90 -24.10 -6.63
C TYR C 564 4.99 -23.23 -7.49
N GLY C 565 4.78 -23.59 -8.75
CA GLY C 565 3.85 -22.87 -9.59
C GLY C 565 4.51 -21.78 -10.41
N SER C 566 3.86 -20.62 -10.51
CA SER C 566 4.32 -19.51 -11.32
C SER C 566 4.62 -18.28 -10.46
N PHE C 567 5.23 -18.49 -9.31
CA PHE C 567 5.62 -17.36 -8.46
C PHE C 567 6.61 -16.46 -9.18
N CYS C 568 7.55 -17.05 -9.92
CA CYS C 568 8.56 -16.25 -10.60
C CYS C 568 7.93 -15.29 -11.60
N THR C 569 6.98 -15.78 -12.40
CA THR C 569 6.33 -14.91 -13.38
C THR C 569 5.59 -13.78 -12.69
N GLN C 570 4.92 -14.09 -11.58
CA GLN C 570 4.18 -13.06 -10.85
C GLN C 570 5.13 -11.97 -10.33
N LEU C 571 6.25 -12.38 -9.74
CA LEU C 571 7.19 -11.40 -9.21
C LEU C 571 7.79 -10.54 -10.32
N ASN C 572 8.14 -11.18 -11.44
CA ASN C 572 8.67 -10.42 -12.57
C ASN C 572 7.64 -9.42 -13.10
N ARG C 573 6.38 -9.86 -13.20
CA ARG C 573 5.33 -8.94 -13.64
C ARG C 573 5.22 -7.75 -12.70
N ALA C 574 5.25 -8.00 -11.39
CA ALA C 574 5.12 -6.89 -10.44
C ALA C 574 6.27 -5.90 -10.61
N LEU C 575 7.50 -6.40 -10.70
CA LEU C 575 8.64 -5.50 -10.81
C LEU C 575 8.62 -4.73 -12.12
N THR C 576 8.25 -5.39 -13.22
CA THR C 576 8.16 -4.71 -14.49
C THR C 576 7.10 -3.60 -14.46
N GLY C 577 5.95 -3.89 -13.84
CA GLY C 577 4.94 -2.86 -13.67
C GLY C 577 5.45 -1.69 -12.88
N ILE C 578 6.22 -1.96 -11.81
CA ILE C 578 6.78 -0.88 -11.01
C ILE C 578 7.69 0.00 -11.87
N ALA C 579 8.56 -0.63 -12.67
CA ALA C 579 9.48 0.15 -13.48
C ALA C 579 8.74 1.01 -14.51
N VAL C 580 7.76 0.42 -15.19
CA VAL C 580 6.97 1.19 -16.16
C VAL C 580 6.28 2.35 -15.47
N GLU C 581 5.79 2.12 -14.25
CA GLU C 581 5.16 3.20 -13.50
C GLU C 581 6.14 4.31 -13.16
N GLN C 582 7.39 3.96 -12.87
CA GLN C 582 8.39 5.00 -12.60
C GLN C 582 8.61 5.87 -13.84
N ASP C 583 8.74 5.22 -15.00
CA ASP C 583 8.89 6.00 -16.23
C ASP C 583 7.67 6.91 -16.43
N LYS C 584 6.48 6.37 -16.18
CA LYS C 584 5.26 7.17 -16.30
C LYS C 584 5.27 8.35 -15.34
N ASN C 585 5.75 8.14 -14.12
CA ASN C 585 5.80 9.22 -13.14
C ASN C 585 6.68 10.35 -13.63
N THR C 586 7.88 10.03 -14.12
CA THR C 586 8.76 11.07 -14.63
C THR C 586 8.11 11.80 -15.80
N GLN C 587 7.51 11.03 -16.72
CA GLN C 587 6.85 11.66 -17.86
C GLN C 587 5.76 12.62 -17.41
N GLU C 588 4.94 12.22 -16.45
CA GLU C 588 3.87 13.09 -15.97
C GLU C 588 4.43 14.35 -15.34
N VAL C 589 5.46 14.22 -14.52
CA VAL C 589 5.94 15.39 -13.78
C VAL C 589 6.56 16.39 -14.74
N PHE C 590 7.43 15.93 -15.65
CA PHE C 590 8.24 16.89 -16.40
C PHE C 590 7.68 17.21 -17.78
N ALA C 591 7.13 16.23 -18.49
CA ALA C 591 6.66 16.44 -19.85
C ALA C 591 5.26 17.06 -19.83
N GLN C 592 5.21 18.32 -19.41
CA GLN C 592 3.97 19.09 -19.38
C GLN C 592 4.02 20.28 -20.32
N VAL C 593 5.00 20.30 -21.21
CA VAL C 593 5.19 21.40 -22.15
C VAL C 593 5.18 20.85 -23.57
N LYS C 594 4.43 21.52 -24.44
CA LYS C 594 4.27 21.02 -25.81
C LYS C 594 5.54 21.24 -26.63
N GLN C 595 6.25 22.33 -26.40
CA GLN C 595 7.42 22.69 -27.21
C GLN C 595 8.59 23.00 -26.29
N ILE C 596 9.79 22.99 -26.88
CA ILE C 596 11.00 23.32 -26.15
C ILE C 596 11.29 24.80 -26.35
N TYR C 597 10.95 25.61 -25.36
CA TYR C 597 11.17 27.05 -25.42
C TYR C 597 12.60 27.38 -25.01
N LYS C 598 13.12 28.47 -25.58
CA LYS C 598 14.47 28.92 -25.29
C LYS C 598 14.47 30.42 -25.02
N THR C 599 15.28 30.83 -24.05
CA THR C 599 15.37 32.23 -23.67
C THR C 599 16.14 33.01 -24.73
N PRO C 600 15.87 34.32 -24.83
CA PRO C 600 16.58 35.12 -25.82
C PRO C 600 18.05 35.27 -25.45
N PRO C 601 18.92 35.52 -26.42
CA PRO C 601 20.34 35.72 -26.09
C PRO C 601 20.59 36.93 -25.20
N ILE C 602 19.70 37.91 -25.21
CA ILE C 602 19.86 39.12 -24.41
C ILE C 602 19.10 38.91 -23.11
N LYS C 603 19.82 38.99 -21.98
CA LYS C 603 19.22 38.79 -20.66
C LYS C 603 18.88 40.15 -20.05
N ASP C 604 17.86 40.77 -20.63
CA ASP C 604 17.35 42.06 -20.17
C ASP C 604 15.92 41.85 -19.69
N PHE C 605 15.77 41.55 -18.40
CA PHE C 605 14.46 41.30 -17.78
C PHE C 605 14.11 42.37 -16.76
N GLY C 606 14.52 43.61 -17.00
CA GLY C 606 14.16 44.69 -16.09
C GLY C 606 14.86 44.66 -14.76
N GLY C 607 16.04 44.06 -14.69
CA GLY C 607 16.82 44.00 -13.47
C GLY C 607 16.76 42.69 -12.74
N PHE C 608 15.97 41.73 -13.22
CA PHE C 608 15.88 40.41 -12.60
C PHE C 608 16.98 39.53 -13.19
N ASN C 609 17.74 38.89 -12.32
CA ASN C 609 18.86 38.05 -12.73
C ASN C 609 18.50 36.59 -12.47
N PHE C 610 18.38 35.82 -13.55
CA PHE C 610 18.02 34.41 -13.47
C PHE C 610 19.23 33.50 -13.65
N SER C 611 20.45 34.04 -13.58
CA SER C 611 21.64 33.25 -13.86
C SER C 611 21.73 32.02 -12.97
N GLN C 612 21.27 32.10 -11.73
CA GLN C 612 21.37 30.98 -10.79
C GLN C 612 20.39 29.85 -11.11
N ILE C 613 19.40 30.09 -11.96
CA ILE C 613 18.43 29.05 -12.29
C ILE C 613 18.48 28.65 -13.76
N LEU C 614 18.95 29.50 -14.66
CA LEU C 614 18.99 29.12 -16.06
C LEU C 614 20.20 28.22 -16.34
N PRO C 615 20.15 27.43 -17.40
CA PRO C 615 21.29 26.56 -17.70
C PRO C 615 22.56 27.36 -17.93
N ASP C 616 23.69 26.80 -17.51
CA ASP C 616 24.98 27.42 -17.76
C ASP C 616 25.48 26.96 -19.14
N PRO C 617 25.57 27.86 -20.12
CA PRO C 617 25.93 27.42 -21.47
C PRO C 617 27.30 26.79 -21.58
N SER C 618 28.25 27.17 -20.73
CA SER C 618 29.61 26.66 -20.82
C SER C 618 29.72 25.20 -20.37
N LYS C 619 28.90 24.78 -19.42
CA LYS C 619 28.99 23.42 -18.91
C LYS C 619 28.62 22.42 -19.99
N PRO C 620 29.36 21.32 -20.15
CA PRO C 620 28.97 20.33 -21.18
C PRO C 620 27.55 19.82 -21.01
N SER C 621 27.13 19.56 -19.77
CA SER C 621 25.75 19.21 -19.45
C SER C 621 25.08 20.48 -18.94
N LYS C 622 24.08 20.95 -19.67
CA LYS C 622 23.53 22.27 -19.40
C LYS C 622 22.68 22.25 -18.14
N ARG C 623 23.33 22.19 -16.98
CA ARG C 623 22.68 22.30 -15.69
C ARG C 623 22.88 23.68 -15.12
N SER C 624 21.88 24.17 -14.39
CA SER C 624 22.01 25.42 -13.68
C SER C 624 22.87 25.23 -12.44
N PRO C 625 23.45 26.30 -11.91
CA PRO C 625 24.27 26.16 -10.69
C PRO C 625 23.54 25.49 -9.55
N ILE C 626 22.26 25.83 -9.36
CA ILE C 626 21.47 25.18 -8.31
C ILE C 626 21.32 23.70 -8.61
N GLU C 627 21.09 23.35 -9.88
CA GLU C 627 21.02 21.95 -10.24
C GLU C 627 22.35 21.25 -9.99
N ASP C 628 23.46 21.93 -10.24
CA ASP C 628 24.77 21.35 -9.94
C ASP C 628 24.90 21.08 -8.46
N LEU C 629 24.51 22.03 -7.61
CA LEU C 629 24.55 21.79 -6.18
C LEU C 629 23.68 20.60 -5.80
N LEU C 630 22.48 20.52 -6.37
CA LEU C 630 21.57 19.42 -6.03
C LEU C 630 22.16 18.07 -6.42
N PHE C 631 22.77 17.99 -7.61
CA PHE C 631 23.30 16.71 -8.07
C PHE C 631 24.58 16.33 -7.35
N ASN C 632 25.40 17.31 -6.93
CA ASN C 632 26.59 16.98 -6.17
C ASN C 632 26.25 16.34 -4.83
N LYS C 633 25.22 16.85 -4.15
CA LYS C 633 24.80 16.30 -2.87
C LYS C 633 24.33 14.86 -3.05
N LYS C 662 24.46 -8.38 -5.14
CA LYS C 662 24.88 -7.40 -6.12
C LYS C 662 24.70 -7.96 -7.54
N PHE C 663 25.17 -9.18 -7.75
CA PHE C 663 25.04 -9.88 -9.02
C PHE C 663 24.45 -11.27 -8.81
N ASN C 664 23.40 -11.35 -8.00
CA ASN C 664 22.71 -12.61 -7.71
C ASN C 664 21.38 -12.67 -8.46
N GLY C 665 21.37 -12.16 -9.69
CA GLY C 665 20.15 -12.00 -10.44
C GLY C 665 19.51 -10.64 -10.33
N LEU C 666 20.16 -9.70 -9.65
CA LEU C 666 19.66 -8.35 -9.48
C LEU C 666 20.25 -7.44 -10.54
N THR C 667 19.40 -6.63 -11.17
CA THR C 667 19.85 -5.70 -12.19
C THR C 667 19.06 -4.41 -12.06
N VAL C 668 19.65 -3.32 -12.57
CA VAL C 668 19.04 -2.00 -12.54
C VAL C 668 18.87 -1.54 -13.98
N LEU C 669 17.63 -1.23 -14.35
CA LEU C 669 17.31 -0.77 -15.69
C LEU C 669 17.48 0.74 -15.79
N PRO C 670 18.06 1.27 -16.86
CA PRO C 670 18.22 2.72 -16.96
C PRO C 670 16.88 3.39 -17.19
N PRO C 671 16.65 4.57 -16.63
CA PRO C 671 15.40 5.28 -16.88
C PRO C 671 15.30 5.73 -18.32
N LEU C 672 14.06 5.82 -18.81
CA LEU C 672 13.83 6.18 -20.20
C LEU C 672 14.41 7.55 -20.51
N LEU C 673 14.15 8.53 -19.65
CA LEU C 673 14.65 9.88 -19.84
C LEU C 673 15.96 10.07 -19.09
N THR C 674 17.02 10.36 -19.84
CA THR C 674 18.31 10.67 -19.23
C THR C 674 18.21 11.98 -18.48
N ASP C 675 19.16 12.19 -17.56
CA ASP C 675 19.18 13.44 -16.82
C ASP C 675 19.27 14.63 -17.75
N GLU C 676 19.93 14.49 -18.89
CA GLU C 676 20.02 15.58 -19.85
C GLU C 676 18.65 15.94 -20.40
N MET C 677 17.82 14.94 -20.69
CA MET C 677 16.48 15.24 -21.20
C MET C 677 15.63 15.94 -20.15
N ILE C 678 15.74 15.52 -18.89
CA ILE C 678 15.01 16.20 -17.82
C ILE C 678 15.49 17.63 -17.69
N ALA C 679 16.80 17.85 -17.83
CA ALA C 679 17.32 19.21 -17.80
C ALA C 679 16.75 20.03 -18.95
N GLN C 680 16.63 19.41 -20.13
CA GLN C 680 16.04 20.11 -21.27
C GLN C 680 14.60 20.50 -20.98
N TYR C 681 13.81 19.59 -20.40
CA TYR C 681 12.44 19.91 -20.05
C TYR C 681 12.38 21.05 -19.05
N THR C 682 13.22 21.00 -18.03
CA THR C 682 13.24 22.06 -17.03
C THR C 682 13.60 23.40 -17.65
N SER C 683 14.59 23.39 -18.56
CA SER C 683 14.97 24.62 -19.24
C SER C 683 13.81 25.15 -20.08
N ALA C 684 13.10 24.27 -20.77
CA ALA C 684 11.94 24.70 -21.54
C ALA C 684 10.90 25.36 -20.65
N LEU C 685 10.62 24.74 -19.49
CA LEU C 685 9.65 25.32 -18.57
C LEU C 685 10.10 26.69 -18.07
N LEU C 686 11.38 26.81 -17.70
CA LEU C 686 11.88 28.09 -17.22
C LEU C 686 11.80 29.17 -18.30
N ALA C 687 12.19 28.83 -19.52
CA ALA C 687 12.12 29.80 -20.61
C ALA C 687 10.68 30.22 -20.86
N GLY C 688 9.76 29.26 -20.87
CA GLY C 688 8.36 29.60 -21.06
C GLY C 688 7.84 30.53 -19.98
N THR C 689 8.16 30.21 -18.73
CA THR C 689 7.68 31.05 -17.62
C THR C 689 8.26 32.45 -17.71
N ILE C 690 9.56 32.56 -18.04
CA ILE C 690 10.20 33.86 -18.04
C ILE C 690 9.70 34.72 -19.20
N THR C 691 9.54 34.13 -20.39
CA THR C 691 9.25 34.90 -21.57
C THR C 691 7.76 35.06 -21.85
N SER C 692 6.90 34.23 -21.28
CA SER C 692 5.48 34.29 -21.60
C SER C 692 4.57 34.11 -20.40
N GLY C 693 5.07 34.24 -19.18
CA GLY C 693 4.21 34.11 -18.01
C GLY C 693 3.53 32.74 -18.01
N TRP C 694 2.23 32.74 -17.73
CA TRP C 694 1.47 31.50 -17.68
C TRP C 694 0.71 31.21 -18.97
N THR C 695 0.87 32.04 -20.00
CA THR C 695 0.12 31.83 -21.22
C THR C 695 0.48 30.52 -21.90
N PHE C 696 1.76 30.15 -21.90
CA PHE C 696 2.18 28.94 -22.59
C PHE C 696 1.60 27.69 -21.95
N GLY C 697 1.09 27.78 -20.73
CA GLY C 697 0.43 26.65 -20.09
C GLY C 697 -1.01 26.45 -20.47
N ALA C 698 -1.61 27.42 -21.17
CA ALA C 698 -3.00 27.33 -21.60
C ALA C 698 -3.11 27.06 -23.10
N GLY C 699 -2.48 27.91 -23.91
CA GLY C 699 -2.49 27.73 -25.35
C GLY C 699 -1.17 28.14 -25.98
N PRO C 700 -1.24 28.92 -27.05
CA PRO C 700 -0.03 29.43 -27.68
C PRO C 700 0.71 30.35 -26.72
N ALA C 701 2.03 30.17 -26.64
CA ALA C 701 2.83 31.00 -25.76
C ALA C 701 2.86 32.44 -26.27
N LEU C 702 2.53 33.38 -25.39
CA LEU C 702 2.45 34.79 -25.74
C LEU C 702 3.51 35.54 -24.97
N GLN C 703 4.39 36.24 -25.69
CA GLN C 703 5.46 36.98 -25.04
C GLN C 703 4.90 38.17 -24.29
N ILE C 704 5.62 38.58 -23.25
CA ILE C 704 5.24 39.73 -22.44
C ILE C 704 6.46 40.21 -21.66
N PRO C 705 6.70 41.52 -21.54
CA PRO C 705 7.83 41.97 -20.73
C PRO C 705 7.73 41.45 -19.32
N PHE C 706 8.86 41.05 -18.74
CA PHE C 706 8.83 40.40 -17.44
C PHE C 706 8.30 41.35 -16.38
N PRO C 707 8.60 42.65 -16.50
CA PRO C 707 8.07 43.61 -15.54
C PRO C 707 6.55 43.62 -15.55
N MET C 708 5.95 43.60 -16.74
CA MET C 708 4.50 43.56 -16.83
C MET C 708 3.95 42.25 -16.30
N GLN C 709 4.67 41.15 -16.54
CA GLN C 709 4.25 39.87 -15.97
C GLN C 709 4.21 39.94 -14.46
N MET C 710 5.25 40.48 -13.85
CA MET C 710 5.28 40.62 -12.40
C MET C 710 4.19 41.57 -11.91
N ALA C 711 3.87 42.58 -12.71
CA ALA C 711 2.75 43.46 -12.37
C ALA C 711 1.45 42.67 -12.31
N TYR C 712 1.23 41.77 -13.28
CA TYR C 712 0.05 40.93 -13.23
C TYR C 712 0.08 40.03 -12.01
N ARG C 713 1.24 39.46 -11.70
CA ARG C 713 1.37 38.64 -10.50
C ARG C 713 0.94 39.41 -9.27
N PHE C 714 1.39 40.66 -9.16
CA PHE C 714 1.00 41.50 -8.02
C PHE C 714 -0.51 41.72 -8.01
N ASN C 715 -1.09 42.02 -9.17
CA ASN C 715 -2.55 42.17 -9.22
C ASN C 715 -3.24 40.91 -8.74
N GLY C 716 -2.65 39.75 -9.00
CA GLY C 716 -3.26 38.50 -8.59
C GLY C 716 -3.42 38.39 -7.08
N ILE C 717 -2.45 38.91 -6.33
CA ILE C 717 -2.45 38.78 -4.89
C ILE C 717 -3.13 40.00 -4.25
N GLY C 718 -3.76 40.83 -5.08
CA GLY C 718 -4.53 41.95 -4.57
C GLY C 718 -3.74 43.20 -4.30
N VAL C 719 -2.56 43.36 -4.90
CA VAL C 719 -1.75 44.56 -4.75
C VAL C 719 -1.80 45.31 -6.07
N THR C 720 -2.13 46.59 -6.01
CA THR C 720 -2.23 47.40 -7.21
C THR C 720 -0.90 47.40 -7.95
N GLN C 721 -0.96 47.29 -9.27
CA GLN C 721 0.25 47.10 -10.06
C GLN C 721 1.19 48.30 -10.00
N ASN C 722 0.67 49.49 -9.71
CA ASN C 722 1.55 50.66 -9.60
C ASN C 722 2.63 50.44 -8.55
N VAL C 723 2.35 49.63 -7.54
CA VAL C 723 3.36 49.36 -6.51
C VAL C 723 4.61 48.77 -7.14
N LEU C 724 4.44 47.77 -8.01
CA LEU C 724 5.60 47.15 -8.64
C LEU C 724 6.32 48.12 -9.54
N TYR C 725 5.59 48.91 -10.32
CA TYR C 725 6.26 49.84 -11.23
C TYR C 725 7.01 50.92 -10.47
N GLU C 726 6.56 51.25 -9.27
CA GLU C 726 7.24 52.24 -8.46
C GLU C 726 8.35 51.65 -7.59
N ASN C 727 8.36 50.34 -7.37
CA ASN C 727 9.40 49.70 -6.57
C ASN C 727 10.11 48.60 -7.35
N GLN C 728 10.19 48.75 -8.68
CA GLN C 728 10.78 47.72 -9.52
C GLN C 728 12.22 47.40 -9.12
N LYS C 729 13.04 48.42 -8.92
CA LYS C 729 14.44 48.17 -8.62
C LYS C 729 14.58 47.44 -7.28
N LEU C 730 13.82 47.88 -6.28
CA LEU C 730 13.90 47.23 -4.97
C LEU C 730 13.42 45.78 -5.07
N ILE C 731 12.35 45.54 -5.82
CA ILE C 731 11.84 44.18 -5.96
C ILE C 731 12.87 43.30 -6.66
N ALA C 732 13.50 43.82 -7.71
CA ALA C 732 14.52 43.05 -8.40
C ALA C 732 15.69 42.72 -7.48
N ASN C 733 16.12 43.70 -6.68
CA ASN C 733 17.22 43.45 -5.76
C ASN C 733 16.84 42.38 -4.74
N GLN C 734 15.63 42.45 -4.19
CA GLN C 734 15.19 41.45 -3.23
C GLN C 734 15.13 40.07 -3.87
N PHE C 735 14.61 39.98 -5.10
CA PHE C 735 14.53 38.70 -5.78
C PHE C 735 15.92 38.10 -5.99
N ASN C 736 16.86 38.92 -6.46
CA ASN C 736 18.22 38.44 -6.69
C ASN C 736 18.86 37.98 -5.39
N SER C 737 18.68 38.75 -4.31
CA SER C 737 19.25 38.37 -3.03
C SER C 737 18.67 37.06 -2.53
N ALA C 738 17.35 36.88 -2.70
CA ALA C 738 16.74 35.63 -2.27
C ALA C 738 17.27 34.44 -3.05
N ILE C 739 17.45 34.60 -4.37
CA ILE C 739 18.00 33.51 -5.16
C ILE C 739 19.41 33.18 -4.70
N GLY C 740 20.23 34.21 -4.46
CA GLY C 740 21.57 33.96 -3.95
C GLY C 740 21.56 33.25 -2.62
N LYS C 741 20.61 33.62 -1.75
CA LYS C 741 20.49 32.95 -0.46
C LYS C 741 20.12 31.49 -0.64
N ILE C 742 19.25 31.19 -1.60
CA ILE C 742 18.92 29.80 -1.90
C ILE C 742 20.19 29.05 -2.32
N GLN C 743 20.98 29.65 -3.20
CA GLN C 743 22.23 29.05 -3.62
C GLN C 743 23.11 28.72 -2.42
N ASP C 744 23.32 29.70 -1.55
CA ASP C 744 24.20 29.51 -0.40
C ASP C 744 23.65 28.45 0.55
N SER C 745 22.33 28.48 0.80
CA SER C 745 21.73 27.53 1.72
C SER C 745 21.90 26.10 1.20
N LEU C 746 21.67 25.90 -0.10
CA LEU C 746 21.87 24.56 -0.66
C LEU C 746 23.34 24.16 -0.60
N SER C 747 24.25 25.11 -0.84
CA SER C 747 25.67 24.80 -0.75
C SER C 747 26.05 24.33 0.64
N SER C 748 25.61 25.06 1.67
CA SER C 748 25.96 24.72 3.04
C SER C 748 25.20 23.48 3.51
N THR C 749 23.90 23.44 3.26
CA THR C 749 23.05 22.36 3.76
C THR C 749 22.46 21.57 2.60
N SER C 751 21.73 18.48 4.70
CA SER C 751 20.52 17.73 4.96
C SER C 751 19.31 18.37 4.27
N ALA C 752 19.58 19.23 3.28
CA ALA C 752 18.50 19.89 2.57
C ALA C 752 17.62 18.88 1.85
N LEU C 753 18.23 17.91 1.18
CA LEU C 753 17.49 16.86 0.47
C LEU C 753 16.99 15.87 1.52
N GLY C 754 15.68 15.89 1.76
CA GLY C 754 15.09 15.09 2.82
C GLY C 754 14.45 13.81 2.31
N LYS C 755 13.13 13.84 2.19
CA LYS C 755 12.37 12.65 1.80
C LYS C 755 13.00 11.94 0.60
N LEU C 756 13.66 12.71 -0.28
CA LEU C 756 14.31 12.12 -1.45
C LEU C 756 15.43 11.17 -1.03
N GLN C 757 16.34 11.67 -0.20
CA GLN C 757 17.42 10.82 0.31
C GLN C 757 16.86 9.67 1.11
N ASP C 758 15.74 9.88 1.80
CA ASP C 758 15.11 8.79 2.53
C ASP C 758 14.65 7.69 1.59
N VAL C 759 14.06 8.07 0.45
CA VAL C 759 13.64 7.07 -0.53
C VAL C 759 14.85 6.29 -1.04
N VAL C 760 15.92 7.00 -1.37
CA VAL C 760 17.11 6.33 -1.89
C VAL C 760 17.65 5.35 -0.86
N ASN C 761 17.75 5.79 0.40
CA ASN C 761 18.27 4.94 1.46
C ASN C 761 17.37 3.72 1.68
N GLN C 762 16.05 3.91 1.64
CA GLN C 762 15.15 2.79 1.81
C GLN C 762 15.35 1.75 0.72
N ASN C 763 15.46 2.20 -0.53
CA ASN C 763 15.68 1.25 -1.62
C ASN C 763 17.00 0.51 -1.44
N ALA C 764 18.07 1.24 -1.09
CA ALA C 764 19.37 0.59 -0.90
C ALA C 764 19.30 -0.44 0.23
N GLN C 765 18.64 -0.09 1.33
CA GLN C 765 18.52 -1.02 2.45
C GLN C 765 17.71 -2.24 2.08
N ALA C 766 16.63 -2.07 1.31
CA ALA C 766 15.86 -3.22 0.88
C ALA C 766 16.70 -4.16 0.03
N LEU C 767 17.46 -3.61 -0.91
CA LEU C 767 18.33 -4.48 -1.71
C LEU C 767 19.37 -5.17 -0.86
N ASN C 768 19.96 -4.44 0.10
CA ASN C 768 20.97 -5.05 0.97
C ASN C 768 20.38 -6.20 1.78
N THR C 769 19.18 -6.01 2.33
CA THR C 769 18.54 -7.07 3.08
C THR C 769 18.25 -8.27 2.19
N LEU C 770 17.77 -8.02 0.97
CA LEU C 770 17.49 -9.12 0.06
C LEU C 770 18.76 -9.92 -0.23
N VAL C 771 19.87 -9.22 -0.47
CA VAL C 771 21.12 -9.91 -0.76
C VAL C 771 21.60 -10.70 0.47
N LYS C 772 21.52 -10.08 1.65
CA LYS C 772 22.02 -10.73 2.85
C LYS C 772 21.20 -11.97 3.19
N GLN C 773 19.91 -11.99 2.84
CA GLN C 773 19.09 -13.16 3.14
C GLN C 773 19.60 -14.42 2.45
N LEU C 774 20.42 -14.28 1.42
CA LEU C 774 20.96 -15.46 0.74
C LEU C 774 21.88 -16.26 1.65
N SER C 775 22.62 -15.58 2.53
CA SER C 775 23.59 -16.26 3.38
C SER C 775 22.95 -17.04 4.52
N SER C 776 21.67 -16.82 4.80
CA SER C 776 21.02 -17.53 5.88
C SER C 776 20.72 -18.98 5.47
N ASN C 777 20.35 -19.79 6.46
CA ASN C 777 20.11 -21.21 6.25
C ASN C 777 18.63 -21.58 6.28
N PHE C 778 17.81 -20.85 7.03
CA PHE C 778 16.39 -21.17 7.18
C PHE C 778 16.21 -22.57 7.77
N GLY C 779 17.17 -23.02 8.57
CA GLY C 779 17.15 -24.34 9.16
C GLY C 779 17.91 -25.39 8.38
N ALA C 780 18.29 -25.10 7.14
CA ALA C 780 19.02 -26.07 6.34
C ALA C 780 20.44 -26.24 6.87
N ILE C 781 21.06 -27.35 6.51
CA ILE C 781 22.39 -27.65 7.00
C ILE C 781 23.43 -26.64 6.51
N SER C 782 23.22 -26.04 5.35
CA SER C 782 24.17 -25.09 4.81
C SER C 782 23.44 -24.09 3.93
N SER C 783 24.05 -22.92 3.74
CA SER C 783 23.49 -21.89 2.88
C SER C 783 24.01 -21.97 1.45
N VAL C 784 24.91 -22.89 1.15
CA VAL C 784 25.49 -23.04 -0.18
C VAL C 784 24.81 -24.22 -0.86
N LEU C 785 24.25 -23.97 -2.04
CA LEU C 785 23.47 -24.99 -2.72
C LEU C 785 24.33 -26.17 -3.16
N ASN C 786 25.50 -25.86 -3.75
CA ASN C 786 26.39 -26.92 -4.22
C ASN C 786 26.91 -27.76 -3.06
N ASP C 787 27.13 -27.15 -1.90
CA ASP C 787 27.52 -27.91 -0.73
C ASP C 787 26.51 -29.01 -0.44
N ILE C 788 25.23 -28.65 -0.35
CA ILE C 788 24.19 -29.62 -0.08
C ILE C 788 24.14 -30.66 -1.20
N LEU C 789 24.25 -30.22 -2.45
CA LEU C 789 24.19 -31.15 -3.57
C LEU C 789 25.30 -32.19 -3.48
N SER C 790 26.51 -31.76 -3.09
CA SER C 790 27.68 -32.63 -3.13
C SER C 790 27.91 -33.39 -1.83
N ARG C 791 27.17 -33.10 -0.76
CA ARG C 791 27.35 -33.82 0.49
C ARG C 791 26.21 -34.78 0.83
N LEU C 792 25.04 -34.63 0.23
CA LEU C 792 23.89 -35.47 0.56
C LEU C 792 23.37 -36.18 -0.69
N ASP C 793 22.70 -37.31 -0.45
CA ASP C 793 22.04 -38.02 -1.53
C ASP C 793 20.76 -37.28 -1.94
N PRO C 794 20.23 -37.56 -3.12
CA PRO C 794 19.06 -36.81 -3.61
C PRO C 794 17.91 -36.83 -2.62
N PRO C 795 17.64 -37.96 -1.96
CA PRO C 795 16.50 -37.99 -1.02
C PRO C 795 16.58 -36.95 0.09
N GLU C 796 17.78 -36.66 0.59
CA GLU C 796 18.00 -35.67 1.64
C GLU C 796 18.34 -34.31 1.06
N ALA C 797 19.13 -34.30 -0.02
CA ALA C 797 19.46 -33.05 -0.69
C ALA C 797 18.19 -32.32 -1.11
N GLU C 798 17.20 -33.06 -1.61
CA GLU C 798 15.97 -32.40 -2.07
C GLU C 798 15.22 -31.75 -0.92
N VAL C 799 15.19 -32.39 0.24
CA VAL C 799 14.54 -31.76 1.40
C VAL C 799 15.27 -30.48 1.78
N GLN C 800 16.60 -30.53 1.84
CA GLN C 800 17.35 -29.32 2.20
C GLN C 800 17.15 -28.22 1.16
N ILE C 801 17.16 -28.58 -0.12
CA ILE C 801 16.97 -27.60 -1.18
C ILE C 801 15.57 -27.02 -1.10
N ASP C 802 14.58 -27.83 -0.74
CA ASP C 802 13.22 -27.32 -0.59
C ASP C 802 13.16 -26.30 0.53
N ARG C 803 13.83 -26.58 1.65
CA ARG C 803 13.88 -25.61 2.74
C ARG C 803 14.49 -24.30 2.28
N LEU C 804 15.64 -24.37 1.60
CA LEU C 804 16.29 -23.14 1.12
C LEU C 804 15.41 -22.40 0.13
N ILE C 805 14.76 -23.14 -0.77
CA ILE C 805 13.89 -22.52 -1.77
C ILE C 805 12.74 -21.79 -1.10
N THR C 806 12.12 -22.43 -0.11
CA THR C 806 11.03 -21.78 0.62
C THR C 806 11.51 -20.48 1.24
N GLY C 807 12.66 -20.52 1.92
CA GLY C 807 13.16 -19.32 2.56
C GLY C 807 13.42 -18.20 1.56
N ARG C 808 14.13 -18.52 0.47
CA ARG C 808 14.51 -17.48 -0.49
C ARG C 808 13.30 -16.95 -1.23
N LEU C 809 12.33 -17.81 -1.55
CA LEU C 809 11.11 -17.36 -2.20
C LEU C 809 10.32 -16.43 -1.29
N GLN C 810 10.26 -16.75 0.00
CA GLN C 810 9.60 -15.86 0.95
C GLN C 810 10.30 -14.51 0.99
N SER C 811 11.64 -14.53 0.97
CA SER C 811 12.38 -13.26 0.96
C SER C 811 12.03 -12.44 -0.27
N LEU C 812 11.98 -13.07 -1.44
CA LEU C 812 11.62 -12.36 -2.66
C LEU C 812 10.22 -11.78 -2.57
N GLN C 813 9.27 -12.57 -2.04
CA GLN C 813 7.90 -12.09 -1.95
C GLN C 813 7.81 -10.88 -1.03
N THR C 814 8.51 -10.92 0.11
CA THR C 814 8.52 -9.77 1.01
C THR C 814 9.10 -8.55 0.30
N TYR C 815 10.21 -8.74 -0.42
CA TYR C 815 10.83 -7.63 -1.12
C TYR C 815 9.87 -7.02 -2.13
N VAL C 816 9.18 -7.86 -2.90
CA VAL C 816 8.29 -7.36 -3.94
C VAL C 816 7.11 -6.63 -3.34
N THR C 817 6.55 -7.15 -2.24
CA THR C 817 5.43 -6.47 -1.61
C THR C 817 5.85 -5.10 -1.07
N GLN C 818 7.00 -5.02 -0.42
CA GLN C 818 7.47 -3.74 0.07
C GLN C 818 7.75 -2.78 -1.06
N GLN C 819 8.29 -3.30 -2.18
CA GLN C 819 8.50 -2.45 -3.35
C GLN C 819 7.19 -1.94 -3.91
N LEU C 820 6.14 -2.77 -3.91
CA LEU C 820 4.84 -2.28 -4.37
C LEU C 820 4.32 -1.16 -3.48
N ILE C 821 4.47 -1.31 -2.17
CA ILE C 821 4.00 -0.26 -1.27
C ILE C 821 4.77 1.03 -1.51
N ARG C 822 6.10 0.94 -1.63
CA ARG C 822 6.89 2.12 -1.90
C ARG C 822 6.53 2.73 -3.25
N ALA C 823 6.24 1.89 -4.24
CA ALA C 823 5.86 2.41 -5.55
C ALA C 823 4.56 3.18 -5.48
N ALA C 824 3.59 2.69 -4.71
CA ALA C 824 2.35 3.44 -4.54
C ALA C 824 2.62 4.78 -3.85
N GLU C 825 3.46 4.78 -2.83
CA GLU C 825 3.78 6.02 -2.14
C GLU C 825 4.42 7.02 -3.09
N ILE C 826 5.37 6.56 -3.90
CA ILE C 826 6.08 7.47 -4.80
C ILE C 826 5.19 7.88 -5.96
N ARG C 827 4.22 7.04 -6.33
CA ARG C 827 3.22 7.46 -7.30
C ARG C 827 2.40 8.62 -6.76
N ALA C 828 1.99 8.54 -5.49
CA ALA C 828 1.29 9.66 -4.88
C ALA C 828 2.17 10.90 -4.86
N SER C 829 3.44 10.74 -4.51
CA SER C 829 4.35 11.88 -4.48
C SER C 829 4.51 12.51 -5.86
N ALA C 830 4.62 11.67 -6.90
CA ALA C 830 4.77 12.19 -8.25
C ALA C 830 3.49 12.88 -8.72
N ASN C 831 2.34 12.37 -8.32
CA ASN C 831 1.09 13.07 -8.62
C ASN C 831 1.07 14.45 -7.98
N LEU C 832 1.51 14.54 -6.72
CA LEU C 832 1.59 15.84 -6.07
C LEU C 832 2.55 16.75 -6.80
N ALA C 833 3.71 16.22 -7.21
CA ALA C 833 4.69 17.04 -7.92
C ALA C 833 4.12 17.54 -9.23
N ALA C 834 3.41 16.69 -9.97
CA ALA C 834 2.80 17.12 -11.22
C ALA C 834 1.75 18.20 -10.98
N THR C 835 0.94 18.03 -9.93
CA THR C 835 -0.04 19.06 -9.61
C THR C 835 0.62 20.37 -9.29
N LYS C 836 1.72 20.34 -8.53
CA LYS C 836 2.44 21.58 -8.22
C LYS C 836 3.06 22.19 -9.48
N MET C 837 3.58 21.36 -10.38
CA MET C 837 4.13 21.89 -11.62
C MET C 837 3.03 22.58 -12.43
N SER C 838 1.84 21.99 -12.46
CA SER C 838 0.76 22.56 -13.25
C SER C 838 0.22 23.84 -12.63
N GLU C 839 -0.03 23.83 -11.32
CA GLU C 839 -0.75 24.93 -10.68
C GLU C 839 0.16 26.01 -10.14
N CYS C 840 1.45 25.73 -9.98
CA CYS C 840 2.37 26.64 -9.34
C CYS C 840 3.37 27.22 -10.32
N VAL C 841 3.81 26.43 -11.30
CA VAL C 841 4.78 26.90 -12.29
C VAL C 841 4.08 27.44 -13.54
N LEU C 842 3.09 26.72 -14.05
CA LEU C 842 2.36 27.12 -15.23
C LEU C 842 1.24 28.11 -14.89
N GLY C 843 1.24 28.68 -13.71
CA GLY C 843 0.22 29.62 -13.33
C GLY C 843 0.46 30.17 -11.94
N GLN C 844 -0.48 30.98 -11.47
CA GLN C 844 -0.41 31.58 -10.14
C GLN C 844 -1.51 30.95 -9.30
N SER C 845 -1.14 30.43 -8.14
CA SER C 845 -2.06 29.67 -7.30
C SER C 845 -2.53 30.52 -6.13
N LYS C 846 -3.83 30.49 -5.87
CA LYS C 846 -4.42 31.15 -4.73
C LYS C 846 -4.67 30.20 -3.57
N ARG C 847 -4.19 28.96 -3.68
CA ARG C 847 -4.29 27.99 -2.59
C ARG C 847 -3.26 28.34 -1.53
N VAL C 848 -3.72 28.60 -0.30
CA VAL C 848 -2.83 29.09 0.74
C VAL C 848 -1.82 28.02 1.09
N ASP C 849 -0.55 28.43 1.19
CA ASP C 849 0.55 27.57 1.63
C ASP C 849 0.78 26.39 0.70
N PHE C 850 0.12 26.36 -0.46
CA PHE C 850 0.37 25.30 -1.43
C PHE C 850 1.69 25.53 -2.15
N CYS C 851 2.15 26.77 -2.19
CA CYS C 851 3.40 27.15 -2.87
C CYS C 851 4.29 27.97 -1.95
N GLY C 852 4.48 27.52 -0.73
CA GLY C 852 5.32 28.22 0.23
C GLY C 852 4.58 29.31 0.97
N LYS C 853 5.23 29.82 2.01
CA LYS C 853 4.63 30.85 2.85
C LYS C 853 4.55 32.16 2.09
N GLY C 854 3.50 32.93 2.41
CA GLY C 854 3.24 34.18 1.73
C GLY C 854 2.26 34.01 0.60
N TYR C 855 2.12 35.08 -0.18
CA TYR C 855 1.24 35.08 -1.33
C TYR C 855 2.04 34.67 -2.57
N HIS C 856 1.62 33.59 -3.21
CA HIS C 856 2.37 33.04 -4.32
C HIS C 856 2.46 34.03 -5.46
N LEU C 857 3.69 34.36 -5.86
CA LEU C 857 3.94 35.12 -7.07
C LEU C 857 4.28 34.24 -8.26
N MET C 858 5.20 33.30 -8.08
CA MET C 858 5.53 32.38 -9.17
C MET C 858 6.41 31.27 -8.62
N SER C 859 6.81 30.36 -9.51
CA SER C 859 7.64 29.24 -9.13
C SER C 859 8.57 28.87 -10.28
N PHE C 860 9.70 28.27 -9.92
CA PHE C 860 10.71 27.85 -10.88
C PHE C 860 11.07 26.39 -10.64
N PRO C 861 11.01 25.53 -11.65
CA PRO C 861 11.40 24.13 -11.43
C PRO C 861 12.89 23.90 -11.65
N GLN C 862 13.39 22.87 -10.96
CA GLN C 862 14.77 22.42 -11.08
C GLN C 862 14.78 20.90 -10.97
N SER C 863 15.61 20.26 -11.78
CA SER C 863 15.72 18.81 -11.70
C SER C 863 16.57 18.41 -10.50
N ALA C 864 16.45 17.16 -10.08
CA ALA C 864 17.29 16.62 -9.02
C ALA C 864 17.27 15.10 -9.15
N PRO C 865 18.26 14.42 -8.57
CA PRO C 865 18.30 12.96 -8.70
C PRO C 865 16.99 12.32 -8.29
N HIS C 866 16.27 11.76 -9.26
CA HIS C 866 15.00 11.08 -9.00
C HIS C 866 14.01 12.00 -8.30
N GLY C 867 14.04 13.29 -8.60
CA GLY C 867 13.13 14.21 -7.94
C GLY C 867 13.12 15.58 -8.57
N VAL C 868 12.25 16.43 -8.04
CA VAL C 868 12.07 17.78 -8.55
C VAL C 868 12.15 18.76 -7.40
N VAL C 869 12.65 19.95 -7.68
CA VAL C 869 12.76 21.02 -6.70
C VAL C 869 12.01 22.24 -7.23
N PHE C 870 11.18 22.83 -6.38
CA PHE C 870 10.44 24.03 -6.73
C PHE C 870 10.98 25.19 -5.92
N LEU C 871 11.35 26.27 -6.61
CA LEU C 871 11.70 27.53 -5.99
C LEU C 871 10.46 28.41 -6.06
N HIS C 872 9.78 28.58 -4.92
CA HIS C 872 8.56 29.37 -4.83
C HIS C 872 8.92 30.80 -4.46
N VAL C 873 8.58 31.73 -5.34
CA VAL C 873 8.76 33.15 -5.11
C VAL C 873 7.41 33.71 -4.65
N THR C 874 7.39 34.29 -3.44
CA THR C 874 6.17 34.73 -2.80
C THR C 874 6.37 36.13 -2.23
N TYR C 875 5.24 36.79 -1.97
CA TYR C 875 5.20 38.14 -1.45
C TYR C 875 4.77 38.08 0.01
N VAL C 876 5.55 38.70 0.90
CA VAL C 876 5.31 38.64 2.33
C VAL C 876 5.21 40.07 2.86
N PRO C 877 4.10 40.46 3.50
CA PRO C 877 4.05 41.78 4.13
C PRO C 877 5.13 41.90 5.21
N ALA C 878 5.71 43.09 5.32
CA ALA C 878 6.90 43.27 6.13
C ALA C 878 6.70 44.17 7.35
N GLN C 879 6.24 45.40 7.16
CA GLN C 879 6.26 46.42 8.20
C GLN C 879 4.85 46.93 8.43
N GLU C 880 4.13 46.31 9.37
CA GLU C 880 2.76 46.68 9.64
C GLU C 880 2.70 47.86 10.61
N LYS C 881 1.65 48.67 10.42
CA LYS C 881 1.40 49.84 11.25
C LYS C 881 -0.07 49.86 11.65
N ASN C 882 -0.34 50.43 12.83
CA ASN C 882 -1.69 50.49 13.35
C ASN C 882 -2.43 51.70 12.79
N PHE C 883 -3.73 51.54 12.56
CA PHE C 883 -4.60 52.63 12.15
C PHE C 883 -5.97 52.41 12.75
N THR C 884 -6.75 53.48 12.87
CA THR C 884 -8.14 53.35 13.28
C THR C 884 -8.99 53.08 12.05
N THR C 885 -9.98 52.21 12.19
CA THR C 885 -10.78 51.79 11.04
C THR C 885 -12.25 52.00 11.33
N ALA C 886 -13.06 51.92 10.29
CA ALA C 886 -14.51 52.09 10.39
C ALA C 886 -15.14 51.33 9.24
N PRO C 887 -16.28 50.67 9.47
CA PRO C 887 -16.90 49.89 8.39
C PRO C 887 -17.45 50.74 7.26
N ALA C 888 -17.93 51.95 7.54
CA ALA C 888 -18.53 52.79 6.52
C ALA C 888 -18.38 54.24 6.95
N ILE C 889 -18.81 55.14 6.07
CA ILE C 889 -18.71 56.58 6.31
C ILE C 889 -20.01 57.26 5.88
N CYS C 890 -20.42 58.27 6.65
CA CYS C 890 -21.58 59.06 6.33
C CYS C 890 -21.17 60.40 5.74
N HIS C 891 -21.84 60.80 4.67
CA HIS C 891 -21.57 62.09 4.05
C HIS C 891 -22.79 63.01 4.16
N ASP C 892 -23.94 62.54 3.67
CA ASP C 892 -25.19 63.30 3.71
C ASP C 892 -26.35 62.40 4.11
N GLY C 893 -26.15 61.56 5.12
CA GLY C 893 -27.15 60.59 5.53
C GLY C 893 -27.05 59.26 4.83
N LYS C 894 -26.20 59.14 3.82
CA LYS C 894 -26.01 57.90 3.09
C LYS C 894 -24.70 57.25 3.49
N ALA C 895 -24.71 55.92 3.59
CA ALA C 895 -23.54 55.16 3.99
C ALA C 895 -22.69 54.84 2.76
N HIS C 896 -21.39 55.05 2.89
CA HIS C 896 -20.44 54.79 1.81
C HIS C 896 -19.49 53.67 2.22
N PHE C 897 -19.34 52.69 1.32
CA PHE C 897 -18.45 51.57 1.55
C PHE C 897 -17.36 51.58 0.50
N PRO C 898 -16.14 51.15 0.85
CA PRO C 898 -15.06 51.18 -0.13
C PRO C 898 -15.26 50.15 -1.22
N ARG C 899 -15.04 50.56 -2.47
CA ARG C 899 -15.14 49.62 -3.57
C ARG C 899 -14.12 48.50 -3.42
N GLU C 900 -12.88 48.85 -3.06
CA GLU C 900 -11.85 47.84 -2.83
C GLU C 900 -10.82 48.47 -1.90
N GLY C 901 -10.79 48.00 -0.66
CA GLY C 901 -9.88 48.52 0.35
C GLY C 901 -10.58 48.76 1.66
N VAL C 902 -9.95 49.59 2.50
CA VAL C 902 -10.44 49.89 3.84
C VAL C 902 -10.35 51.38 4.08
N PHE C 903 -11.21 51.85 4.98
CA PHE C 903 -11.12 53.19 5.53
C PHE C 903 -10.18 53.18 6.72
N VAL C 904 -9.15 54.02 6.67
CA VAL C 904 -8.16 54.10 7.72
C VAL C 904 -8.03 55.54 8.19
N SER C 905 -7.57 55.69 9.42
CA SER C 905 -7.37 56.98 10.03
C SER C 905 -6.07 56.96 10.83
N ASN C 906 -5.25 57.98 10.58
CA ASN C 906 -4.04 58.24 11.35
C ASN C 906 -4.31 59.04 12.61
N GLY C 907 -5.56 59.41 12.85
CA GLY C 907 -5.96 60.15 14.04
C GLY C 907 -6.70 61.44 13.74
N THR C 908 -6.46 62.04 12.56
CA THR C 908 -7.05 63.33 12.25
C THR C 908 -7.81 63.29 10.93
N HIS C 909 -7.38 62.45 10.00
CA HIS C 909 -7.97 62.39 8.67
C HIS C 909 -8.29 60.94 8.32
N TRP C 910 -9.24 60.78 7.39
CA TRP C 910 -9.66 59.47 6.92
C TRP C 910 -9.29 59.30 5.45
N PHE C 911 -8.73 58.15 5.13
CA PHE C 911 -8.32 57.81 3.77
C PHE C 911 -8.81 56.41 3.45
N VAL C 912 -8.71 56.04 2.17
CA VAL C 912 -9.05 54.70 1.72
C VAL C 912 -7.80 54.07 1.12
N THR C 913 -7.46 52.88 1.59
CA THR C 913 -6.22 52.23 1.20
C THR C 913 -6.47 50.78 0.82
N GLN C 914 -5.67 50.27 -0.11
CA GLN C 914 -5.73 48.86 -0.43
C GLN C 914 -5.25 48.02 0.75
N ARG C 915 -5.85 46.84 0.91
CA ARG C 915 -5.68 46.08 2.13
C ARG C 915 -4.25 45.63 2.36
N ASN C 916 -3.56 45.19 1.30
CA ASN C 916 -2.26 44.54 1.44
C ASN C 916 -1.09 45.50 1.32
N PHE C 917 -1.33 46.79 1.20
CA PHE C 917 -0.24 47.75 1.09
C PHE C 917 -0.72 49.14 1.43
N TYR C 918 -0.12 49.76 2.45
CA TYR C 918 -0.54 51.08 2.89
C TYR C 918 -0.32 52.11 1.80
N GLU C 919 -1.39 52.66 1.24
CA GLU C 919 -1.32 53.64 0.17
C GLU C 919 -2.53 54.57 0.27
N PRO C 920 -2.48 55.55 1.16
CA PRO C 920 -3.65 56.42 1.38
C PRO C 920 -4.13 57.12 0.13
N GLN C 921 -5.44 57.26 0.01
CA GLN C 921 -6.06 58.03 -1.06
C GLN C 921 -7.29 58.74 -0.52
N ILE C 922 -7.59 59.90 -1.12
CA ILE C 922 -8.73 60.68 -0.67
C ILE C 922 -10.00 59.90 -0.92
N ILE C 923 -10.92 59.95 0.05
CA ILE C 923 -12.19 59.23 -0.05
C ILE C 923 -13.10 60.05 -0.96
N THR C 924 -13.42 59.49 -2.13
CA THR C 924 -14.25 60.17 -3.12
C THR C 924 -15.42 59.28 -3.50
N THR C 925 -16.31 59.82 -4.32
CA THR C 925 -17.43 59.04 -4.83
C THR C 925 -16.97 57.97 -5.81
N ASP C 926 -15.71 58.03 -6.27
CA ASP C 926 -15.17 56.99 -7.13
C ASP C 926 -14.60 55.83 -6.31
N ASN C 927 -13.87 56.12 -5.24
CA ASN C 927 -13.31 55.07 -4.40
C ASN C 927 -14.38 54.26 -3.68
N THR C 928 -15.57 54.81 -3.49
CA THR C 928 -16.60 54.20 -2.66
C THR C 928 -17.89 54.04 -3.46
N PHE C 929 -18.85 53.34 -2.85
CA PHE C 929 -20.18 53.20 -3.39
C PHE C 929 -21.19 53.35 -2.26
N VAL C 930 -22.37 53.82 -2.61
CA VAL C 930 -23.42 54.17 -1.65
C VAL C 930 -24.38 53.00 -1.53
N SER C 931 -24.90 52.79 -0.32
CA SER C 931 -25.89 51.75 -0.09
C SER C 931 -26.53 52.01 1.26
N GLY C 932 -27.86 52.10 1.29
CA GLY C 932 -28.55 52.31 2.55
C GLY C 932 -28.31 53.71 3.10
N ASN C 933 -28.45 53.82 4.42
CA ASN C 933 -28.26 55.09 5.11
C ASN C 933 -27.54 54.83 6.43
N CYS C 934 -27.40 55.88 7.23
CA CYS C 934 -26.55 55.86 8.41
C CYS C 934 -27.17 55.17 9.60
N ASP C 935 -28.44 54.77 9.54
CA ASP C 935 -29.15 54.27 10.71
C ASP C 935 -28.99 52.78 10.92
N VAL C 936 -28.19 52.10 10.12
CA VAL C 936 -28.07 50.64 10.15
C VAL C 936 -26.68 50.20 10.55
N VAL C 937 -25.66 50.64 9.81
CA VAL C 937 -24.31 50.13 10.00
C VAL C 937 -23.85 50.47 11.41
N ILE C 938 -23.30 49.48 12.12
CA ILE C 938 -22.79 49.69 13.47
C ILE C 938 -21.34 50.11 13.38
N GLY C 939 -21.00 51.21 14.05
CA GLY C 939 -19.66 51.74 14.02
C GLY C 939 -19.38 52.72 12.91
N ILE C 940 -20.40 53.12 12.15
CA ILE C 940 -20.20 54.08 11.07
C ILE C 940 -19.72 55.40 11.65
N VAL C 941 -18.98 56.16 10.85
CA VAL C 941 -18.41 57.44 11.27
C VAL C 941 -18.79 58.50 10.25
N ASN C 942 -18.81 59.75 10.72
CA ASN C 942 -19.12 60.88 9.88
C ASN C 942 -17.84 61.46 9.29
N ASN C 943 -17.89 61.77 8.00
CA ASN C 943 -16.75 62.36 7.30
C ASN C 943 -17.25 62.87 5.96
N THR C 944 -16.35 63.48 5.19
CA THR C 944 -16.67 64.09 3.90
C THR C 944 -16.19 63.18 2.78
N VAL C 945 -17.06 62.96 1.79
CA VAL C 945 -16.73 62.21 0.59
C VAL C 945 -16.58 63.19 -0.55
N TYR C 946 -15.34 63.40 -1.00
CA TYR C 946 -15.05 64.37 -2.04
C TYR C 946 -15.66 63.93 -3.37
N ASP C 947 -16.29 64.86 -4.07
CA ASP C 947 -16.91 64.58 -5.37
C ASP C 947 -16.11 65.29 -6.46
N PRO C 948 -15.41 64.55 -7.33
CA PRO C 948 -14.58 65.23 -8.35
C PRO C 948 -15.36 66.14 -9.27
N LEU C 949 -16.65 65.86 -9.48
CA LEU C 949 -17.42 66.65 -10.45
C LEU C 949 -17.61 68.09 -9.99
N GLN C 950 -17.88 68.29 -8.70
CA GLN C 950 -18.30 69.60 -8.21
C GLN C 950 -17.33 70.72 -8.57
N PRO C 951 -16.01 70.58 -8.38
CA PRO C 951 -15.11 71.64 -8.83
C PRO C 951 -15.25 71.97 -10.31
N GLU C 952 -15.44 70.96 -11.16
CA GLU C 952 -15.64 71.21 -12.58
C GLU C 952 -16.92 71.99 -12.83
N LEU C 953 -18.01 71.66 -12.13
CA LEU C 953 -19.23 72.43 -12.26
C LEU C 953 -19.00 73.88 -11.83
N ASP C 954 -18.27 74.08 -10.73
CA ASP C 954 -17.96 75.43 -10.30
C ASP C 954 -17.11 76.16 -11.34
N SER C 955 -16.13 75.46 -11.92
CA SER C 955 -15.27 76.05 -12.94
C SER C 955 -15.90 75.90 -14.32
#